data_7JKE
# 
_entry.id   7JKE 
# 
_audit_conform.dict_name       mmcif_pdbx.dic 
_audit_conform.dict_version    5.380 
_audit_conform.dict_location   http://mmcif.pdb.org/dictionaries/ascii/mmcif_pdbx.dic 
# 
loop_
_database_2.database_id 
_database_2.database_code 
_database_2.pdbx_database_accession 
_database_2.pdbx_DOI 
PDB   7JKE         pdb_00007jke 10.2210/pdb7jke/pdb 
WWPDB D_1000250898 ?            ?                   
# 
_pdbx_database_status.status_code                     REL 
_pdbx_database_status.status_code_sf                  REL 
_pdbx_database_status.status_code_mr                  ? 
_pdbx_database_status.entry_id                        7JKE 
_pdbx_database_status.recvd_initial_deposition_date   2020-07-28 
_pdbx_database_status.SG_entry                        N 
_pdbx_database_status.deposit_site                    RCSB 
_pdbx_database_status.process_site                    RCSB 
_pdbx_database_status.status_code_cs                  ? 
_pdbx_database_status.status_code_nmr_data            ? 
_pdbx_database_status.methods_development_category    ? 
_pdbx_database_status.pdb_format_compatible           Y 
# 
loop_
_audit_author.name 
_audit_author.pdbx_ordinal 
_audit_author.identifier_ORCID 
'Simmons, C.R.'      1 0000-0002-2290-6132 
'MacCulloch, T.'     2 0000-0001-5875-3361 
'Stephanopoulos, N.' 3 0000-0001-7859-410X 
'Yan, H.'            4 0000-0001-7397-9852 
# 
_citation.abstract                  ? 
_citation.abstract_id_CAS           ? 
_citation.book_id_ISBN              ? 
_citation.book_publisher            ? 
_citation.book_publisher_city       ? 
_citation.book_title                ? 
_citation.coordinate_linkage        ? 
_citation.country                   UK 
_citation.database_id_Medline       ? 
_citation.details                   ? 
_citation.id                        primary 
_citation.journal_abbrev            'Nat Commun' 
_citation.journal_id_ASTM           ? 
_citation.journal_id_CSD            ? 
_citation.journal_id_ISSN           2041-1723 
_citation.journal_full              ? 
_citation.journal_issue             ? 
_citation.journal_volume            13 
_citation.language                  ? 
_citation.page_first                3112 
_citation.page_last                 3112 
_citation.title                     'The influence of Holliday junction sequence and dynamics on DNA crystal self-assembly.' 
_citation.year                      2022 
_citation.database_id_CSD           ? 
_citation.pdbx_database_id_DOI      10.1038/s41467-022-30779-6 
_citation.pdbx_database_id_PubMed   35662248 
_citation.unpublished_flag          ? 
# 
loop_
_citation_author.citation_id 
_citation_author.name 
_citation_author.ordinal 
_citation_author.identifier_ORCID 
primary 'Simmons, C.R.'      1  ?                   
primary 'MacCulloch, T.'     2  ?                   
primary 'Krepl, M.'          3  0000-0002-9833-4281 
primary 'Matthies, M.'       4  ?                   
primary 'Buchberger, A.'     5  ?                   
primary 'Crawford, I.'       6  ?                   
primary 'Sponer, J.'         7  0000-0001-6558-6186 
primary 'Sulc, P.'           8  0000-0003-1565-6769 
primary 'Stephanopoulos, N.' 9  0000-0001-7859-410X 
primary 'Yan, H.'            10 0000-0001-7397-9852 
# 
_cell.angle_alpha                  90.000 
_cell.angle_alpha_esd              ? 
_cell.angle_beta                   90.000 
_cell.angle_beta_esd               ? 
_cell.angle_gamma                  120.000 
_cell.angle_gamma_esd              ? 
_cell.entry_id                     7JKE 
_cell.details                      ? 
_cell.formula_units_Z              ? 
_cell.length_a                     68.272 
_cell.length_a_esd                 ? 
_cell.length_b                     68.272 
_cell.length_b_esd                 ? 
_cell.length_c                     55.786 
_cell.length_c_esd                 ? 
_cell.volume                       ? 
_cell.volume_esd                   ? 
_cell.Z_PDB                        3 
_cell.reciprocal_angle_alpha       ? 
_cell.reciprocal_angle_beta        ? 
_cell.reciprocal_angle_gamma       ? 
_cell.reciprocal_angle_alpha_esd   ? 
_cell.reciprocal_angle_beta_esd    ? 
_cell.reciprocal_angle_gamma_esd   ? 
_cell.reciprocal_length_a          ? 
_cell.reciprocal_length_b          ? 
_cell.reciprocal_length_c          ? 
_cell.reciprocal_length_a_esd      ? 
_cell.reciprocal_length_b_esd      ? 
_cell.reciprocal_length_c_esd      ? 
_cell.pdbx_unique_axis             ? 
# 
_symmetry.entry_id                         7JKE 
_symmetry.cell_setting                     ? 
_symmetry.Int_Tables_number                145 
_symmetry.space_group_name_Hall            ? 
_symmetry.space_group_name_H-M             'P 32' 
_symmetry.pdbx_full_space_group_name_H-M   ? 
# 
loop_
_entity.id 
_entity.type 
_entity.src_method 
_entity.pdbx_description 
_entity.formula_weight 
_entity.pdbx_number_of_molecules 
_entity.pdbx_ec 
_entity.pdbx_mutation 
_entity.pdbx_fragment 
_entity.details 
1 polymer     syn 
;DNA (5'-D(*GP*AP*AP*CP*GP*AP*CP*AP*CP*TP*GP*AP*CP*GP*AP*GP*GP*AP*CP*TP*C)-3')
;
6466.201 1 ? ? ? ? 
2 polymer     syn 
;DNA (5'-D(P*TP*CP*GP*TP*CP*A)-3')
;
1784.204 1 ? ? ? ? 
3 polymer     syn 
;DNA (5'-D(*TP*CP*GP*AP*GP*TP*CP*C)-3')
;
2402.592 1 ? ? ? ? 
4 polymer     syn 
;DNA (5'-D(P*GP*TP*GP*TP*CP*GP*T)-3')
;
2144.420 1 ? ? ? ? 
5 non-polymer syn 'CACODYLATE ION'                                                                136.989  1 ? ? ? ? 
6 non-polymer syn 'MAGNESIUM ION'                                                                 24.305   2 ? ? ? ? 
# 
loop_
_entity_poly.entity_id 
_entity_poly.type 
_entity_poly.nstd_linkage 
_entity_poly.nstd_monomer 
_entity_poly.pdbx_seq_one_letter_code 
_entity_poly.pdbx_seq_one_letter_code_can 
_entity_poly.pdbx_strand_id 
_entity_poly.pdbx_target_identifier 
1 polydeoxyribonucleotide no no 
;(DG)(DA)(DA)(DC)(DG)(DA)(DC)(DA)(DC)(DT)(DG)(DA)(DC)(DG)(DA)(DG)(DG)(DA)(DC)(DT)
(DC)
;
GAACGACACTGACGAGGACTC A ? 
2 polydeoxyribonucleotide no no '(DT)(DC)(DG)(DT)(DC)(DA)'                                                              TCGTCA B ? 
3 polydeoxyribonucleotide no no '(DT)(DC)(DG)(DA)(DG)(DT)(DC)(DC)'                                                      TCGAGTCC C 
? 
4 polydeoxyribonucleotide no no '(DG)(DT)(DG)(DT)(DC)(DG)(DT)'                                                          GTGTCGT D 
? 
# 
loop_
_entity_poly_seq.entity_id 
_entity_poly_seq.num 
_entity_poly_seq.mon_id 
_entity_poly_seq.hetero 
1 1  DG n 
1 2  DA n 
1 3  DA n 
1 4  DC n 
1 5  DG n 
1 6  DA n 
1 7  DC n 
1 8  DA n 
1 9  DC n 
1 10 DT n 
1 11 DG n 
1 12 DA n 
1 13 DC n 
1 14 DG n 
1 15 DA n 
1 16 DG n 
1 17 DG n 
1 18 DA n 
1 19 DC n 
1 20 DT n 
1 21 DC n 
2 1  DT n 
2 2  DC n 
2 3  DG n 
2 4  DT n 
2 5  DC n 
2 6  DA n 
3 1  DT n 
3 2  DC n 
3 3  DG n 
3 4  DA n 
3 5  DG n 
3 6  DT n 
3 7  DC n 
3 8  DC n 
4 1  DG n 
4 2  DT n 
4 3  DG n 
4 4  DT n 
4 5  DC n 
4 6  DG n 
4 7  DT n 
# 
loop_
_pdbx_entity_src_syn.entity_id 
_pdbx_entity_src_syn.pdbx_src_id 
_pdbx_entity_src_syn.pdbx_alt_source_flag 
_pdbx_entity_src_syn.pdbx_beg_seq_num 
_pdbx_entity_src_syn.pdbx_end_seq_num 
_pdbx_entity_src_syn.organism_scientific 
_pdbx_entity_src_syn.organism_common_name 
_pdbx_entity_src_syn.ncbi_taxonomy_id 
_pdbx_entity_src_syn.details 
1 1 sample 1 21 'synthetic construct' ? 32630 ? 
2 1 sample 1 6  'synthetic construct' ? 32630 ? 
3 1 sample 1 8  'synthetic construct' ? 32630 ? 
4 1 sample 1 7  'synthetic construct' ? 32630 ? 
# 
loop_
_struct_ref.id 
_struct_ref.db_name 
_struct_ref.db_code 
_struct_ref.pdbx_db_accession 
_struct_ref.pdbx_db_isoform 
_struct_ref.entity_id 
_struct_ref.pdbx_seq_one_letter_code 
_struct_ref.pdbx_align_begin 
1 PDB 7JKE 7JKE ? 1 ? 1 
2 PDB 7JKE 7JKE ? 2 ? 1 
3 PDB 7JKE 7JKE ? 3 ? 1 
4 PDB 7JKE 7JKE ? 4 ? 1 
# 
loop_
_struct_ref_seq.align_id 
_struct_ref_seq.ref_id 
_struct_ref_seq.pdbx_PDB_id_code 
_struct_ref_seq.pdbx_strand_id 
_struct_ref_seq.seq_align_beg 
_struct_ref_seq.pdbx_seq_align_beg_ins_code 
_struct_ref_seq.seq_align_end 
_struct_ref_seq.pdbx_seq_align_end_ins_code 
_struct_ref_seq.pdbx_db_accession 
_struct_ref_seq.db_align_beg 
_struct_ref_seq.pdbx_db_align_beg_ins_code 
_struct_ref_seq.db_align_end 
_struct_ref_seq.pdbx_db_align_end_ins_code 
_struct_ref_seq.pdbx_auth_seq_align_beg 
_struct_ref_seq.pdbx_auth_seq_align_end 
1 1 7JKE A 1 ? 21 ? 7JKE 1  ? 21 ? 1  21 
2 2 7JKE B 1 ? 6  ? 7JKE 0  ? 5  ? 0  5  
3 3 7JKE C 1 ? 8  ? 7JKE 1  ? 8  ? 1  8  
4 4 7JKE D 1 ? 7  ? 7JKE 10 ? 16 ? 10 16 
# 
loop_
_chem_comp.id 
_chem_comp.type 
_chem_comp.mon_nstd_flag 
_chem_comp.name 
_chem_comp.pdbx_synonyms 
_chem_comp.formula 
_chem_comp.formula_weight 
CAC non-polymer   . 'CACODYLATE ION'                     dimethylarsinate 'C2 H6 As O2 -1'  136.989 
DA  'DNA linking' y "2'-DEOXYADENOSINE-5'-MONOPHOSPHATE" ?                'C10 H14 N5 O6 P' 331.222 
DC  'DNA linking' y "2'-DEOXYCYTIDINE-5'-MONOPHOSPHATE"  ?                'C9 H14 N3 O7 P'  307.197 
DG  'DNA linking' y "2'-DEOXYGUANOSINE-5'-MONOPHOSPHATE" ?                'C10 H14 N5 O7 P' 347.221 
DT  'DNA linking' y "THYMIDINE-5'-MONOPHOSPHATE"         ?                'C10 H15 N2 O8 P' 322.208 
MG  non-polymer   . 'MAGNESIUM ION'                      ?                'Mg 2'            24.305  
# 
_exptl.absorpt_coefficient_mu     ? 
_exptl.absorpt_correction_T_max   ? 
_exptl.absorpt_correction_T_min   ? 
_exptl.absorpt_correction_type    ? 
_exptl.absorpt_process_details    ? 
_exptl.entry_id                   7JKE 
_exptl.crystals_number            1 
_exptl.details                    ? 
_exptl.method                     'X-RAY DIFFRACTION' 
_exptl.method_details             ? 
# 
_exptl_crystal.colour                      ? 
_exptl_crystal.density_diffrn              ? 
_exptl_crystal.density_Matthews            5.87 
_exptl_crystal.density_method              ? 
_exptl_crystal.density_percent_sol         79.03 
_exptl_crystal.description                 ? 
_exptl_crystal.F_000                       ? 
_exptl_crystal.id                          1 
_exptl_crystal.preparation                 ? 
_exptl_crystal.size_max                    ? 
_exptl_crystal.size_mid                    ? 
_exptl_crystal.size_min                    ? 
_exptl_crystal.size_rad                    ? 
_exptl_crystal.colour_lustre               ? 
_exptl_crystal.colour_modifier             ? 
_exptl_crystal.colour_primary              ? 
_exptl_crystal.density_meas                ? 
_exptl_crystal.density_meas_esd            ? 
_exptl_crystal.density_meas_gt             ? 
_exptl_crystal.density_meas_lt             ? 
_exptl_crystal.density_meas_temp           ? 
_exptl_crystal.density_meas_temp_esd       ? 
_exptl_crystal.density_meas_temp_gt        ? 
_exptl_crystal.density_meas_temp_lt        ? 
_exptl_crystal.pdbx_crystal_image_url      ? 
_exptl_crystal.pdbx_crystal_image_format   ? 
_exptl_crystal.pdbx_mosaicity              ? 
_exptl_crystal.pdbx_mosaicity_esd          ? 
# 
_exptl_crystal_grow.apparatus       ? 
_exptl_crystal_grow.atmosphere      ? 
_exptl_crystal_grow.crystal_id      1 
_exptl_crystal_grow.details         ? 
_exptl_crystal_grow.method          'VAPOR DIFFUSION, SITTING DROP' 
_exptl_crystal_grow.method_ref      ? 
_exptl_crystal_grow.pH              ? 
_exptl_crystal_grow.pressure        ? 
_exptl_crystal_grow.pressure_esd    ? 
_exptl_crystal_grow.seeding         ? 
_exptl_crystal_grow.seeding_ref     ? 
_exptl_crystal_grow.temp            298 
_exptl_crystal_grow.temp_details    'temperature gradient generated from 60 to 25 C at 0.3 degrees per hour' 
_exptl_crystal_grow.temp_esd        ? 
_exptl_crystal_grow.time            ? 
_exptl_crystal_grow.pdbx_details    
;0.5 mL of 0.05 M Cacodylate pH 6.0 with 20 mM MgCl2, 1.0 mM spermine, and 15% ethanol was added to the reservoir with 2 uL added to the drop containing 4 uL of DNA stock
;
_exptl_crystal_grow.pdbx_pH_range   ? 
# 
_diffrn.ambient_environment              ? 
_diffrn.ambient_temp                     100 
_diffrn.ambient_temp_details             ? 
_diffrn.ambient_temp_esd                 ? 
_diffrn.crystal_id                       1 
_diffrn.crystal_support                  ? 
_diffrn.crystal_treatment                ? 
_diffrn.details                          ? 
_diffrn.id                               1 
_diffrn.ambient_pressure                 ? 
_diffrn.ambient_pressure_esd             ? 
_diffrn.ambient_pressure_gt              ? 
_diffrn.ambient_pressure_lt              ? 
_diffrn.ambient_temp_gt                  ? 
_diffrn.ambient_temp_lt                  ? 
_diffrn.pdbx_serial_crystal_experiment   N 
# 
_diffrn_detector.details                      ? 
_diffrn_detector.detector                     PIXEL 
_diffrn_detector.diffrn_id                    1 
_diffrn_detector.type                         'DECTRIS PILATUS3 6M' 
_diffrn_detector.area_resol_mean              ? 
_diffrn_detector.dtime                        ? 
_diffrn_detector.pdbx_frames_total            ? 
_diffrn_detector.pdbx_collection_time_total   ? 
_diffrn_detector.pdbx_collection_date         2019-09-15 
_diffrn_detector.pdbx_frequency               ? 
# 
_diffrn_radiation.collimation                      ? 
_diffrn_radiation.diffrn_id                        1 
_diffrn_radiation.filter_edge                      ? 
_diffrn_radiation.inhomogeneity                    ? 
_diffrn_radiation.monochromator                    ? 
_diffrn_radiation.polarisn_norm                    ? 
_diffrn_radiation.polarisn_ratio                   ? 
_diffrn_radiation.probe                            ? 
_diffrn_radiation.type                             ? 
_diffrn_radiation.xray_symbol                      ? 
_diffrn_radiation.wavelength_id                    1 
_diffrn_radiation.pdbx_monochromatic_or_laue_m_l   M 
_diffrn_radiation.pdbx_wavelength_list             ? 
_diffrn_radiation.pdbx_wavelength                  ? 
_diffrn_radiation.pdbx_diffrn_protocol             'SINGLE WAVELENGTH' 
_diffrn_radiation.pdbx_analyzer                    ? 
_diffrn_radiation.pdbx_scattering_type             x-ray 
# 
_diffrn_radiation_wavelength.id           1 
_diffrn_radiation_wavelength.wavelength   1 
_diffrn_radiation_wavelength.wt           1.0 
# 
_diffrn_source.current                     ? 
_diffrn_source.details                     ? 
_diffrn_source.diffrn_id                   1 
_diffrn_source.power                       ? 
_diffrn_source.size                        ? 
_diffrn_source.source                      SYNCHROTRON 
_diffrn_source.target                      ? 
_diffrn_source.type                        'ALS BEAMLINE 5.0.2' 
_diffrn_source.voltage                     ? 
_diffrn_source.take-off_angle              ? 
_diffrn_source.pdbx_wavelength_list        1 
_diffrn_source.pdbx_wavelength             ? 
_diffrn_source.pdbx_synchrotron_beamline   5.0.2 
_diffrn_source.pdbx_synchrotron_site       ALS 
# 
_reflns.B_iso_Wilson_estimate            106.560 
_reflns.entry_id                         7JKE 
_reflns.data_reduction_details           ? 
_reflns.data_reduction_method            ? 
_reflns.d_resolution_high                3.050 
_reflns.d_resolution_low                 50.000 
_reflns.details                          ? 
_reflns.limit_h_max                      ? 
_reflns.limit_h_min                      ? 
_reflns.limit_k_max                      ? 
_reflns.limit_k_min                      ? 
_reflns.limit_l_max                      ? 
_reflns.limit_l_min                      ? 
_reflns.number_all                       ? 
_reflns.number_obs                       4231 
_reflns.observed_criterion               ? 
_reflns.observed_criterion_F_max         ? 
_reflns.observed_criterion_F_min         ? 
_reflns.observed_criterion_I_max         ? 
_reflns.observed_criterion_I_min         ? 
_reflns.observed_criterion_sigma_F       ? 
_reflns.observed_criterion_sigma_I       ? 
_reflns.percent_possible_obs             77.700 
_reflns.R_free_details                   ? 
_reflns.Rmerge_F_all                     ? 
_reflns.Rmerge_F_obs                     ? 
_reflns.Friedel_coverage                 ? 
_reflns.number_gt                        ? 
_reflns.threshold_expression             ? 
_reflns.pdbx_redundancy                  8.600 
_reflns.pdbx_Rmerge_I_obs                0.109 
_reflns.pdbx_Rmerge_I_all                ? 
_reflns.pdbx_Rsym_value                  ? 
_reflns.pdbx_netI_over_av_sigmaI         ? 
_reflns.pdbx_netI_over_sigmaI            4.500 
_reflns.pdbx_res_netI_over_av_sigmaI_2   ? 
_reflns.pdbx_res_netI_over_sigmaI_2      ? 
_reflns.pdbx_chi_squared                 0.953 
_reflns.pdbx_scaling_rejects             ? 
_reflns.pdbx_d_res_high_opt              ? 
_reflns.pdbx_d_res_low_opt               ? 
_reflns.pdbx_d_res_opt_method            ? 
_reflns.phase_calculation_details        ? 
_reflns.pdbx_Rrim_I_all                  0.115 
_reflns.pdbx_Rpim_I_all                  0.037 
_reflns.pdbx_d_opt                       ? 
_reflns.pdbx_number_measured_all         ? 
_reflns.pdbx_diffrn_id                   1 
_reflns.pdbx_ordinal                     1 
_reflns.pdbx_CC_half                     0.981 
_reflns.pdbx_CC_star                     ? 
_reflns.pdbx_R_split                     ? 
# 
loop_
_reflns_shell.d_res_high 
_reflns_shell.d_res_low 
_reflns_shell.meanI_over_sigI_all 
_reflns_shell.meanI_over_sigI_obs 
_reflns_shell.number_measured_all 
_reflns_shell.number_measured_obs 
_reflns_shell.number_possible 
_reflns_shell.number_unique_all 
_reflns_shell.number_unique_obs 
_reflns_shell.percent_possible_all 
_reflns_shell.percent_possible_obs 
_reflns_shell.Rmerge_F_all 
_reflns_shell.Rmerge_F_obs 
_reflns_shell.Rmerge_I_all 
_reflns_shell.Rmerge_I_obs 
_reflns_shell.meanI_over_sigI_gt 
_reflns_shell.meanI_over_uI_all 
_reflns_shell.meanI_over_uI_gt 
_reflns_shell.number_measured_gt 
_reflns_shell.number_unique_gt 
_reflns_shell.percent_possible_gt 
_reflns_shell.Rmerge_F_gt 
_reflns_shell.Rmerge_I_gt 
_reflns_shell.pdbx_redundancy 
_reflns_shell.pdbx_Rsym_value 
_reflns_shell.pdbx_chi_squared 
_reflns_shell.pdbx_netI_over_sigmaI_all 
_reflns_shell.pdbx_netI_over_sigmaI_obs 
_reflns_shell.pdbx_Rrim_I_all 
_reflns_shell.pdbx_Rpim_I_all 
_reflns_shell.pdbx_rejects 
_reflns_shell.pdbx_ordinal 
_reflns_shell.pdbx_diffrn_id 
_reflns_shell.pdbx_CC_half 
_reflns_shell.pdbx_CC_star 
_reflns_shell.pdbx_R_split 
3.050 3.100  ? ? ? ? ? ? 135 46.100  ? ? ? ? 0.833 ? ? ? ? ? ? ? ? 7.500 ? 0.402 ? ? 0.892 0.307 ? 1  1 0.785 ? ? 
3.100 3.160  ? ? ? ? ? ? 113 46.300  ? ? ? ? 0.256 ? ? ? ? ? ? ? ? 7.700 ? 0.536 ? ? 0.272 0.092 ? 2  1 0.988 ? ? 
3.160 3.220  ? ? ? ? ? ? 153 56.700  ? ? ? ? 0.135 ? ? ? ? ? ? ? ? 7.800 ? 0.967 ? ? 0.144 0.047 ? 3  1 0.996 ? ? 
3.220 3.290  ? ? ? ? ? ? 136 52.300  ? ? ? ? 0.148 ? ? ? ? ? ? ? ? 7.400 ? 0.587 ? ? 0.158 0.054 ? 4  1 0.997 ? ? 
3.290 3.360  ? ? ? ? ? ? 178 58.200  ? ? ? ? 0.247 ? ? ? ? ? ? ? ? 7.800 ? 0.610 ? ? 0.264 0.090 ? 5  1 0.989 ? ? 
3.360 3.430  ? ? ? ? ? ? 145 57.800  ? ? ? ? 0.203 ? ? ? ? ? ? ? ? 7.800 ? 0.618 ? ? 0.216 0.073 ? 6  1 0.989 ? ? 
3.430 3.520  ? ? ? ? ? ? 174 61.300  ? ? ? ? 0.188 ? ? ? ? ? ? ? ? 7.400 ? 0.651 ? ? 0.201 0.069 ? 7  1 0.988 ? ? 
3.520 3.620  ? ? ? ? ? ? 186 70.500  ? ? ? ? 0.250 ? ? ? ? ? ? ? ? 8.100 ? 0.587 ? ? 0.266 0.088 ? 8  1 0.988 ? ? 
3.620 3.720  ? ? ? ? ? ? 187 70.800  ? ? ? ? 0.395 ? ? ? ? ? ? ? ? 7.900 ? 0.477 ? ? 0.422 0.144 ? 9  1 0.931 ? ? 
3.720 3.840  ? ? ? ? ? ? 216 75.300  ? ? ? ? 0.431 ? ? ? ? ? ? ? ? 8.400 ? 0.492 ? ? 0.459 0.152 ? 10 1 0.949 ? ? 
3.840 3.980  ? ? ? ? ? ? 226 81.300  ? ? ? ? 0.284 ? ? ? ? ? ? ? ? 8.200 ? 0.502 ? ? 0.302 0.100 ? 11 1 0.978 ? ? 
3.980 4.140  ? ? ? ? ? ? 240 91.600  ? ? ? ? 0.250 ? ? ? ? ? ? ? ? 8.400 ? 0.519 ? ? 0.265 0.088 ? 12 1 0.985 ? ? 
4.140 4.330  ? ? ? ? ? ? 248 92.200  ? ? ? ? 0.268 ? ? ? ? ? ? ? ? 8.500 ? 0.485 ? ? 0.285 0.096 ? 13 1 0.980 ? ? 
4.330 4.560  ? ? ? ? ? ? 263 94.900  ? ? ? ? 0.279 ? ? ? ? ? ? ? ? 8.300 ? 0.485 ? ? 0.297 0.100 ? 14 1 0.974 ? ? 
4.560 4.840  ? ? ? ? ? ? 278 97.500  ? ? ? ? 0.225 ? ? ? ? ? ? ? ? 8.700 ? 0.498 ? ? 0.239 0.080 ? 15 1 0.990 ? ? 
4.840 5.210  ? ? ? ? ? ? 264 99.600  ? ? ? ? 0.156 ? ? ? ? ? ? ? ? 9.500 ? 0.570 ? ? 0.165 0.053 ? 16 1 0.995 ? ? 
5.210 5.740  ? ? ? ? ? ? 257 100.000 ? ? ? ? 0.106 ? ? ? ? ? ? ? ? 9.800 ? 0.589 ? ? 0.112 0.036 ? 17 1 0.996 ? ? 
5.740 6.570  ? ? ? ? ? ? 281 100.000 ? ? ? ? 0.087 ? ? ? ? ? ? ? ? 9.600 ? 0.607 ? ? 0.092 0.029 ? 18 1 0.998 ? ? 
6.570 8.270  ? ? ? ? ? ? 270 100.000 ? ? ? ? 0.051 ? ? ? ? ? ? ? ? 9.400 ? 0.717 ? ? 0.054 0.017 ? 19 1 0.999 ? ? 
8.270 50.000 ? ? ? ? ? ? 281 100.000 ? ? ? ? 0.090 ? ? ? ? ? ? ? ? 9.700 ? 5.605 ? ? 0.094 0.029 ? 20 1 0.998 ? ? 
# 
_refine.aniso_B[1][1]                            ? 
_refine.aniso_B[1][2]                            ? 
_refine.aniso_B[1][3]                            ? 
_refine.aniso_B[2][2]                            ? 
_refine.aniso_B[2][3]                            ? 
_refine.aniso_B[3][3]                            ? 
_refine.B_iso_max                                176.040 
_refine.B_iso_mean                               109.8707 
_refine.B_iso_min                                70.730 
_refine.correlation_coeff_Fo_to_Fc               ? 
_refine.correlation_coeff_Fo_to_Fc_free          ? 
_refine.details                                  ? 
_refine.diff_density_max                         ? 
_refine.diff_density_max_esd                     ? 
_refine.diff_density_min                         ? 
_refine.diff_density_min_esd                     ? 
_refine.diff_density_rms                         ? 
_refine.diff_density_rms_esd                     ? 
_refine.entry_id                                 7JKE 
_refine.pdbx_refine_id                           'X-RAY DIFFRACTION' 
_refine.ls_abs_structure_details                 ? 
_refine.ls_abs_structure_Flack                   ? 
_refine.ls_abs_structure_Flack_esd               ? 
_refine.ls_abs_structure_Rogers                  ? 
_refine.ls_abs_structure_Rogers_esd              ? 
_refine.ls_d_res_high                            3.0680 
_refine.ls_d_res_low                             29.5630 
_refine.ls_extinction_coef                       ? 
_refine.ls_extinction_coef_esd                   ? 
_refine.ls_extinction_expression                 ? 
_refine.ls_extinction_method                     ? 
_refine.ls_goodness_of_fit_all                   ? 
_refine.ls_goodness_of_fit_all_esd               ? 
_refine.ls_goodness_of_fit_obs                   ? 
_refine.ls_goodness_of_fit_obs_esd               ? 
_refine.ls_hydrogen_treatment                    ? 
_refine.ls_matrix_type                           ? 
_refine.ls_number_constraints                    ? 
_refine.ls_number_parameters                     ? 
_refine.ls_number_reflns_all                     ? 
_refine.ls_number_reflns_obs                     4154 
_refine.ls_number_reflns_R_free                  433 
_refine.ls_number_reflns_R_work                  3721 
_refine.ls_number_restraints                     ? 
_refine.ls_percent_reflns_obs                    76.1600 
_refine.ls_percent_reflns_R_free                 10.4200 
_refine.ls_R_factor_all                          ? 
_refine.ls_R_factor_obs                          0.2539 
_refine.ls_R_factor_R_free                       0.2749 
_refine.ls_R_factor_R_free_error                 ? 
_refine.ls_R_factor_R_free_error_details         ? 
_refine.ls_R_factor_R_work                       0.2515 
_refine.ls_R_Fsqd_factor_obs                     ? 
_refine.ls_R_I_factor_obs                        ? 
_refine.ls_redundancy_reflns_all                 ? 
_refine.ls_redundancy_reflns_obs                 ? 
_refine.ls_restrained_S_all                      ? 
_refine.ls_restrained_S_obs                      ? 
_refine.ls_shift_over_esd_max                    ? 
_refine.ls_shift_over_esd_mean                   ? 
_refine.ls_structure_factor_coef                 ? 
_refine.ls_weighting_details                     ? 
_refine.ls_weighting_scheme                      ? 
_refine.ls_wR_factor_all                         ? 
_refine.ls_wR_factor_obs                         ? 
_refine.ls_wR_factor_R_free                      ? 
_refine.ls_wR_factor_R_work                      ? 
_refine.occupancy_max                            ? 
_refine.occupancy_min                            ? 
_refine.solvent_model_details                    'FLAT BULK SOLVENT MODEL' 
_refine.solvent_model_param_bsol                 ? 
_refine.solvent_model_param_ksol                 ? 
_refine.pdbx_R_complete                          ? 
_refine.ls_R_factor_gt                           ? 
_refine.ls_goodness_of_fit_gt                    ? 
_refine.ls_goodness_of_fit_ref                   ? 
_refine.ls_shift_over_su_max                     ? 
_refine.ls_shift_over_su_max_lt                  ? 
_refine.ls_shift_over_su_mean                    ? 
_refine.ls_shift_over_su_mean_lt                 ? 
_refine.pdbx_ls_sigma_I                          ? 
_refine.pdbx_ls_sigma_F                          1.970 
_refine.pdbx_ls_sigma_Fsqd                       ? 
_refine.pdbx_data_cutoff_high_absF               ? 
_refine.pdbx_data_cutoff_high_rms_absF           ? 
_refine.pdbx_data_cutoff_low_absF                ? 
_refine.pdbx_isotropic_thermal_model             ? 
_refine.pdbx_ls_cross_valid_method               THROUGHOUT 
_refine.pdbx_method_to_determine_struct          'MOLECULAR REPLACEMENT' 
_refine.pdbx_starting_model                      5VY6 
_refine.pdbx_stereochemistry_target_values       ML 
_refine.pdbx_R_Free_selection_details            ? 
_refine.pdbx_stereochem_target_val_spec_case     ? 
_refine.pdbx_overall_ESU_R                       ? 
_refine.pdbx_overall_ESU_R_Free                  ? 
_refine.pdbx_solvent_vdw_probe_radii             1.1100 
_refine.pdbx_solvent_ion_probe_radii             ? 
_refine.pdbx_solvent_shrinkage_radii             0.9000 
_refine.pdbx_real_space_R                        ? 
_refine.pdbx_density_correlation                 ? 
_refine.pdbx_pd_number_of_powder_patterns        ? 
_refine.pdbx_pd_number_of_points                 ? 
_refine.pdbx_pd_meas_number_of_points            ? 
_refine.pdbx_pd_proc_ls_prof_R_factor            ? 
_refine.pdbx_pd_proc_ls_prof_wR_factor           ? 
_refine.pdbx_pd_Marquardt_correlation_coeff      ? 
_refine.pdbx_pd_Fsqrd_R_factor                   ? 
_refine.pdbx_pd_ls_matrix_band_width             ? 
_refine.pdbx_overall_phase_error                 42.3300 
_refine.pdbx_overall_SU_R_free_Cruickshank_DPI   ? 
_refine.pdbx_overall_SU_R_free_Blow_DPI          ? 
_refine.pdbx_overall_SU_R_Blow_DPI               ? 
_refine.pdbx_TLS_residual_ADP_flag               ? 
_refine.pdbx_diffrn_id                           1 
_refine.overall_SU_B                             ? 
_refine.overall_SU_ML                            0.4500 
_refine.overall_SU_R_Cruickshank_DPI             ? 
_refine.overall_SU_R_free                        ? 
_refine.overall_FOM_free_R_set                   ? 
_refine.overall_FOM_work_R_set                   ? 
_refine.pdbx_average_fsc_overall                 ? 
_refine.pdbx_average_fsc_work                    ? 
_refine.pdbx_average_fsc_free                    ? 
# 
_refine_hist.pdbx_refine_id                   'X-RAY DIFFRACTION' 
_refine_hist.cycle_id                         final 
_refine_hist.details                          ? 
_refine_hist.d_res_high                       3.0680 
_refine_hist.d_res_low                        29.5630 
_refine_hist.number_atoms_solvent             0 
_refine_hist.number_atoms_total               858 
_refine_hist.number_reflns_all                ? 
_refine_hist.number_reflns_obs                ? 
_refine_hist.number_reflns_R_free             ? 
_refine_hist.number_reflns_R_work             ? 
_refine_hist.R_factor_all                     ? 
_refine_hist.R_factor_obs                     ? 
_refine_hist.R_factor_R_free                  ? 
_refine_hist.R_factor_R_work                  ? 
_refine_hist.pdbx_number_residues_total       42 
_refine_hist.pdbx_B_iso_mean_ligand           113.43 
_refine_hist.pdbx_B_iso_mean_solvent          ? 
_refine_hist.pdbx_number_atoms_protein        0 
_refine_hist.pdbx_number_atoms_nucleic_acid   855 
_refine_hist.pdbx_number_atoms_ligand         3 
_refine_hist.pdbx_number_atoms_lipid          ? 
_refine_hist.pdbx_number_atoms_carb           ? 
_refine_hist.pdbx_pseudo_atom_details         ? 
# 
loop_
_refine_ls_restr.pdbx_refine_id 
_refine_ls_restr.criterion 
_refine_ls_restr.dev_ideal 
_refine_ls_restr.dev_ideal_target 
_refine_ls_restr.number 
_refine_ls_restr.rejects 
_refine_ls_restr.type 
_refine_ls_restr.weight 
_refine_ls_restr.pdbx_restraint_function 
'X-RAY DIFFRACTION' ? 0.004  ? 956  ? f_bond_d           ? ? 
'X-RAY DIFFRACTION' ? 0.563  ? 1467 ? f_angle_d          ? ? 
'X-RAY DIFFRACTION' ? 0.027  ? 166  ? f_chiral_restr     ? ? 
'X-RAY DIFFRACTION' ? 0.003  ? 42   ? f_plane_restr      ? ? 
'X-RAY DIFFRACTION' ? 34.915 ? 406  ? f_dihedral_angle_d ? ? 
# 
loop_
_refine_ls_shell.pdbx_refine_id 
_refine_ls_shell.d_res_high 
_refine_ls_shell.d_res_low 
_refine_ls_shell.number_reflns_all 
_refine_ls_shell.number_reflns_obs 
_refine_ls_shell.number_reflns_R_free 
_refine_ls_shell.number_reflns_R_work 
_refine_ls_shell.percent_reflns_obs 
_refine_ls_shell.percent_reflns_R_free 
_refine_ls_shell.R_factor_all 
_refine_ls_shell.R_factor_obs 
_refine_ls_shell.R_factor_R_free 
_refine_ls_shell.R_factor_R_free_error 
_refine_ls_shell.R_factor_R_work 
_refine_ls_shell.redundancy_reflns_all 
_refine_ls_shell.redundancy_reflns_obs 
_refine_ls_shell.wR_factor_all 
_refine_ls_shell.wR_factor_obs 
_refine_ls_shell.wR_factor_R_free 
_refine_ls_shell.wR_factor_R_work 
_refine_ls_shell.pdbx_R_complete 
_refine_ls_shell.pdbx_total_number_of_bins_used 
_refine_ls_shell.pdbx_phase_error 
_refine_ls_shell.pdbx_fsc_work 
_refine_ls_shell.pdbx_fsc_free 
'X-RAY DIFFRACTION' 3.068  3.5109 . . 93  833  51.0000 . . . 0.3274 0.0000 0.3231 . . . . . . . . . . . 
'X-RAY DIFFRACTION' 3.5109 4.4209 . . 147 1301 79.0000 . . . 0.3918 0.0000 0.3788 . . . . . . . . . . . 
'X-RAY DIFFRACTION' 4.4209 29.563 . . 193 1587 99.0000 . . . 0.2366 0.0000 0.2080 . . . . . . . . . . . 
# 
_struct.entry_id                     7JKE 
_struct.title                        
'Self-assembly of a 3D DNA crystal lattice (4x6 scramble duplex version) containing the J2 immobile Holliday junction' 
_struct.pdbx_model_details           ? 
_struct.pdbx_formula_weight          ? 
_struct.pdbx_formula_weight_method   ? 
_struct.pdbx_model_type_details      ? 
_struct.pdbx_CASP_flag               N 
# 
_struct_keywords.entry_id        7JKE 
_struct_keywords.text            
'Structural DNA nanotechnology, immobile Holliday junctions, 3D DNA self-assembly, designer DNA crystals, DNA' 
_struct_keywords.pdbx_keywords   DNA 
# 
loop_
_struct_asym.id 
_struct_asym.pdbx_blank_PDB_chainid_flag 
_struct_asym.pdbx_modified 
_struct_asym.entity_id 
_struct_asym.details 
A N N 1 ? 
B N N 2 ? 
C N N 3 ? 
D N N 4 ? 
E N N 5 ? 
F N N 6 ? 
G N N 6 ? 
# 
loop_
_struct_conn.id 
_struct_conn.conn_type_id 
_struct_conn.pdbx_leaving_atom_flag 
_struct_conn.pdbx_PDB_id 
_struct_conn.ptnr1_label_asym_id 
_struct_conn.ptnr1_label_comp_id 
_struct_conn.ptnr1_label_seq_id 
_struct_conn.ptnr1_label_atom_id 
_struct_conn.pdbx_ptnr1_label_alt_id 
_struct_conn.pdbx_ptnr1_PDB_ins_code 
_struct_conn.pdbx_ptnr1_standard_comp_id 
_struct_conn.ptnr1_symmetry 
_struct_conn.ptnr2_label_asym_id 
_struct_conn.ptnr2_label_comp_id 
_struct_conn.ptnr2_label_seq_id 
_struct_conn.ptnr2_label_atom_id 
_struct_conn.pdbx_ptnr2_label_alt_id 
_struct_conn.pdbx_ptnr2_PDB_ins_code 
_struct_conn.ptnr1_auth_asym_id 
_struct_conn.ptnr1_auth_comp_id 
_struct_conn.ptnr1_auth_seq_id 
_struct_conn.ptnr2_auth_asym_id 
_struct_conn.ptnr2_auth_comp_id 
_struct_conn.ptnr2_auth_seq_id 
_struct_conn.ptnr2_symmetry 
_struct_conn.pdbx_ptnr3_label_atom_id 
_struct_conn.pdbx_ptnr3_label_seq_id 
_struct_conn.pdbx_ptnr3_label_comp_id 
_struct_conn.pdbx_ptnr3_label_asym_id 
_struct_conn.pdbx_ptnr3_label_alt_id 
_struct_conn.pdbx_ptnr3_PDB_ins_code 
_struct_conn.details 
_struct_conn.pdbx_dist_value 
_struct_conn.pdbx_value_order 
_struct_conn.pdbx_role 
hydrog1  hydrog ? ? A DA 2  N6 ? ? ? 1_555 D DT 7 O4 ? ? A DA 2  D DT 16 1_555 ? ? ? ? ? ? 'DA-DT PAIR' ? ? ? 
hydrog2  hydrog ? ? A DA 3  N1 ? ? ? 1_555 D DG 6 N1 ? ? A DA 3  D DG 15 1_555 ? ? ? ? ? ? TYPE_8_PAIR  ? ? ? 
hydrog3  hydrog ? ? A DA 3  N6 ? ? ? 1_555 D DG 6 O6 ? ? A DA 3  D DG 15 1_555 ? ? ? ? ? ? TYPE_8_PAIR  ? ? ? 
hydrog4  hydrog ? ? A DA 3  N1 ? ? ? 1_555 D DT 7 N3 ? ? A DA 3  D DT 16 1_555 ? ? ? ? ? ? WATSON-CRICK ? ? ? 
hydrog5  hydrog ? ? A DA 3  N6 ? ? ? 1_555 D DT 7 O4 ? ? A DA 3  D DT 16 1_555 ? ? ? ? ? ? WATSON-CRICK ? ? ? 
hydrog6  hydrog ? ? A DC 4  N3 ? ? ? 1_555 D DG 6 N1 ? ? A DC 4  D DG 15 1_555 ? ? ? ? ? ? WATSON-CRICK ? ? ? 
hydrog7  hydrog ? ? A DC 4  N4 ? ? ? 1_555 D DG 6 O6 ? ? A DC 4  D DG 15 1_555 ? ? ? ? ? ? WATSON-CRICK ? ? ? 
hydrog8  hydrog ? ? A DC 4  O2 ? ? ? 1_555 D DG 6 N2 ? ? A DC 4  D DG 15 1_555 ? ? ? ? ? ? WATSON-CRICK ? ? ? 
hydrog9  hydrog ? ? A DG 5  N1 ? ? ? 1_555 D DC 5 N3 ? ? A DG 5  D DC 14 1_555 ? ? ? ? ? ? WATSON-CRICK ? ? ? 
hydrog10 hydrog ? ? A DG 5  N2 ? ? ? 1_555 D DC 5 O2 ? ? A DG 5  D DC 14 1_555 ? ? ? ? ? ? WATSON-CRICK ? ? ? 
hydrog11 hydrog ? ? A DG 5  O6 ? ? ? 1_555 D DC 5 N4 ? ? A DG 5  D DC 14 1_555 ? ? ? ? ? ? WATSON-CRICK ? ? ? 
hydrog12 hydrog ? ? A DA 6  N1 ? ? ? 1_555 D DT 4 N3 ? ? A DA 6  D DT 13 1_555 ? ? ? ? ? ? WATSON-CRICK ? ? ? 
hydrog13 hydrog ? ? A DA 6  N6 ? ? ? 1_555 D DT 4 O4 ? ? A DA 6  D DT 13 1_555 ? ? ? ? ? ? WATSON-CRICK ? ? ? 
hydrog14 hydrog ? ? A DC 7  N3 ? ? ? 1_555 D DG 3 N1 ? ? A DC 7  D DG 12 1_555 ? ? ? ? ? ? WATSON-CRICK ? ? ? 
hydrog15 hydrog ? ? A DC 7  N4 ? ? ? 1_555 D DG 3 O6 ? ? A DC 7  D DG 12 1_555 ? ? ? ? ? ? WATSON-CRICK ? ? ? 
hydrog16 hydrog ? ? A DC 7  O2 ? ? ? 1_555 D DG 3 N2 ? ? A DC 7  D DG 12 1_555 ? ? ? ? ? ? WATSON-CRICK ? ? ? 
hydrog17 hydrog ? ? A DA 8  N6 ? ? ? 1_555 D DT 2 O4 ? ? A DA 8  D DT 11 1_555 ? ? ? ? ? ? 'DA-DT PAIR' ? ? ? 
hydrog18 hydrog ? ? A DC 9  N3 ? ? ? 1_555 D DG 1 N1 ? ? A DC 9  D DG 10 1_555 ? ? ? ? ? ? WATSON-CRICK ? ? ? 
hydrog19 hydrog ? ? A DC 9  N4 ? ? ? 1_555 D DG 1 O6 ? ? A DC 9  D DG 10 1_555 ? ? ? ? ? ? WATSON-CRICK ? ? ? 
hydrog20 hydrog ? ? A DC 9  O2 ? ? ? 1_555 D DG 1 N2 ? ? A DC 9  D DG 10 1_555 ? ? ? ? ? ? WATSON-CRICK ? ? ? 
hydrog21 hydrog ? ? A DT 10 N3 ? ? ? 1_555 B DA 6 N1 ? ? A DT 10 B DA 5  1_555 ? ? ? ? ? ? WATSON-CRICK ? ? ? 
hydrog22 hydrog ? ? A DT 10 O4 ? ? ? 1_555 B DA 6 N6 ? ? A DT 10 B DA 5  1_555 ? ? ? ? ? ? WATSON-CRICK ? ? ? 
hydrog23 hydrog ? ? A DG 11 N1 ? ? ? 1_555 B DC 5 N3 ? ? A DG 11 B DC 4  1_555 ? ? ? ? ? ? WATSON-CRICK ? ? ? 
hydrog24 hydrog ? ? A DG 11 N2 ? ? ? 1_555 B DC 5 O2 ? ? A DG 11 B DC 4  1_555 ? ? ? ? ? ? WATSON-CRICK ? ? ? 
hydrog25 hydrog ? ? A DG 11 O6 ? ? ? 1_555 B DC 5 N4 ? ? A DG 11 B DC 4  1_555 ? ? ? ? ? ? WATSON-CRICK ? ? ? 
hydrog26 hydrog ? ? A DA 12 N1 ? ? ? 1_555 B DT 4 N3 ? ? A DA 12 B DT 3  1_555 ? ? ? ? ? ? WATSON-CRICK ? ? ? 
hydrog27 hydrog ? ? A DA 12 N6 ? ? ? 1_555 B DT 4 O4 ? ? A DA 12 B DT 3  1_555 ? ? ? ? ? ? WATSON-CRICK ? ? ? 
hydrog28 hydrog ? ? A DC 13 N3 ? ? ? 1_555 B DG 3 N1 ? ? A DC 13 B DG 2  1_555 ? ? ? ? ? ? WATSON-CRICK ? ? ? 
hydrog29 hydrog ? ? A DC 13 N4 ? ? ? 1_555 B DG 3 O6 ? ? A DC 13 B DG 2  1_555 ? ? ? ? ? ? WATSON-CRICK ? ? ? 
hydrog30 hydrog ? ? A DC 13 O2 ? ? ? 1_555 B DG 3 N2 ? ? A DC 13 B DG 2  1_555 ? ? ? ? ? ? WATSON-CRICK ? ? ? 
hydrog31 hydrog ? ? A DG 14 N1 ? ? ? 1_555 B DC 2 N3 ? ? A DG 14 B DC 1  1_555 ? ? ? ? ? ? WATSON-CRICK ? ? ? 
hydrog32 hydrog ? ? A DG 14 N2 ? ? ? 1_555 B DC 2 O2 ? ? A DG 14 B DC 1  1_555 ? ? ? ? ? ? WATSON-CRICK ? ? ? 
hydrog33 hydrog ? ? A DG 14 O6 ? ? ? 1_555 B DC 2 N4 ? ? A DG 14 B DC 1  1_555 ? ? ? ? ? ? WATSON-CRICK ? ? ? 
hydrog34 hydrog ? ? A DA 15 N1 ? ? ? 1_555 B DT 1 N3 ? ? A DA 15 B DT 0  1_555 ? ? ? ? ? ? WATSON-CRICK ? ? ? 
hydrog35 hydrog ? ? A DA 15 N6 ? ? ? 1_555 B DT 1 O4 ? ? A DA 15 B DT 0  1_555 ? ? ? ? ? ? WATSON-CRICK ? ? ? 
hydrog36 hydrog ? ? A DG 16 N1 ? ? ? 1_555 C DC 8 N3 ? ? A DG 16 C DC 8  1_555 ? ? ? ? ? ? WATSON-CRICK ? ? ? 
hydrog37 hydrog ? ? A DG 16 N2 ? ? ? 1_555 C DC 8 O2 ? ? A DG 16 C DC 8  1_555 ? ? ? ? ? ? WATSON-CRICK ? ? ? 
hydrog38 hydrog ? ? A DG 16 O6 ? ? ? 1_555 C DC 8 N4 ? ? A DG 16 C DC 8  1_555 ? ? ? ? ? ? WATSON-CRICK ? ? ? 
hydrog39 hydrog ? ? A DG 17 N1 ? ? ? 1_555 C DC 7 N3 ? ? A DG 17 C DC 7  1_555 ? ? ? ? ? ? WATSON-CRICK ? ? ? 
hydrog40 hydrog ? ? A DG 17 N2 ? ? ? 1_555 C DC 7 O2 ? ? A DG 17 C DC 7  1_555 ? ? ? ? ? ? WATSON-CRICK ? ? ? 
hydrog41 hydrog ? ? A DG 17 O6 ? ? ? 1_555 C DC 7 N4 ? ? A DG 17 C DC 7  1_555 ? ? ? ? ? ? WATSON-CRICK ? ? ? 
hydrog42 hydrog ? ? A DA 18 N1 ? ? ? 1_555 C DT 6 N3 ? ? A DA 18 C DT 6  1_555 ? ? ? ? ? ? WATSON-CRICK ? ? ? 
hydrog43 hydrog ? ? A DA 18 N6 ? ? ? 1_555 C DT 6 O4 ? ? A DA 18 C DT 6  1_555 ? ? ? ? ? ? WATSON-CRICK ? ? ? 
hydrog44 hydrog ? ? A DC 19 N3 ? ? ? 1_555 C DG 5 N1 ? ? A DC 19 C DG 5  1_555 ? ? ? ? ? ? WATSON-CRICK ? ? ? 
hydrog45 hydrog ? ? A DC 19 N4 ? ? ? 1_555 C DG 5 O6 ? ? A DC 19 C DG 5  1_555 ? ? ? ? ? ? WATSON-CRICK ? ? ? 
hydrog46 hydrog ? ? A DC 19 O2 ? ? ? 1_555 C DG 5 N2 ? ? A DC 19 C DG 5  1_555 ? ? ? ? ? ? WATSON-CRICK ? ? ? 
hydrog47 hydrog ? ? A DT 20 N3 ? ? ? 1_555 C DA 4 N1 ? ? A DT 20 C DA 4  1_555 ? ? ? ? ? ? WATSON-CRICK ? ? ? 
hydrog48 hydrog ? ? A DT 20 O4 ? ? ? 1_555 C DA 4 N6 ? ? A DT 20 C DA 4  1_555 ? ? ? ? ? ? WATSON-CRICK ? ? ? 
hydrog49 hydrog ? ? A DC 21 N3 ? ? ? 1_555 C DG 3 N1 ? ? A DC 21 C DG 3  1_555 ? ? ? ? ? ? WATSON-CRICK ? ? ? 
hydrog50 hydrog ? ? A DC 21 N4 ? ? ? 1_555 C DG 3 O6 ? ? A DC 21 C DG 3  1_555 ? ? ? ? ? ? WATSON-CRICK ? ? ? 
hydrog51 hydrog ? ? A DC 21 O2 ? ? ? 1_555 C DG 3 N2 ? ? A DC 21 C DG 3  1_555 ? ? ? ? ? ? WATSON-CRICK ? ? ? 
# 
_struct_conn_type.id          hydrog 
_struct_conn_type.criteria    ? 
_struct_conn_type.reference   ? 
# 
_atom_sites.entry_id                    7JKE 
_atom_sites.Cartn_transf_matrix[1][1]   ? 
_atom_sites.Cartn_transf_matrix[1][2]   ? 
_atom_sites.Cartn_transf_matrix[1][3]   ? 
_atom_sites.Cartn_transf_matrix[2][1]   ? 
_atom_sites.Cartn_transf_matrix[2][2]   ? 
_atom_sites.Cartn_transf_matrix[2][3]   ? 
_atom_sites.Cartn_transf_matrix[3][1]   ? 
_atom_sites.Cartn_transf_matrix[3][2]   ? 
_atom_sites.Cartn_transf_matrix[3][3]   ? 
_atom_sites.Cartn_transf_vector[1]      ? 
_atom_sites.Cartn_transf_vector[2]      ? 
_atom_sites.Cartn_transf_vector[3]      ? 
_atom_sites.fract_transf_matrix[1][1]   -0.00227061 
_atom_sites.fract_transf_matrix[1][2]   0.00587349 
_atom_sites.fract_transf_matrix[1][3]   -0.01569719 
_atom_sites.fract_transf_matrix[2][1]   -0.00009157 
_atom_sites.fract_transf_matrix[2][2]   -0.01069606 
_atom_sites.fract_transf_matrix[2][3]   -0.01310097 
_atom_sites.fract_transf_matrix[3][1]   -0.01771773 
_atom_sites.fract_transf_matrix[3][2]   -0.00204857 
_atom_sites.fract_transf_matrix[3][3]   0.00179636 
_atom_sites.fract_transf_vector[1]      1.193651 
_atom_sites.fract_transf_vector[2]      1.567944 
_atom_sites.fract_transf_vector[3]      0.240190 
_atom_sites.solution_primary            ? 
_atom_sites.solution_secondary          ? 
_atom_sites.solution_hydrogens          ? 
_atom_sites.special_details             ? 
# 
loop_
_atom_type.symbol 
AS 
C  
MG 
N  
O  
P  
# 
loop_
_atom_site.group_PDB 
_atom_site.id 
_atom_site.type_symbol 
_atom_site.label_atom_id 
_atom_site.label_alt_id 
_atom_site.label_comp_id 
_atom_site.label_asym_id 
_atom_site.label_entity_id 
_atom_site.label_seq_id 
_atom_site.pdbx_PDB_ins_code 
_atom_site.Cartn_x 
_atom_site.Cartn_y 
_atom_site.Cartn_z 
_atom_site.occupancy 
_atom_site.B_iso_or_equiv 
_atom_site.pdbx_formal_charge 
_atom_site.auth_seq_id 
_atom_site.auth_comp_id 
_atom_site.auth_asym_id 
_atom_site.auth_atom_id 
_atom_site.pdbx_PDB_model_num 
ATOM   1   O  "O5'" . DG  A 1 1  ? -8.843  32.968  4.216   1.00 123.50 ? 1   DG  A "O5'" 1 
ATOM   2   C  "C5'" . DG  A 1 1  ? -8.632  33.397  5.557   1.00 122.81 ? 1   DG  A "C5'" 1 
ATOM   3   C  "C4'" . DG  A 1 1  ? -7.244  33.991  5.720   1.00 123.67 ? 1   DG  A "C4'" 1 
ATOM   4   O  "O4'" . DG  A 1 1  ? -7.005  34.279  7.127   1.00 122.38 ? 1   DG  A "O4'" 1 
ATOM   5   C  "C3'" . DG  A 1 1  ? -6.100  33.078  5.276   1.00 123.82 ? 1   DG  A "C3'" 1 
ATOM   6   O  "O3'" . DG  A 1 1  ? -5.095  33.833  4.606   1.00 128.16 ? 1   DG  A "O3'" 1 
ATOM   7   C  "C2'" . DG  A 1 1  ? -5.587  32.516  6.593   1.00 121.45 ? 1   DG  A "C2'" 1 
ATOM   8   C  "C1'" . DG  A 1 1  ? -5.778  33.706  7.514   1.00 120.20 ? 1   DG  A "C1'" 1 
ATOM   9   N  N9    . DG  A 1 1  ? -5.844  33.343  8.928   1.00 119.54 ? 1   DG  A N9    1 
ATOM   10  C  C8    . DG  A 1 1  ? -6.944  32.904  9.625   1.00 113.44 ? 1   DG  A C8    1 
ATOM   11  N  N7    . DG  A 1 1  ? -6.697  32.647  10.881  1.00 106.69 ? 1   DG  A N7    1 
ATOM   12  C  C5    . DG  A 1 1  ? -5.345  32.931  11.026  1.00 112.78 ? 1   DG  A C5    1 
ATOM   13  C  C6    . DG  A 1 1  ? -4.510  32.843  12.167  1.00 109.28 ? 1   DG  A C6    1 
ATOM   14  O  O6    . DG  A 1 1  ? -4.813  32.482  13.313  1.00 104.13 ? 1   DG  A O6    1 
ATOM   15  N  N1    . DG  A 1 1  ? -3.201  33.225  11.880  1.00 112.01 ? 1   DG  A N1    1 
ATOM   16  C  C2    . DG  A 1 1  ? -2.755  33.639  10.647  1.00 114.17 ? 1   DG  A C2    1 
ATOM   17  N  N2    . DG  A 1 1  ? -1.457  33.967  10.562  1.00 108.89 ? 1   DG  A N2    1 
ATOM   18  N  N3    . DG  A 1 1  ? -3.526  33.728  9.571   1.00 118.49 ? 1   DG  A N3    1 
ATOM   19  C  C4    . DG  A 1 1  ? -4.805  33.358  9.833   1.00 119.03 ? 1   DG  A C4    1 
ATOM   20  P  P     . DA  A 1 2  ? -3.972  33.084  3.734   1.00 125.48 ? 2   DA  A P     1 
ATOM   21  O  OP1   . DA  A 1 2  ? -3.619  33.969  2.602   1.00 125.00 ? 2   DA  A OP1   1 
ATOM   22  O  OP2   . DA  A 1 2  ? -4.451  31.709  3.472   1.00 126.88 ? 2   DA  A OP2   1 
ATOM   23  O  "O5'" . DA  A 1 2  ? -2.716  32.978  4.722   1.00 119.23 ? 2   DA  A "O5'" 1 
ATOM   24  C  "C5'" . DA  A 1 2  ? -1.605  32.158  4.370   1.00 118.95 ? 2   DA  A "C5'" 1 
ATOM   25  C  "C4'" . DA  A 1 2  ? -0.422  32.414  5.288   1.00 125.54 ? 2   DA  A "C4'" 1 
ATOM   26  O  "O4'" . DA  A 1 2  ? -0.884  32.508  6.657   1.00 122.69 ? 2   DA  A "O4'" 1 
ATOM   27  C  "C3'" . DA  A 1 2  ? 0.618   31.308  5.307   1.00 133.80 ? 2   DA  A "C3'" 1 
ATOM   28  O  "O3'" . DA  A 1 2  ? 1.870   31.825  5.751   1.00 142.46 ? 2   DA  A "O3'" 1 
ATOM   29  C  "C2'" . DA  A 1 2  ? 0.022   30.349  6.326   1.00 125.54 ? 2   DA  A "C2'" 1 
ATOM   30  C  "C1'" . DA  A 1 2  ? -0.570  31.314  7.353   1.00 125.22 ? 2   DA  A "C1'" 1 
ATOM   31  N  N9    . DA  A 1 2  ? -1.794  30.821  7.981   1.00 128.66 ? 2   DA  A N9    1 
ATOM   32  C  C8    . DA  A 1 2  ? -3.013  30.668  7.387   1.00 126.23 ? 2   DA  A C8    1 
ATOM   33  N  N7    . DA  A 1 2  ? -3.945  30.212  8.192   1.00 121.74 ? 2   DA  A N7    1 
ATOM   34  C  C5    . DA  A 1 2  ? -3.292  30.055  9.400   1.00 124.40 ? 2   DA  A C5    1 
ATOM   35  C  C6    . DA  A 1 2  ? -3.729  29.602  10.661  1.00 122.98 ? 2   DA  A C6    1 
ATOM   36  N  N6    . DA  A 1 2  ? -4.984  29.211  10.907  1.00 118.10 ? 2   DA  A N6    1 
ATOM   37  N  N1    . DA  A 1 2  ? -2.822  29.566  11.660  1.00 125.36 ? 2   DA  A N1    1 
ATOM   38  C  C2    . DA  A 1 2  ? -1.567  29.960  11.407  1.00 125.48 ? 2   DA  A C2    1 
ATOM   39  N  N3    . DA  A 1 2  ? -1.039  30.402  10.265  1.00 124.57 ? 2   DA  A N3    1 
ATOM   40  C  C4    . DA  A 1 2  ? -1.964  30.427  9.292   1.00 126.72 ? 2   DA  A C4    1 
ATOM   41  P  P     . DA  A 1 3  ? 3.235   31.385  5.024   1.00 143.55 ? 3   DA  A P     1 
ATOM   42  O  OP1   . DA  A 1 3  ? 4.055   32.601  4.829   1.00 144.16 ? 3   DA  A OP1   1 
ATOM   43  O  OP2   . DA  A 1 3  ? 2.880   30.546  3.857   1.00 139.59 ? 3   DA  A OP2   1 
ATOM   44  O  "O5'" . DA  A 1 3  ? 3.960   30.447  6.098   1.00 133.12 ? 3   DA  A "O5'" 1 
ATOM   45  C  "C5'" . DA  A 1 3  ? 3.402   29.184  6.430   1.00 131.90 ? 3   DA  A "C5'" 1 
ATOM   46  C  "C4'" . DA  A 1 3  ? 3.543   28.907  7.915   1.00 131.22 ? 3   DA  A "C4'" 1 
ATOM   47  O  "O4'" . DA  A 1 3  ? 2.248   29.028  8.554   1.00 129.31 ? 3   DA  A "O4'" 1 
ATOM   48  C  "C3'" . DA  A 1 3  ? 4.078   27.518  8.255   1.00 133.17 ? 3   DA  A "C3'" 1 
ATOM   49  O  "O3'" . DA  A 1 3  ? 5.184   27.620  9.141   1.00 142.82 ? 3   DA  A "O3'" 1 
ATOM   50  C  "C2'" . DA  A 1 3  ? 2.892   26.795  8.897   1.00 125.19 ? 3   DA  A "C2'" 1 
ATOM   51  C  "C1'" . DA  A 1 3  ? 2.025   27.936  9.414   1.00 126.01 ? 3   DA  A "C1'" 1 
ATOM   52  N  N9    . DA  A 1 3  ? 0.599   27.624  9.382   1.00 126.13 ? 3   DA  A N9    1 
ATOM   53  C  C8    . DA  A 1 3  ? -0.244  27.755  8.317   1.00 126.00 ? 3   DA  A C8    1 
ATOM   54  N  N7    . DA  A 1 3  ? -1.479  27.394  8.566   1.00 126.27 ? 3   DA  A N7    1 
ATOM   55  C  C5    . DA  A 1 3  ? -1.445  26.991  9.888   1.00 129.67 ? 3   DA  A C5    1 
ATOM   56  C  C6    . DA  A 1 3  ? -2.441  26.494  10.752  1.00 128.54 ? 3   DA  A C6    1 
ATOM   57  N  N6    . DA  A 1 3  ? -3.714  26.315  10.383  1.00 121.27 ? 3   DA  A N6    1 
ATOM   58  N  N1    . DA  A 1 3  ? -2.075  26.186  12.014  1.00 133.39 ? 3   DA  A N1    1 
ATOM   59  C  C2    . DA  A 1 3  ? -0.798  26.368  12.379  1.00 131.13 ? 3   DA  A C2    1 
ATOM   60  N  N3    . DA  A 1 3  ? 0.225   26.827  11.658  1.00 129.72 ? 3   DA  A N3    1 
ATOM   61  C  C4    . DA  A 1 3  ? -0.171  27.126  10.411  1.00 130.57 ? 3   DA  A C4    1 
ATOM   62  P  P     . DC  A 1 4  ? 6.352   26.518  9.097   1.00 151.17 ? 4   DC  A P     1 
ATOM   63  O  OP1   . DC  A 1 4  ? 7.638   27.183  9.402   1.00 143.40 ? 4   DC  A OP1   1 
ATOM   64  O  OP2   . DC  A 1 4  ? 6.200   25.761  7.835   1.00 147.76 ? 4   DC  A OP2   1 
ATOM   65  O  "O5'" . DC  A 1 4  ? 5.973   25.528  10.290  1.00 141.74 ? 4   DC  A "O5'" 1 
ATOM   66  C  "C5'" . DC  A 1 4  ? 5.531   26.055  11.532  1.00 137.18 ? 4   DC  A "C5'" 1 
ATOM   67  C  "C4'" . DC  A 1 4  ? 4.844   24.982  12.351  1.00 133.88 ? 4   DC  A "C4'" 1 
ATOM   68  O  "O4'" . DC  A 1 4  ? 3.421   25.038  12.129  1.00 131.66 ? 4   DC  A "O4'" 1 
ATOM   69  C  "C3'" . DC  A 1 4  ? 5.266   23.553  12.008  1.00 135.99 ? 4   DC  A "C3'" 1 
ATOM   70  O  "O3'" . DC  A 1 4  ? 6.034   23.011  13.074  1.00 140.02 ? 4   DC  A "O3'" 1 
ATOM   71  C  "C2'" . DC  A 1 4  ? 3.942   22.791  11.805  1.00 134.93 ? 4   DC  A "C2'" 1 
ATOM   72  C  "C1'" . DC  A 1 4  ? 2.894   23.757  12.341  1.00 134.29 ? 4   DC  A "C1'" 1 
ATOM   73  N  N1    . DC  A 1 4  ? 1.577   23.672  11.640  1.00 134.46 ? 4   DC  A N1    1 
ATOM   74  C  C2    . DC  A 1 4  ? 0.461   23.155  12.312  1.00 132.29 ? 4   DC  A C2    1 
ATOM   75  O  O2    . DC  A 1 4  ? 0.584   22.764  13.479  1.00 131.30 ? 4   DC  A O2    1 
ATOM   76  N  N3    . DC  A 1 4  ? -0.727  23.093  11.657  1.00 131.18 ? 4   DC  A N3    1 
ATOM   77  C  C4    . DC  A 1 4  ? -0.819  23.523  10.397  1.00 132.31 ? 4   DC  A C4    1 
ATOM   78  N  N4    . DC  A 1 4  ? -2.008  23.443  9.791   1.00 133.22 ? 4   DC  A N4    1 
ATOM   79  C  C5    . DC  A 1 4  ? 0.306   24.051  9.701   1.00 132.36 ? 4   DC  A C5    1 
ATOM   80  C  C6    . DC  A 1 4  ? 1.470   24.109  10.354  1.00 131.49 ? 4   DC  A C6    1 
ATOM   81  P  P     . DG  A 1 5  ? 6.698   21.555  12.938  1.00 143.76 ? 5   DG  A P     1 
ATOM   82  O  OP1   . DG  A 1 5  ? 7.937   21.540  13.748  1.00 140.89 ? 5   DG  A OP1   1 
ATOM   83  O  OP2   . DG  A 1 5  ? 6.762   21.218  11.497  1.00 143.42 ? 5   DG  A OP2   1 
ATOM   84  O  "O5'" . DG  A 1 5  ? 5.622   20.590  13.618  1.00 137.87 ? 5   DG  A "O5'" 1 
ATOM   85  C  "C5'" . DG  A 1 5  ? 4.946   21.009  14.795  1.00 136.16 ? 5   DG  A "C5'" 1 
ATOM   86  C  "C4'" . DG  A 1 5  ? 3.792   20.079  15.107  1.00 135.44 ? 5   DG  A "C4'" 1 
ATOM   87  O  "O4'" . DG  A 1 5  ? 2.626   20.466  14.336  1.00 133.61 ? 5   DG  A "O4'" 1 
ATOM   88  C  "C3'" . DG  A 1 5  ? 4.055   18.607  14.782  1.00 139.03 ? 5   DG  A "C3'" 1 
ATOM   89  O  "O3'" . DG  A 1 5  ? 3.736   17.804  15.904  1.00 143.23 ? 5   DG  A "O3'" 1 
ATOM   90  C  "C2'" . DG  A 1 5  ? 3.131   18.320  13.593  1.00 135.46 ? 5   DG  A "C2'" 1 
ATOM   91  C  "C1'" . DG  A 1 5  ? 2.005   19.312  13.826  1.00 133.66 ? 5   DG  A "C1'" 1 
ATOM   92  N  N9    . DG  A 1 5  ? 1.281   19.679  12.609  1.00 132.10 ? 5   DG  A N9    1 
ATOM   93  C  C8    . DG  A 1 5  ? 1.799   20.286  11.492  1.00 132.33 ? 5   DG  A C8    1 
ATOM   94  N  N7    . DG  A 1 5  ? 0.914   20.506  10.559  1.00 135.53 ? 5   DG  A N7    1 
ATOM   95  C  C5    . DG  A 1 5  ? -0.270  20.014  11.089  1.00 135.41 ? 5   DG  A C5    1 
ATOM   96  C  C6    . DG  A 1 5  ? -1.572  19.977  10.532  1.00 131.60 ? 5   DG  A C6    1 
ATOM   97  O  O6    . DG  A 1 5  ? -1.944  20.384  9.423   1.00 128.16 ? 5   DG  A O6    1 
ATOM   98  N  N1    . DG  A 1 5  ? -2.488  19.392  11.403  1.00 130.07 ? 5   DG  A N1    1 
ATOM   99  C  C2    . DG  A 1 5  ? -2.185  18.907  12.653  1.00 132.74 ? 5   DG  A C2    1 
ATOM   100 N  N2    . DG  A 1 5  ? -3.204  18.379  13.346  1.00 134.32 ? 5   DG  A N2    1 
ATOM   101 N  N3    . DG  A 1 5  ? -0.970  18.937  13.188  1.00 135.73 ? 5   DG  A N3    1 
ATOM   102 C  C4    . DG  A 1 5  ? -0.065  19.502  12.352  1.00 135.85 ? 5   DG  A C4    1 
ATOM   103 P  P     . DA  A 1 6  ? 4.497   16.411  16.141  1.00 149.75 ? 6   DA  A P     1 
ATOM   104 O  OP1   . DA  A 1 6  ? 5.110   16.455  17.487  1.00 151.52 ? 6   DA  A OP1   1 
ATOM   105 O  OP2   . DA  A 1 6  ? 5.348   16.152  14.958  1.00 143.76 ? 6   DA  A OP2   1 
ATOM   106 O  "O5'" . DA  A 1 6  ? 3.313   15.338  16.151  1.00 149.25 ? 6   DA  A "O5'" 1 
ATOM   107 C  "C5'" . DA  A 1 6  ? 2.199   15.535  17.007  1.00 145.37 ? 6   DA  A "C5'" 1 
ATOM   108 C  "C4'" . DA  A 1 6  ? 0.962   14.850  16.457  1.00 145.38 ? 6   DA  A "C4'" 1 
ATOM   109 O  "O4'" . DA  A 1 6  ? 0.451   15.588  15.320  1.00 140.67 ? 6   DA  A "O4'" 1 
ATOM   110 C  "C3'" . DA  A 1 6  ? 1.174   13.411  15.975  1.00 147.62 ? 6   DA  A "C3'" 1 
ATOM   111 O  "O3'" . DA  A 1 6  ? 0.205   12.568  16.578  1.00 152.74 ? 6   DA  A "O3'" 1 
ATOM   112 C  "C2'" . DA  A 1 6  ? 0.986   13.501  14.455  1.00 144.80 ? 6   DA  A "C2'" 1 
ATOM   113 C  "C1'" . DA  A 1 6  ? 0.032   14.675  14.337  1.00 143.89 ? 6   DA  A "C1'" 1 
ATOM   114 N  N9    . DA  A 1 6  ? 0.063   15.349  13.039  1.00 139.96 ? 6   DA  A N9    1 
ATOM   115 C  C8    . DA  A 1 6  ? 1.152   15.893  12.417  1.00 136.23 ? 6   DA  A C8    1 
ATOM   116 N  N7    . DA  A 1 6  ? 0.879   16.451  11.260  1.00 131.60 ? 6   DA  A N7    1 
ATOM   117 C  C5    . DA  A 1 6  ? -0.487  16.263  11.115  1.00 136.83 ? 6   DA  A C5    1 
ATOM   118 C  C6    . DA  A 1 6  ? -1.395  16.624  10.099  1.00 133.22 ? 6   DA  A C6    1 
ATOM   119 N  N6    . DA  A 1 6  ? -1.036  17.278  8.989   1.00 130.96 ? 6   DA  A N6    1 
ATOM   120 N  N1    . DA  A 1 6  ? -2.690  16.285  10.267  1.00 129.12 ? 6   DA  A N1    1 
ATOM   121 C  C2    . DA  A 1 6  ? -3.047  15.629  11.378  1.00 135.14 ? 6   DA  A C2    1 
ATOM   122 N  N3    . DA  A 1 6  ? -2.287  15.237  12.400  1.00 140.28 ? 6   DA  A N3    1 
ATOM   123 C  C4    . DA  A 1 6  ? -1.005  15.588  12.205  1.00 139.44 ? 6   DA  A C4    1 
ATOM   124 P  P     . DC  A 1 7  ? 0.214   10.986  16.303  1.00 161.72 ? 7   DC  A P     1 
ATOM   125 O  OP1   . DC  A 1 7  ? -0.227  10.326  17.553  1.00 166.26 ? 7   DC  A OP1   1 
ATOM   126 O  OP2   . DC  A 1 7  ? 1.517   10.628  15.699  1.00 156.70 ? 7   DC  A OP2   1 
ATOM   127 O  "O5'" . DC  A 1 7  ? -0.922  10.791  15.195  1.00 155.43 ? 7   DC  A "O5'" 1 
ATOM   128 C  "C5'" . DC  A 1 7  ? -2.233  11.296  15.431  1.00 148.70 ? 7   DC  A "C5'" 1 
ATOM   129 C  "C4'" . DC  A 1 7  ? -3.174  10.909  14.304  1.00 143.29 ? 7   DC  A "C4'" 1 
ATOM   130 O  "O4'" . DC  A 1 7  ? -3.052  11.859  13.215  1.00 140.69 ? 7   DC  A "O4'" 1 
ATOM   131 C  "C3'" . DC  A 1 7  ? -2.927  9.522   13.698  1.00 141.99 ? 7   DC  A "C3'" 1 
ATOM   132 O  "O3'" . DC  A 1 7  ? -4.145  8.783   13.674  1.00 153.10 ? 7   DC  A "O3'" 1 
ATOM   133 C  "C2'" . DC  A 1 7  ? -2.422  9.828   12.285  1.00 139.22 ? 7   DC  A "C2'" 1 
ATOM   134 C  "C1'" . DC  A 1 7  ? -3.094  11.157  11.999  1.00 139.20 ? 7   DC  A "C1'" 1 
ATOM   135 N  N1    . DC  A 1 7  ? -2.396  11.963  10.956  1.00 138.21 ? 7   DC  A N1    1 
ATOM   136 C  C2    . DC  A 1 7  ? -3.128  12.486  9.885   1.00 134.33 ? 7   DC  A C2    1 
ATOM   137 O  O2    . DC  A 1 7  ? -4.345  12.274  9.826   1.00 132.46 ? 7   DC  A O2    1 
ATOM   138 N  N3    . DC  A 1 7  ? -2.480  13.215  8.942   1.00 130.58 ? 7   DC  A N3    1 
ATOM   139 C  C4    . DC  A 1 7  ? -1.166  13.421  9.043   1.00 129.63 ? 7   DC  A C4    1 
ATOM   140 N  N4    . DC  A 1 7  ? -0.571  14.146  8.090   1.00 124.59 ? 7   DC  A N4    1 
ATOM   141 C  C5    . DC  A 1 7  ? -0.403  12.894  10.127  1.00 133.07 ? 7   DC  A C5    1 
ATOM   142 C  C6    . DC  A 1 7  ? -1.052  12.176  11.051  1.00 136.85 ? 7   DC  A C6    1 
ATOM   143 P  P     . DA  A 1 8  ? -4.179  7.268   13.132  1.00 169.91 ? 8   DA  A P     1 
ATOM   144 O  OP1   . DA  A 1 8  ? -4.971  6.479   14.101  1.00 172.66 ? 8   DA  A OP1   1 
ATOM   145 O  OP2   . DA  A 1 8  ? -2.798  6.839   12.812  1.00 159.49 ? 8   DA  A OP2   1 
ATOM   146 O  "O5'" . DA  A 1 8  ? -5.001  7.375   11.763  1.00 143.64 ? 8   DA  A "O5'" 1 
ATOM   147 C  "C5'" . DA  A 1 8  ? -6.254  6.709   11.627  1.00 138.84 ? 8   DA  A "C5'" 1 
ATOM   148 C  "C4'" . DA  A 1 8  ? -7.250  7.577   10.878  1.00 134.36 ? 8   DA  A "C4'" 1 
ATOM   149 O  "O4'" . DA  A 1 8  ? -6.586  8.776   10.405  1.00 130.71 ? 8   DA  A "O4'" 1 
ATOM   150 C  "C3'" . DA  A 1 8  ? -7.852  6.940   9.635   1.00 135.05 ? 8   DA  A "C3'" 1 
ATOM   151 O  "O3'" . DA  A 1 8  ? -9.132  7.507   9.381   1.00 143.00 ? 8   DA  A "O3'" 1 
ATOM   152 C  "C2'" . DA  A 1 8  ? -6.842  7.333   8.564   1.00 123.82 ? 8   DA  A "C2'" 1 
ATOM   153 C  "C1'" . DA  A 1 8  ? -6.506  8.756   8.991   1.00 122.87 ? 8   DA  A "C1'" 1 
ATOM   154 N  N9    . DA  A 1 8  ? -5.169  9.188   8.602   1.00 121.16 ? 8   DA  A N9    1 
ATOM   155 C  C8    . DA  A 1 8  ? -4.002  8.957   9.276   1.00 125.11 ? 8   DA  A C8    1 
ATOM   156 N  N7    . DA  A 1 8  ? -2.946  9.476   8.698   1.00 123.53 ? 8   DA  A N7    1 
ATOM   157 C  C5    . DA  A 1 8  ? -3.454  10.096  7.569   1.00 125.15 ? 8   DA  A C5    1 
ATOM   158 C  C6    . DA  A 1 8  ? -2.844  10.831  6.534   1.00 118.18 ? 8   DA  A C6    1 
ATOM   159 N  N6    . DA  A 1 8  ? -1.529  11.067  6.475   1.00 111.01 ? 8   DA  A N6    1 
ATOM   160 N  N1    . DA  A 1 8  ? -3.639  11.311  5.555   1.00 113.17 ? 8   DA  A N1    1 
ATOM   161 C  C2    . DA  A 1 8  ? -4.956  11.068  5.615   1.00 115.65 ? 8   DA  A C2    1 
ATOM   162 N  N3    . DA  A 1 8  ? -5.642  10.394  6.538   1.00 119.85 ? 8   DA  A N3    1 
ATOM   163 C  C4    . DA  A 1 8  ? -4.825  9.930   7.496   1.00 122.48 ? 8   DA  A C4    1 
ATOM   164 P  P     . DC  A 1 9  ? -10.114 6.851   8.291   1.00 153.55 ? 9   DC  A P     1 
ATOM   165 O  OP1   . DC  A 1 9  ? -11.490 7.292   8.611   1.00 155.48 ? 9   DC  A OP1   1 
ATOM   166 O  OP2   . DC  A 1 9  ? -9.814  5.404   8.214   1.00 150.44 ? 9   DC  A OP2   1 
ATOM   167 O  "O5'" . DC  A 1 9  ? -9.657  7.526   6.913   1.00 134.60 ? 9   DC  A "O5'" 1 
ATOM   168 C  "C5'" . DC  A 1 9  ? -9.081  6.730   5.887   1.00 127.68 ? 9   DC  A "C5'" 1 
ATOM   169 C  "C4'" . DC  A 1 9  ? -8.734  7.581   4.681   1.00 122.08 ? 9   DC  A "C4'" 1 
ATOM   170 O  "O4'" . DC  A 1 9  ? -7.444  8.226   4.889   1.00 121.37 ? 9   DC  A "O4'" 1 
ATOM   171 C  "C3'" . DC  A 1 9  ? -8.606  6.809   3.366   1.00 122.13 ? 9   DC  A "C3'" 1 
ATOM   172 O  "O3'" . DC  A 1 9  ? -9.163  7.576   2.302   1.00 127.41 ? 9   DC  A "O3'" 1 
ATOM   173 C  "C2'" . DC  A 1 9  ? -7.096  6.659   3.219   1.00 118.27 ? 9   DC  A "C2'" 1 
ATOM   174 C  "C1'" . DC  A 1 9  ? -6.638  8.000   3.756   1.00 119.08 ? 9   DC  A "C1'" 1 
ATOM   175 N  N1    . DC  A 1 9  ? -5.202  8.028   4.157   1.00 114.11 ? 9   DC  A N1    1 
ATOM   176 C  C2    . DC  A 1 9  ? -4.286  8.750   3.382   1.00 106.85 ? 9   DC  A C2    1 
ATOM   177 O  O2    . DC  A 1 9  ? -4.687  9.356   2.381   1.00 105.15 ? 9   DC  A O2    1 
ATOM   178 N  N3    . DC  A 1 9  ? -2.982  8.766   3.755   1.00 106.81 ? 9   DC  A N3    1 
ATOM   179 C  C4    . DC  A 1 9  ? -2.589  8.098   4.840   1.00 109.41 ? 9   DC  A C4    1 
ATOM   180 N  N4    . DC  A 1 9  ? -1.295  8.142   5.169   1.00 102.71 ? 9   DC  A N4    1 
ATOM   181 C  C5    . DC  A 1 9  ? -3.510  7.354   5.640   1.00 117.92 ? 9   DC  A C5    1 
ATOM   182 C  C6    . DC  A 1 9  ? -4.793  7.347   5.263   1.00 115.01 ? 9   DC  A C6    1 
ATOM   183 P  P     . DT  A 1 10 ? -9.350  6.930   0.841   1.00 147.28 ? 10  DT  A P     1 
ATOM   184 O  OP1   . DT  A 1 10 ? -10.178 7.860   0.042   1.00 138.29 ? 10  DT  A OP1   1 
ATOM   185 O  OP2   . DT  A 1 10 ? -9.783  5.526   1.015   1.00 151.89 ? 10  DT  A OP2   1 
ATOM   186 O  "O5'" . DT  A 1 10 ? -7.870  6.913   0.237   1.00 118.79 ? 10  DT  A "O5'" 1 
ATOM   187 C  "C5'" . DT  A 1 10 ? -7.167  8.133   0.041   1.00 113.12 ? 10  DT  A "C5'" 1 
ATOM   188 C  "C4'" . DT  A 1 10 ? -6.868  8.343   -1.427  1.00 111.27 ? 10  DT  A "C4'" 1 
ATOM   189 O  "O4'" . DT  A 1 10 ? -5.462  8.643   -1.593  1.00 111.52 ? 10  DT  A "O4'" 1 
ATOM   190 C  "C3'" . DT  A 1 10 ? -7.121  7.132   -2.303  1.00 103.66 ? 10  DT  A "C3'" 1 
ATOM   191 O  "O3'" . DT  A 1 10 ? -7.386  7.554   -3.630  1.00 109.06 ? 10  DT  A "O3'" 1 
ATOM   192 C  "C2'" . DT  A 1 10 ? -5.799  6.374   -2.200  1.00 101.32 ? 10  DT  A "C2'" 1 
ATOM   193 C  "C1'" . DT  A 1 10 ? -4.780  7.512   -2.110  1.00 106.76 ? 10  DT  A "C1'" 1 
ATOM   194 N  N1    . DT  A 1 10 ? -3.624  7.211   -1.210  1.00 94.85  ? 10  DT  A N1    1 
ATOM   195 C  C2    . DT  A 1 10 ? -2.347  7.482   -1.644  1.00 86.87  ? 10  DT  A C2    1 
ATOM   196 O  O2    . DT  A 1 10 ? -2.097  7.957   -2.737  1.00 86.80  ? 10  DT  A O2    1 
ATOM   197 N  N3    . DT  A 1 10 ? -1.362  7.173   -0.744  1.00 89.00  ? 10  DT  A N3    1 
ATOM   198 C  C4    . DT  A 1 10 ? -1.521  6.632   0.519   1.00 95.57  ? 10  DT  A C4    1 
ATOM   199 O  O4    . DT  A 1 10 ? -0.568  6.391   1.255   1.00 96.11  ? 10  DT  A O4    1 
ATOM   200 C  C5    . DT  A 1 10 ? -2.886  6.372   0.912   1.00 97.08  ? 10  DT  A C5    1 
ATOM   201 C  C7    . DT  A 1 10 ? -3.184  5.783   2.260   1.00 99.33  ? 10  DT  A C7    1 
ATOM   202 C  C6    . DT  A 1 10 ? -3.860  6.672   0.039   1.00 96.19  ? 10  DT  A C6    1 
ATOM   203 P  P     . DG  A 1 11 ? -7.841  6.489   -4.742  1.00 122.68 ? 11  DG  A P     1 
ATOM   204 O  OP1   . DG  A 1 11 ? -8.694  7.193   -5.727  1.00 125.10 ? 11  DG  A OP1   1 
ATOM   205 O  OP2   . DG  A 1 11 ? -8.360  5.298   -4.036  1.00 117.70 ? 11  DG  A OP2   1 
ATOM   206 O  "O5'" . DG  A 1 11 ? -6.467  6.078   -5.442  1.00 119.03 ? 11  DG  A "O5'" 1 
ATOM   207 C  "C5'" . DG  A 1 11 ? -5.506  7.080   -5.753  1.00 113.30 ? 11  DG  A "C5'" 1 
ATOM   208 C  "C4'" . DG  A 1 11 ? -4.205  6.446   -6.200  1.00 107.36 ? 11  DG  A "C4'" 1 
ATOM   209 O  "O4'" . DG  A 1 11 ? -3.318  6.287   -5.059  1.00 99.55  ? 11  DG  A "O4'" 1 
ATOM   210 C  "C3'" . DG  A 1 11 ? -4.356  5.054   -6.822  1.00 102.80 ? 11  DG  A "C3'" 1 
ATOM   211 O  "O3'" . DG  A 1 11 ? -3.622  4.981   -8.031  1.00 95.14  ? 11  DG  A "O3'" 1 
ATOM   212 C  "C2'" . DG  A 1 11 ? -3.774  4.125   -5.758  1.00 97.28  ? 11  DG  A "C2'" 1 
ATOM   213 C  "C1'" . DG  A 1 11 ? -2.720  5.019   -5.129  1.00 93.74  ? 11  DG  A "C1'" 1 
ATOM   214 N  N9    . DG  A 1 11 ? -2.319  4.597   -3.788  1.00 92.15  ? 11  DG  A N9    1 
ATOM   215 C  C8    . DG  A 1 11 ? -3.143  4.179   -2.769  1.00 93.94  ? 11  DG  A C8    1 
ATOM   216 N  N7    . DG  A 1 11 ? -2.499  3.851   -1.681  1.00 94.77  ? 11  DG  A N7    1 
ATOM   217 C  C5    . DG  A 1 11 ? -1.163  4.061   -1.998  1.00 89.65  ? 11  DG  A C5    1 
ATOM   218 C  C6    . DG  A 1 11 ? 0.002   3.879   -1.213  1.00 84.09  ? 11  DG  A C6    1 
ATOM   219 O  O6    . DG  A 1 11 ? 0.085   3.481   -0.042  1.00 82.82  ? 11  DG  A O6    1 
ATOM   220 N  N1    . DG  A 1 11 ? 1.156   4.209   -1.918  1.00 83.70  ? 11  DG  A N1    1 
ATOM   221 C  C2    . DG  A 1 11 ? 1.182   4.658   -3.218  1.00 84.37  ? 11  DG  A C2    1 
ATOM   222 N  N2    . DG  A 1 11 ? 2.391   4.926   -3.730  1.00 80.15  ? 11  DG  A N2    1 
ATOM   223 N  N3    . DG  A 1 11 ? 0.099   4.835   -3.965  1.00 90.85  ? 11  DG  A N3    1 
ATOM   224 C  C4    . DG  A 1 11 ? -1.034  4.517   -3.293  1.00 93.16  ? 11  DG  A C4    1 
ATOM   225 P  P     . DA  A 1 12 ? -4.038  3.924   -9.167  1.00 103.74 ? 12  DA  A P     1 
ATOM   226 O  OP1   . DA  A 1 12 ? -4.832  4.655   -10.178 1.00 100.30 ? 12  DA  A OP1   1 
ATOM   227 O  OP2   . DA  A 1 12 ? -4.608  2.732   -8.498  1.00 93.27  ? 12  DA  A OP2   1 
ATOM   228 O  "O5'" . DA  A 1 12 ? -2.639  3.500   -9.816  1.00 101.47 ? 12  DA  A "O5'" 1 
ATOM   229 C  "C5'" . DA  A 1 12 ? -1.702  4.502   -10.189 1.00 97.49  ? 12  DA  A "C5'" 1 
ATOM   230 C  "C4'" . DA  A 1 12 ? -0.288  4.094   -9.811  1.00 93.47  ? 12  DA  A "C4'" 1 
ATOM   231 O  "O4'" . DA  A 1 12 ? -0.190  3.920   -8.369  1.00 89.26  ? 12  DA  A "O4'" 1 
ATOM   232 C  "C3'" . DA  A 1 12 ? 0.198   2.777   -10.422 1.00 95.31  ? 12  DA  A "C3'" 1 
ATOM   233 O  "O3'" . DA  A 1 12 ? 1.571   2.900   -10.786 1.00 102.81 ? 12  DA  A "O3'" 1 
ATOM   234 C  "C2'" . DA  A 1 12 ? 0.019   1.794   -9.271  1.00 90.32  ? 12  DA  A "C2'" 1 
ATOM   235 C  "C1'" . DA  A 1 12 ? 0.413   2.672   -8.102  1.00 90.63  ? 12  DA  A "C1'" 1 
ATOM   236 N  N9    . DA  A 1 12 ? -0.058  2.182   -6.813  1.00 87.61  ? 12  DA  A N9    1 
ATOM   237 C  C8    . DA  A 1 12 ? -1.352  1.985   -6.428  1.00 87.99  ? 12  DA  A C8    1 
ATOM   238 N  N7    . DA  A 1 12 ? -1.477  1.537   -5.201  1.00 86.81  ? 12  DA  A N7    1 
ATOM   239 C  C5    . DA  A 1 12 ? -0.173  1.431   -4.750  1.00 85.65  ? 12  DA  A C5    1 
ATOM   240 C  C6    . DA  A 1 12 ? 0.378   1.013   -3.522  1.00 87.39  ? 12  DA  A C6    1 
ATOM   241 N  N6    . DA  A 1 12 ? -0.361  0.605   -2.484  1.00 85.69  ? 12  DA  A N6    1 
ATOM   242 N  N1    . DA  A 1 12 ? 1.723   1.029   -3.402  1.00 87.15  ? 12  DA  A N1    1 
ATOM   243 C  C2    . DA  A 1 12 ? 2.458   1.437   -4.443  1.00 89.09  ? 12  DA  A C2    1 
ATOM   244 N  N3    . DA  A 1 12 ? 2.056   1.852   -5.644  1.00 88.90  ? 12  DA  A N3    1 
ATOM   245 C  C4    . DA  A 1 12 ? 0.716   1.827   -5.732  1.00 87.13  ? 12  DA  A C4    1 
ATOM   246 P  P     . DC  A 1 13 ? 2.279   1.793   -11.713 1.00 106.93 ? 13  DC  A P     1 
ATOM   247 O  OP1   . DC  A 1 13 ? 3.681   2.221   -11.920 1.00 107.33 ? 13  DC  A OP1   1 
ATOM   248 O  OP2   . DC  A 1 13 ? 1.398   1.554   -12.878 1.00 102.03 ? 13  DC  A OP2   1 
ATOM   249 O  "O5'" . DC  A 1 13 ? 2.272   0.469   -10.815 1.00 99.71  ? 13  DC  A "O5'" 1 
ATOM   250 C  "C5'" . DC  A 1 13 ? 3.264   -0.524  -11.003 1.00 100.30 ? 13  DC  A "C5'" 1 
ATOM   251 C  "C4'" . DC  A 1 13 ? 4.423   -0.309  -10.049 1.00 95.88  ? 13  DC  A "C4'" 1 
ATOM   252 O  "O4'" . DC  A 1 13 ? 3.911   0.060   -8.742  1.00 91.40  ? 13  DC  A "O4'" 1 
ATOM   253 C  "C3'" . DC  A 1 13 ? 5.309   -1.531  -9.844  1.00 95.86  ? 13  DC  A "C3'" 1 
ATOM   254 O  "O3'" . DC  A 1 13 ? 6.675   -1.160  -9.836  1.00 99.46  ? 13  DC  A "O3'" 1 
ATOM   255 C  "C2'" . DC  A 1 13 ? 4.866   -2.087  -8.495  1.00 93.98  ? 13  DC  A "C2'" 1 
ATOM   256 C  "C1'" . DC  A 1 13 ? 4.344   -0.858  -7.761  1.00 90.31  ? 13  DC  A "C1'" 1 
ATOM   257 N  N1    . DC  A 1 13 ? 3.188   -1.168  -6.865  1.00 87.53  ? 13  DC  A N1    1 
ATOM   258 C  C2    . DC  A 1 13 ? 3.418   -1.591  -5.550  1.00 89.05  ? 13  DC  A C2    1 
ATOM   259 O  O2    . DC  A 1 13 ? 4.582   -1.693  -5.144  1.00 90.94  ? 13  DC  A O2    1 
ATOM   260 N  N3    . DC  A 1 13 ? 2.355   -1.873  -4.754  1.00 84.98  ? 13  DC  A N3    1 
ATOM   261 C  C4    . DC  A 1 13 ? 1.114   -1.749  -5.229  1.00 84.20  ? 13  DC  A C4    1 
ATOM   262 N  N4    . DC  A 1 13 ? 0.098   -2.039  -4.409  1.00 82.63  ? 13  DC  A N4    1 
ATOM   263 C  C5    . DC  A 1 13 ? 0.859   -1.325  -6.567  1.00 88.08  ? 13  DC  A C5    1 
ATOM   264 C  C6    . DC  A 1 13 ? 1.914   -1.048  -7.341  1.00 89.05  ? 13  DC  A C6    1 
ATOM   265 P  P     . DG  A 1 14 ? 7.791   -2.224  -10.289 1.00 113.25 ? 14  DG  A P     1 
ATOM   266 O  OP1   . DG  A 1 14 ? 9.034   -1.476  -10.584 1.00 121.26 ? 14  DG  A OP1   1 
ATOM   267 O  OP2   . DG  A 1 14 ? 7.189   -3.084  -11.333 1.00 104.98 ? 14  DG  A OP2   1 
ATOM   268 O  "O5'" . DG  A 1 14 ? 8.007   -3.127  -8.986  1.00 93.73  ? 14  DG  A "O5'" 1 
ATOM   269 C  "C5'" . DG  A 1 14 ? 8.437   -2.524  -7.775  1.00 94.57  ? 14  DG  A "C5'" 1 
ATOM   270 C  "C4'" . DG  A 1 14 ? 8.449   -3.528  -6.635  1.00 94.51  ? 14  DG  A "C4'" 1 
ATOM   271 O  "O4'" . DG  A 1 14 ? 7.145   -3.572  -5.998  1.00 96.46  ? 14  DG  A "O4'" 1 
ATOM   272 C  "C3'" . DG  A 1 14 ? 8.780   -4.971  -7.026  1.00 95.68  ? 14  DG  A "C3'" 1 
ATOM   273 O  "O3'" . DG  A 1 14 ? 9.681   -5.521  -6.070  1.00 103.30 ? 14  DG  A "O3'" 1 
ATOM   274 C  "C2'" . DG  A 1 14 ? 7.416   -5.660  -6.968  1.00 96.43  ? 14  DG  A "C2'" 1 
ATOM   275 C  "C1'" . DG  A 1 14 ? 6.776   -4.918  -5.809  1.00 93.47  ? 14  DG  A "C1'" 1 
ATOM   276 N  N9    . DG  A 1 14 ? 5.315   -4.997  -5.772  1.00 91.50  ? 14  DG  A N9    1 
ATOM   277 C  C8    . DG  A 1 14 ? 4.446   -4.771  -6.810  1.00 87.92  ? 14  DG  A C8    1 
ATOM   278 N  N7    . DG  A 1 14 ? 3.192   -4.897  -6.479  1.00 81.81  ? 14  DG  A N7    1 
ATOM   279 C  C5    . DG  A 1 14 ? 3.229   -5.230  -5.132  1.00 87.70  ? 14  DG  A C5    1 
ATOM   280 C  C6    . DG  A 1 14 ? 2.171   -5.493  -4.230  1.00 91.29  ? 14  DG  A C6    1 
ATOM   281 O  O6    . DG  A 1 14 ? 0.952   -5.487  -4.453  1.00 89.35  ? 14  DG  A O6    1 
ATOM   282 N  N1    . DG  A 1 14 ? 2.644   -5.794  -2.954  1.00 94.28  ? 14  DG  A N1    1 
ATOM   283 C  C2    . DG  A 1 14 ? 3.971   -5.832  -2.597  1.00 93.42  ? 14  DG  A C2    1 
ATOM   284 N  N2    . DG  A 1 14 ? 4.233   -6.140  -1.317  1.00 86.84  ? 14  DG  A N2    1 
ATOM   285 N  N3    . DG  A 1 14 ? 4.974   -5.586  -3.434  1.00 88.02  ? 14  DG  A N3    1 
ATOM   286 C  C4    . DG  A 1 14 ? 4.530   -5.293  -4.680  1.00 87.10  ? 14  DG  A C4    1 
ATOM   287 P  P     . DA  A 1 15 ? 10.510  -6.861  -6.393  1.00 107.33 ? 15  DA  A P     1 
ATOM   288 O  OP1   . DA  A 1 15 ? 11.946  -6.521  -6.290  1.00 105.15 ? 15  DA  A OP1   1 
ATOM   289 O  OP2   . DA  A 1 15 ? 9.978   -7.451  -7.643  1.00 99.22  ? 15  DA  A OP2   1 
ATOM   290 O  "O5'" . DA  A 1 15 ? 10.131  -7.838  -5.184  1.00 96.52  ? 15  DA  A "O5'" 1 
ATOM   291 C  "C5'" . DA  A 1 15 ? 10.302  -7.399  -3.840  1.00 101.51 ? 15  DA  A "C5'" 1 
ATOM   292 C  "C4'" . DA  A 1 15 ? 9.421   -8.187  -2.885  1.00 98.31  ? 15  DA  A "C4'" 1 
ATOM   293 O  "O4'" . DA  A 1 15 ? 8.023   -7.862  -3.119  1.00 94.95  ? 15  DA  A "O4'" 1 
ATOM   294 C  "C3'" . DA  A 1 15 ? 9.525   -9.709  -3.002  1.00 92.40  ? 15  DA  A "C3'" 1 
ATOM   295 O  "O3'" . DA  A 1 15 ? 9.495   -10.286 -1.707  1.00 88.80  ? 15  DA  A "O3'" 1 
ATOM   296 C  "C2'" . DA  A 1 15 ? 8.276   -10.076 -3.800  1.00 96.17  ? 15  DA  A "C2'" 1 
ATOM   297 C  "C1'" . DA  A 1 15 ? 7.287   -9.056  -3.264  1.00 95.80  ? 15  DA  A "C1'" 1 
ATOM   298 N  N9    . DA  A 1 15 ? 6.159   -8.799  -4.154  1.00 91.94  ? 15  DA  A N9    1 
ATOM   299 C  C8    . DA  A 1 15 ? 6.211   -8.420  -5.465  1.00 86.61  ? 15  DA  A C8    1 
ATOM   300 N  N7    . DA  A 1 15 ? 5.031   -8.252  -6.015  1.00 89.37  ? 15  DA  A N7    1 
ATOM   301 C  C5    . DA  A 1 15 ? 4.143   -8.539  -4.991  1.00 96.20  ? 15  DA  A C5    1 
ATOM   302 C  C6    . DA  A 1 15 ? 2.733   -8.546  -4.927  1.00 94.10  ? 15  DA  A C6    1 
ATOM   303 N  N6    . DA  A 1 15 ? 1.947   -8.238  -5.964  1.00 92.45  ? 15  DA  A N6    1 
ATOM   304 N  N1    . DA  A 1 15 ? 2.163   -8.877  -3.750  1.00 86.15  ? 15  DA  A N1    1 
ATOM   305 C  C2    . DA  A 1 15 ? 2.952   -9.183  -2.714  1.00 87.47  ? 15  DA  A C2    1 
ATOM   306 N  N3    . DA  A 1 15 ? 4.283   -9.213  -2.653  1.00 85.54  ? 15  DA  A N3    1 
ATOM   307 C  C4    . DA  A 1 15 ? 4.822   -8.877  -3.835  1.00 92.49  ? 15  DA  A C4    1 
ATOM   308 P  P     . DG  A 1 16 ? 10.151  -11.728 -1.444  1.00 97.90  ? 16  DG  A P     1 
ATOM   309 O  OP1   . DG  A 1 16 ? 11.606  -11.525 -1.271  1.00 107.06 ? 16  DG  A OP1   1 
ATOM   310 O  OP2   . DG  A 1 16 ? 9.663   -12.655 -2.489  1.00 83.95  ? 16  DG  A OP2   1 
ATOM   311 O  "O5'" . DG  A 1 16 ? 9.528   -12.176 -0.038  1.00 100.93 ? 16  DG  A "O5'" 1 
ATOM   312 C  "C5'" . DG  A 1 16 ? 8.314   -11.589 0.419   1.00 96.01  ? 16  DG  A "C5'" 1 
ATOM   313 C  "C4'" . DG  A 1 16 ? 7.225   -12.637 0.572   1.00 95.37  ? 16  DG  A "C4'" 1 
ATOM   314 O  "O4'" . DG  A 1 16 ? 6.107   -12.301 -0.296  1.00 90.84  ? 16  DG  A "O4'" 1 
ATOM   315 C  "C3'" . DG  A 1 16 ? 7.634   -14.064 0.191   1.00 90.32  ? 16  DG  A "C3'" 1 
ATOM   316 O  "O3'" . DG  A 1 16 ? 7.010   -14.998 1.067   1.00 88.57  ? 16  DG  A "O3'" 1 
ATOM   317 C  "C2'" . DG  A 1 16 ? 7.089   -14.191 -1.223  1.00 87.77  ? 16  DG  A "C2'" 1 
ATOM   318 C  "C1'" . DG  A 1 16 ? 5.790   -13.422 -1.087  1.00 84.81  ? 16  DG  A "C1'" 1 
ATOM   319 N  N9    . DG  A 1 16 ? 5.246   -12.973 -2.362  1.00 89.16  ? 16  DG  A N9    1 
ATOM   320 C  C8    . DG  A 1 16 ? 5.950   -12.668 -3.501  1.00 92.69  ? 16  DG  A C8    1 
ATOM   321 N  N7    . DG  A 1 16 ? 5.191   -12.306 -4.499  1.00 99.05  ? 16  DG  A N7    1 
ATOM   322 C  C5    . DG  A 1 16 ? 3.900   -12.381 -3.989  1.00 95.90  ? 16  DG  A C5    1 
ATOM   323 C  C6    . DG  A 1 16 ? 2.658   -12.104 -4.609  1.00 89.24  ? 16  DG  A C6    1 
ATOM   324 O  O6    . DG  A 1 16 ? 2.448   -11.725 -5.770  1.00 84.81  ? 16  DG  A O6    1 
ATOM   325 N  N1    . DG  A 1 16 ? 1.592   -12.309 -3.737  1.00 86.77  ? 16  DG  A N1    1 
ATOM   326 C  C2    . DG  A 1 16 ? 1.712   -12.726 -2.431  1.00 86.30  ? 16  DG  A C2    1 
ATOM   327 N  N2    . DG  A 1 16 ? 0.570   -12.867 -1.745  1.00 78.93  ? 16  DG  A N2    1 
ATOM   328 N  N3    . DG  A 1 16 ? 2.869   -12.988 -1.840  1.00 92.99  ? 16  DG  A N3    1 
ATOM   329 C  C4    . DG  A 1 16 ? 3.918   -12.794 -2.676  1.00 94.92  ? 16  DG  A C4    1 
ATOM   330 P  P     . DG  A 1 17 ? 7.520   -16.522 1.136   1.00 100.57 ? 17  DG  A P     1 
ATOM   331 O  OP1   . DG  A 1 17 ? 8.714   -16.548 2.010   1.00 98.61  ? 17  DG  A OP1   1 
ATOM   332 O  OP2   . DG  A 1 17 ? 7.597   -17.058 -0.242  1.00 78.72  ? 17  DG  A OP2   1 
ATOM   333 O  "O5'" . DG  A 1 17 ? 6.325   -17.296 1.865   1.00 98.23  ? 17  DG  A "O5'" 1 
ATOM   334 C  "C5'" . DG  A 1 17 ? 5.392   -16.580 2.664   1.00 91.41  ? 17  DG  A "C5'" 1 
ATOM   335 C  "C4'" . DG  A 1 17 ? 3.971   -16.840 2.193   1.00 89.07  ? 17  DG  A "C4'" 1 
ATOM   336 O  "O4'" . DG  A 1 17 ? 3.746   -16.164 0.927   1.00 87.07  ? 17  DG  A "O4'" 1 
ATOM   337 C  "C3'" . DG  A 1 17 ? 3.623   -18.317 1.961   1.00 87.22  ? 17  DG  A "C3'" 1 
ATOM   338 O  "O3'" . DG  A 1 17 ? 2.377   -18.630 2.572   1.00 93.48  ? 17  DG  A "O3'" 1 
ATOM   339 C  "C2'" . DG  A 1 17 ? 3.537   -18.427 0.440   1.00 84.00  ? 17  DG  A "C2'" 1 
ATOM   340 C  "C1'" . DG  A 1 17 ? 3.065   -17.037 0.061   1.00 83.64  ? 17  DG  A "C1'" 1 
ATOM   341 N  N9    . DG  A 1 17 ? 3.378   -16.682 -1.319  1.00 89.61  ? 17  DG  A N9    1 
ATOM   342 C  C8    . DG  A 1 17 ? 4.623   -16.622 -1.900  1.00 93.49  ? 17  DG  A C8    1 
ATOM   343 N  N7    . DG  A 1 17 ? 4.593   -16.288 -3.161  1.00 93.78  ? 17  DG  A N7    1 
ATOM   344 C  C5    . DG  A 1 17 ? 3.241   -16.121 -3.435  1.00 93.98  ? 17  DG  A C5    1 
ATOM   345 C  C6    . DG  A 1 17 ? 2.592   -15.758 -4.641  1.00 93.91  ? 17  DG  A C6    1 
ATOM   346 O  O6    . DG  A 1 17 ? 3.101   -15.504 -5.742  1.00 93.03  ? 17  DG  A O6    1 
ATOM   347 N  N1    . DG  A 1 17 ? 1.208   -15.703 -4.484  1.00 93.96  ? 17  DG  A N1    1 
ATOM   348 C  C2    . DG  A 1 17 ? 0.538   -15.965 -3.312  1.00 93.30  ? 17  DG  A C2    1 
ATOM   349 N  N2    . DG  A 1 17 ? -0.798  -15.861 -3.355  1.00 87.41  ? 17  DG  A N2    1 
ATOM   350 N  N3    . DG  A 1 17 ? 1.134   -16.305 -2.177  1.00 95.32  ? 17  DG  A N3    1 
ATOM   351 C  C4    . DG  A 1 17 ? 2.481   -16.362 -2.312  1.00 94.56  ? 17  DG  A C4    1 
ATOM   352 P  P     . DA  A 1 18 ? 1.800   -20.131 2.520   1.00 105.33 ? 18  DA  A P     1 
ATOM   353 O  OP1   . DA  A 1 18 ? 1.143   -20.389 3.820   1.00 98.62  ? 18  DA  A OP1   1 
ATOM   354 O  OP2   . DA  A 1 18 ? 2.881   -21.032 2.059   1.00 108.21 ? 18  DA  A OP2   1 
ATOM   355 O  "O5'" . DA  A 1 18 ? 0.678   -20.076 1.378   1.00 86.80  ? 18  DA  A "O5'" 1 
ATOM   356 C  "C5'" . DA  A 1 18 ? -0.519  -19.333 1.594   1.00 91.09  ? 18  DA  A "C5'" 1 
ATOM   357 C  "C4'" . DA  A 1 18 ? -1.356  -19.264 0.328   1.00 94.61  ? 18  DA  A "C4'" 1 
ATOM   358 O  "O4'" . DA  A 1 18 ? -0.560  -18.712 -0.753  1.00 95.12  ? 18  DA  A "O4'" 1 
ATOM   359 C  "C3'" . DA  A 1 18 ? -1.892  -20.611 -0.174  1.00 92.22  ? 18  DA  A "C3'" 1 
ATOM   360 O  "O3'" . DA  A 1 18 ? -3.286  -20.511 -0.460  1.00 91.00  ? 18  DA  A "O3'" 1 
ATOM   361 C  "C2'" . DA  A 1 18 ? -1.080  -20.870 -1.442  1.00 87.82  ? 18  DA  A "C2'" 1 
ATOM   362 C  "C1'" . DA  A 1 18 ? -0.796  -19.458 -1.921  1.00 91.30  ? 18  DA  A "C1'" 1 
ATOM   363 N  N9    . DA  A 1 18 ? 0.379   -19.371 -2.780  1.00 91.74  ? 18  DA  A N9    1 
ATOM   364 C  C8    . DA  A 1 18 ? 1.682   -19.554 -2.412  1.00 97.23  ? 18  DA  A C8    1 
ATOM   365 N  N7    . DA  A 1 18 ? 2.534   -19.427 -3.402  1.00 101.25 ? 18  DA  A N7    1 
ATOM   366 C  C5    . DA  A 1 18 ? 1.732   -19.144 -4.496  1.00 96.73  ? 18  DA  A C5    1 
ATOM   367 C  C6    . DA  A 1 18 ? 2.028   -18.898 -5.852  1.00 97.08  ? 18  DA  A C6    1 
ATOM   368 N  N6    . DA  A 1 18 ? 3.271   -18.902 -6.346  1.00 99.92  ? 18  DA  A N6    1 
ATOM   369 N  N1    . DA  A 1 18 ? 0.993   -18.650 -6.682  1.00 88.85  ? 18  DA  A N1    1 
ATOM   370 C  C2    . DA  A 1 18 ? -0.249  -18.649 -6.183  1.00 88.95  ? 18  DA  A C2    1 
ATOM   371 N  N3    . DA  A 1 18 ? -0.650  -18.867 -4.931  1.00 90.63  ? 18  DA  A N3    1 
ATOM   372 C  C4    . DA  A 1 18 ? 0.400   -19.109 -4.130  1.00 92.28  ? 18  DA  A C4    1 
ATOM   373 P  P     . DC  A 1 19 ? -4.274  -21.731 -0.113  1.00 102.33 ? 19  DC  A P     1 
ATOM   374 O  OP1   . DC  A 1 19 ? -5.366  -21.188 0.726   1.00 112.53 ? 19  DC  A OP1   1 
ATOM   375 O  OP2   . DC  A 1 19 ? -3.455  -22.858 0.390   1.00 92.38  ? 19  DC  A OP2   1 
ATOM   376 O  "O5'" . DC  A 1 19 ? -4.887  -22.156 -1.530  1.00 80.94  ? 19  DC  A "O5'" 1 
ATOM   377 C  "C5'" . DC  A 1 19 ? -4.026  -22.538 -2.593  1.00 85.71  ? 19  DC  A "C5'" 1 
ATOM   378 C  "C4'" . DC  A 1 19 ? -4.415  -21.833 -3.880  1.00 91.81  ? 19  DC  A "C4'" 1 
ATOM   379 O  "O4'" . DC  A 1 19 ? -3.241  -21.199 -4.456  1.00 90.43  ? 19  DC  A "O4'" 1 
ATOM   380 C  "C3'" . DC  A 1 19 ? -4.968  -22.748 -4.970  1.00 94.75  ? 19  DC  A "C3'" 1 
ATOM   381 O  "O3'" . DC  A 1 19 ? -5.932  -22.048 -5.764  1.00 87.18  ? 19  DC  A "O3'" 1 
ATOM   382 C  "C2'" . DC  A 1 19 ? -3.719  -23.084 -5.773  1.00 91.71  ? 19  DC  A "C2'" 1 
ATOM   383 C  "C1'" . DC  A 1 19 ? -2.966  -21.762 -5.723  1.00 89.46  ? 19  DC  A "C1'" 1 
ATOM   384 N  N1    . DC  A 1 19 ? -1.494  -21.918 -5.864  1.00 86.30  ? 19  DC  A N1    1 
ATOM   385 C  C2    . DC  A 1 19 ? -0.904  -21.798 -7.125  1.00 88.93  ? 19  DC  A C2    1 
ATOM   386 O  O2    . DC  A 1 19 ? -1.621  -21.558 -8.106  1.00 86.08  ? 19  DC  A O2    1 
ATOM   387 N  N3    . DC  A 1 19 ? 0.439   -21.945 -7.238  1.00 96.36  ? 19  DC  A N3    1 
ATOM   388 C  C4    . DC  A 1 19 ? 1.175   -22.204 -6.156  1.00 94.75  ? 19  DC  A C4    1 
ATOM   389 N  N4    . DC  A 1 19 ? 2.496   -22.342 -6.318  1.00 97.07  ? 19  DC  A N4    1 
ATOM   390 C  C5    . DC  A 1 19 ? 0.592   -22.333 -4.863  1.00 89.87  ? 19  DC  A C5    1 
ATOM   391 C  C6    . DC  A 1 19 ? -0.734  -22.184 -4.764  1.00 90.59  ? 19  DC  A C6    1 
ATOM   392 P  P     . DT  A 1 20 ? -7.012  -22.860 -6.639  1.00 92.59  ? 20  DT  A P     1 
ATOM   393 O  OP1   . DT  A 1 20 ? -7.677  -21.889 -7.537  1.00 98.59  ? 20  DT  A OP1   1 
ATOM   394 O  OP2   . DT  A 1 20 ? -7.829  -23.671 -5.709  1.00 105.38 ? 20  DT  A OP2   1 
ATOM   395 O  "O5'" . DT  A 1 20 ? -6.126  -23.857 -7.526  1.00 89.32  ? 20  DT  A "O5'" 1 
ATOM   396 C  "C5'" . DT  A 1 20 ? -6.727  -24.633 -8.561  1.00 93.65  ? 20  DT  A "C5'" 1 
ATOM   397 C  "C4'" . DT  A 1 20 ? -6.453  -24.016 -9.922  1.00 95.65  ? 20  DT  A "C4'" 1 
ATOM   398 O  "O4'" . DT  A 1 20 ? -5.120  -23.443 -9.937  1.00 95.57  ? 20  DT  A "O4'" 1 
ATOM   399 C  "C3'" . DT  A 1 20 ? -6.461  -24.987 -11.090 1.00 97.78  ? 20  DT  A "C3'" 1 
ATOM   400 O  "O3'" . DT  A 1 20 ? -6.696  -24.251 -12.284 1.00 92.57  ? 20  DT  A "O3'" 1 
ATOM   401 C  "C2'" . DT  A 1 20 ? -5.031  -25.513 -11.040 1.00 101.40 ? 20  DT  A "C2'" 1 
ATOM   402 C  "C1'" . DT  A 1 20 ? -4.282  -24.212 -10.788 1.00 102.98 ? 20  DT  A "C1'" 1 
ATOM   403 N  N1    . DT  A 1 20 ? -2.955  -24.358 -10.118 1.00 101.63 ? 20  DT  A N1    1 
ATOM   404 C  C2    . DT  A 1 20 ? -1.846  -23.801 -10.710 1.00 100.24 ? 20  DT  A C2    1 
ATOM   405 O  O2    . DT  A 1 20 ? -1.882  -23.214 -11.778 1.00 105.79 ? 20  DT  A O2    1 
ATOM   406 N  N3    . DT  A 1 20 ? -0.681  -23.957 -10.008 1.00 95.18  ? 20  DT  A N3    1 
ATOM   407 C  C4    . DT  A 1 20 ? -0.516  -24.593 -8.793  1.00 95.67  ? 20  DT  A C4    1 
ATOM   408 O  O4    . DT  A 1 20 ? 0.577   -24.682 -8.242  1.00 100.13 ? 20  DT  A O4    1 
ATOM   409 C  C5    . DT  A 1 20 ? -1.719  -25.148 -8.220  1.00 92.83  ? 20  DT  A C5    1 
ATOM   410 C  C7    . DT  A 1 20 ? -1.663  -25.866 -6.903  1.00 97.11  ? 20  DT  A C7    1 
ATOM   411 C  C6    . DT  A 1 20 ? -2.869  -25.000 -8.899  1.00 95.46  ? 20  DT  A C6    1 
ATOM   412 P  P     . DC  A 1 21 ? -7.205  -24.984 -13.619 1.00 103.94 ? 21  DC  A P     1 
ATOM   413 O  OP1   . DC  A 1 21 ? -8.529  -24.409 -13.951 1.00 110.69 ? 21  DC  A OP1   1 
ATOM   414 O  OP2   . DC  A 1 21 ? -7.060  -26.444 -13.426 1.00 103.75 ? 21  DC  A OP2   1 
ATOM   415 O  "O5'" . DC  A 1 21 ? -6.156  -24.512 -14.734 1.00 112.91 ? 21  DC  A "O5'" 1 
ATOM   416 C  "C5'" . DC  A 1 21 ? -4.796  -24.268 -14.379 1.00 108.44 ? 21  DC  A "C5'" 1 
ATOM   417 C  "C4'" . DC  A 1 21 ? -3.868  -25.238 -15.086 1.00 106.15 ? 21  DC  A "C4'" 1 
ATOM   418 O  "O4'" . DC  A 1 21 ? -2.792  -25.621 -14.188 1.00 103.99 ? 21  DC  A "O4'" 1 
ATOM   419 C  "C3'" . DC  A 1 21 ? -4.526  -26.542 -15.544 1.00 112.24 ? 21  DC  A "C3'" 1 
ATOM   420 O  "O3'" . DC  A 1 21 ? -4.077  -26.880 -16.850 1.00 112.33 ? 21  DC  A "O3'" 1 
ATOM   421 C  "C2'" . DC  A 1 21 ? -4.052  -27.558 -14.506 1.00 106.06 ? 21  DC  A "C2'" 1 
ATOM   422 C  "C1'" . DC  A 1 21 ? -2.668  -27.026 -14.178 1.00 109.27 ? 21  DC  A "C1'" 1 
ATOM   423 N  N1    . DC  A 1 21 ? -2.161  -27.453 -12.840 1.00 104.93 ? 21  DC  A N1    1 
ATOM   424 C  C2    . DC  A 1 21 ? -0.854  -27.128 -12.458 1.00 103.77 ? 21  DC  A C2    1 
ATOM   425 O  O2    . DC  A 1 21 ? -0.139  -26.484 -13.237 1.00 105.60 ? 21  DC  A O2    1 
ATOM   426 N  N3    . DC  A 1 21 ? -0.409  -27.525 -11.241 1.00 99.08  ? 21  DC  A N3    1 
ATOM   427 C  C4    . DC  A 1 21 ? -1.210  -28.217 -10.429 1.00 97.52  ? 21  DC  A C4    1 
ATOM   428 N  N4    . DC  A 1 21 ? -0.725  -28.587 -9.238  1.00 97.98  ? 21  DC  A N4    1 
ATOM   429 C  C5    . DC  A 1 21 ? -2.543  -28.560 -10.802 1.00 99.77  ? 21  DC  A C5    1 
ATOM   430 C  C6    . DC  A 1 21 ? -2.972  -28.164 -12.005 1.00 101.35 ? 21  DC  A C6    1 
ATOM   431 P  P     . DT  B 2 1  ? -8.510  -8.585  0.034   1.00 107.24 ? 0   DT  B P     1 
ATOM   432 O  OP1   . DT  B 2 1  ? -9.798  -8.899  -0.624  1.00 90.33  ? 0   DT  B OP1   1 
ATOM   433 O  OP2   . DT  B 2 1  ? -8.189  -9.174  1.356   1.00 110.37 ? 0   DT  B OP2   1 
ATOM   434 O  "O5'" . DT  B 2 1  ? -7.316  -8.907  -0.984  1.00 79.72  ? 0   DT  B "O5'" 1 
ATOM   435 C  "C5'" . DT  B 2 1  ? -5.994  -8.488  -0.680  1.00 83.46  ? 0   DT  B "C5'" 1 
ATOM   436 C  "C4'" . DT  B 2 1  ? -5.259  -9.562  0.099   1.00 80.72  ? 0   DT  B "C4'" 1 
ATOM   437 O  "O4'" . DT  B 2 1  ? -4.578  -10.439 -0.822  1.00 81.00  ? 0   DT  B "O4'" 1 
ATOM   438 C  "C3'" . DT  B 2 1  ? -4.220  -9.040  1.083   1.00 78.30  ? 0   DT  B "C3'" 1 
ATOM   439 O  "O3'" . DT  B 2 1  ? -4.703  -9.214  2.402   1.00 73.57  ? 0   DT  B "O3'" 1 
ATOM   440 C  "C2'" . DT  B 2 1  ? -2.980  -9.900  0.842   1.00 84.76  ? 0   DT  B "C2'" 1 
ATOM   441 C  "C1'" . DT  B 2 1  ? -3.198  -10.495 -0.544  1.00 87.14  ? 0   DT  B "C1'" 1 
ATOM   442 N  N1    . DT  B 2 1  ? -2.448  -9.817  -1.673  1.00 83.43  ? 0   DT  B N1    1 
ATOM   443 C  C2    . DT  B 2 1  ? -1.071  -9.687  -1.614  1.00 82.82  ? 0   DT  B C2    1 
ATOM   444 O  O2    . DT  B 2 1  ? -0.393  -10.061 -0.673  1.00 86.07  ? 0   DT  B O2    1 
ATOM   445 N  N3    . DT  B 2 1  ? -0.510  -9.081  -2.712  1.00 88.33  ? 0   DT  B N3    1 
ATOM   446 C  C4    . DT  B 2 1  ? -1.164  -8.615  -3.838  1.00 94.67  ? 0   DT  B C4    1 
ATOM   447 O  O4    . DT  B 2 1  ? -0.568  -8.085  -4.772  1.00 91.65  ? 0   DT  B O4    1 
ATOM   448 C  C5    . DT  B 2 1  ? -2.595  -8.797  -3.838  1.00 90.33  ? 0   DT  B C5    1 
ATOM   449 C  C7    . DT  B 2 1  ? -3.415  -8.334  -5.006  1.00 89.87  ? 0   DT  B C7    1 
ATOM   450 C  C6    . DT  B 2 1  ? -3.159  -9.387  -2.773  1.00 83.19  ? 0   DT  B C6    1 
ATOM   451 P  P     . DC  B 2 2  ? -5.014  -7.941  3.327   1.00 93.11  ? 1   DC  B P     1 
ATOM   452 O  OP1   . DC  B 2 2  ? -6.015  -8.363  4.334   1.00 100.14 ? 1   DC  B OP1   1 
ATOM   453 O  OP2   . DC  B 2 2  ? -5.284  -6.795  2.427   1.00 80.97  ? 1   DC  B OP2   1 
ATOM   454 O  "O5'" . DC  B 2 2  ? -3.629  -7.655  4.071   1.00 92.59  ? 1   DC  B "O5'" 1 
ATOM   455 C  "C5'" . DC  B 2 2  ? -2.723  -8.720  4.322   1.00 84.13  ? 1   DC  B "C5'" 1 
ATOM   456 C  "C4'" . DC  B 2 2  ? -1.306  -8.269  4.045   1.00 84.02  ? 1   DC  B "C4'" 1 
ATOM   457 O  "O4'" . DC  B 2 2  ? -1.080  -8.252  2.627   1.00 77.98  ? 1   DC  B "O4'" 1 
ATOM   458 C  "C3'" . DC  B 2 2  ? -1.000  -6.856  4.516   1.00 86.92  ? 1   DC  B "C3'" 1 
ATOM   459 O  "O3'" . DC  B 2 2  ? -0.347  -6.902  5.772   1.00 95.07  ? 1   DC  B "O3'" 1 
ATOM   460 C  "C2'" . DC  B 2 2  ? -0.087  -6.272  3.425   1.00 81.57  ? 1   DC  B "C2'" 1 
ATOM   461 C  "C1'" . DC  B 2 2  ? -0.045  -7.350  2.343   1.00 78.64  ? 1   DC  B "C1'" 1 
ATOM   462 N  N1    . DC  B 2 2  ? -0.249  -6.818  0.964   1.00 83.06  ? 1   DC  B N1    1 
ATOM   463 C  C2    . DC  B 2 2  ? 0.854   -6.388  0.214   1.00 91.53  ? 1   DC  B C2    1 
ATOM   464 O  O2    . DC  B 2 2  ? 1.986   -6.455  0.711   1.00 93.24  ? 1   DC  B O2    1 
ATOM   465 N  N3    . DC  B 2 2  ? 0.649   -5.908  -1.038  1.00 89.42  ? 1   DC  B N3    1 
ATOM   466 C  C4    . DC  B 2 2  ? -0.588  -5.852  -1.537  1.00 87.75  ? 1   DC  B C4    1 
ATOM   467 N  N4    . DC  B 2 2  ? -0.743  -5.373  -2.775  1.00 83.71  ? 1   DC  B N4    1 
ATOM   468 C  C5    . DC  B 2 2  ? -1.722  -6.287  -0.788  1.00 87.47  ? 1   DC  B C5    1 
ATOM   469 C  C6    . DC  B 2 2  ? -1.508  -6.755  0.445   1.00 81.76  ? 1   DC  B C6    1 
ATOM   470 P  P     . DG  B 2 3  ? -0.091  -5.548  6.598   1.00 117.07 ? 2   DG  B P     1 
ATOM   471 O  OP1   . DG  B 2 3  ? 0.086   -5.920  8.020   1.00 118.56 ? 2   DG  B OP1   1 
ATOM   472 O  OP2   . DG  B 2 3  ? -1.149  -4.587  6.214   1.00 109.82 ? 2   DG  B OP2   1 
ATOM   473 O  "O5'" . DG  B 2 3  ? 1.302   -5.013  6.026   1.00 88.62  ? 2   DG  B "O5'" 1 
ATOM   474 C  "C5'" . DG  B 2 3  ? 2.399   -5.905  5.906   1.00 90.51  ? 2   DG  B "C5'" 1 
ATOM   475 C  "C4'" . DG  B 2 3  ? 3.534   -5.273  5.122   1.00 99.37  ? 2   DG  B "C4'" 1 
ATOM   476 O  "O4'" . DG  B 2 3  ? 3.167   -5.153  3.721   1.00 96.57  ? 2   DG  B "O4'" 1 
ATOM   477 C  "C3'" . DG  B 2 3  ? 3.936   -3.869  5.577   1.00 103.21 ? 2   DG  B "C3'" 1 
ATOM   478 O  "O3'" . DG  B 2 3  ? 5.353   -3.781  5.633   1.00 111.84 ? 2   DG  B "O3'" 1 
ATOM   479 C  "C2'" . DG  B 2 3  ? 3.353   -2.967  4.488   1.00 95.77  ? 2   DG  B "C2'" 1 
ATOM   480 C  "C1'" . DG  B 2 3  ? 3.480   -3.856  3.267   1.00 90.69  ? 2   DG  B "C1'" 1 
ATOM   481 N  N9    . DG  B 2 3  ? 2.560   -3.517  2.183   1.00 88.65  ? 2   DG  B N9    1 
ATOM   482 C  C8    . DG  B 2 3  ? 1.188   -3.497  2.243   1.00 88.64  ? 2   DG  B C8    1 
ATOM   483 N  N7    . DG  B 2 3  ? 0.624   -3.177  1.113   1.00 86.89  ? 2   DG  B N7    1 
ATOM   484 C  C5    . DG  B 2 3  ? 1.687   -2.974  0.244   1.00 85.60  ? 2   DG  B C5    1 
ATOM   485 C  C6    . DG  B 2 3  ? 1.688   -2.606  -1.119  1.00 86.38  ? 2   DG  B C6    1 
ATOM   486 O  O6    . DG  B 2 3  ? 0.717   -2.379  -1.855  1.00 88.01  ? 2   DG  B O6    1 
ATOM   487 N  N1    . DG  B 2 3  ? 2.982   -2.507  -1.627  1.00 88.95  ? 2   DG  B N1    1 
ATOM   488 C  C2    . DG  B 2 3  ? 4.128   -2.737  -0.901  1.00 94.92  ? 2   DG  B C2    1 
ATOM   489 N  N2    . DG  B 2 3  ? 5.287   -2.591  -1.563  1.00 92.78  ? 2   DG  B N2    1 
ATOM   490 N  N3    . DG  B 2 3  ? 4.140   -3.083  0.380   1.00 90.99  ? 2   DG  B N3    1 
ATOM   491 C  C4    . DG  B 2 3  ? 2.888   -3.184  0.889   1.00 87.15  ? 2   DG  B C4    1 
ATOM   492 P  P     . DT  B 2 4  ? 6.076   -2.392  5.995   1.00 127.65 ? 3   DT  B P     1 
ATOM   493 O  OP1   . DT  B 2 4  ? 7.316   -2.724  6.733   1.00 126.11 ? 3   DT  B OP1   1 
ATOM   494 O  OP2   . DT  B 2 4  ? 5.077   -1.492  6.618   1.00 118.83 ? 3   DT  B OP2   1 
ATOM   495 O  "O5'" . DT  B 2 4  ? 6.479   -1.792  4.567   1.00 111.10 ? 3   DT  B "O5'" 1 
ATOM   496 C  "C5'" . DT  B 2 4  ? 7.260   -0.607  4.487   1.00 105.57 ? 3   DT  B "C5'" 1 
ATOM   497 C  "C4'" . DT  B 2 4  ? 7.921   -0.484  3.128   1.00 92.90  ? 3   DT  B "C4'" 1 
ATOM   498 O  "O4'" . DT  B 2 4  ? 6.958   -0.820  2.089   1.00 90.71  ? 3   DT  B "O4'" 1 
ATOM   499 C  "C3'" . DT  B 2 4  ? 8.403   0.916   2.782   1.00 90.67  ? 3   DT  B "C3'" 1 
ATOM   500 O  "O3'" . DT  B 2 4  ? 9.488   0.841   1.856   1.00 98.26  ? 3   DT  B "O3'" 1 
ATOM   501 C  "C2'" . DT  B 2 4  ? 7.160   1.511   2.138   1.00 89.48  ? 3   DT  B "C2'" 1 
ATOM   502 C  "C1'" . DT  B 2 4  ? 6.687   0.328   1.308   1.00 88.89  ? 3   DT  B "C1'" 1 
ATOM   503 N  N1    . DT  B 2 4  ? 5.228   0.350   0.978   1.00 87.66  ? 3   DT  B N1    1 
ATOM   504 C  C2    . DT  B 2 4  ? 4.834   0.573   -0.322  1.00 87.32  ? 3   DT  B C2    1 
ATOM   505 O  O2    . DT  B 2 4  ? 5.618   0.767   -1.234  1.00 83.58  ? 3   DT  B O2    1 
ATOM   506 N  N3    . DT  B 2 4  ? 3.478   0.563   -0.520  1.00 92.87  ? 3   DT  B N3    1 
ATOM   507 C  C4    . DT  B 2 4  ? 2.496   0.355   0.431   1.00 89.33  ? 3   DT  B C4    1 
ATOM   508 O  O4    . DT  B 2 4  ? 1.300   0.365   0.153   1.00 82.25  ? 3   DT  B O4    1 
ATOM   509 C  C5    . DT  B 2 4  ? 2.975   0.124   1.773   1.00 87.43  ? 3   DT  B C5    1 
ATOM   510 C  C7    . DT  B 2 4  ? 2.001   -0.112  2.887   1.00 88.43  ? 3   DT  B C7    1 
ATOM   511 C  C6    . DT  B 2 4  ? 4.302   0.130   1.980   1.00 88.52  ? 3   DT  B C6    1 
ATOM   512 P  P     . DC  B 2 5  ? 10.550  2.043   1.744   1.00 109.55 ? 4   DC  B P     1 
ATOM   513 O  OP1   . DC  B 2 5  ? 11.895  1.477   1.990   1.00 109.62 ? 4   DC  B OP1   1 
ATOM   514 O  OP2   . DC  B 2 5  ? 10.062  3.156   2.589   1.00 100.61 ? 4   DC  B OP2   1 
ATOM   515 O  "O5'" . DC  B 2 5  ? 10.462  2.499   0.209   1.00 97.18  ? 4   DC  B "O5'" 1 
ATOM   516 C  "C5'" . DC  B 2 5  ? 9.255   2.313   -0.520  1.00 89.80  ? 4   DC  B "C5'" 1 
ATOM   517 C  "C4'" . DC  B 2 5  ? 9.175   3.256   -1.704  1.00 90.81  ? 4   DC  B "C4'" 1 
ATOM   518 O  "O4'" . DC  B 2 5  ? 7.783   3.419   -2.078  1.00 98.42  ? 4   DC  B "O4'" 1 
ATOM   519 C  "C3'" . DC  B 2 5  ? 9.651   4.668   -1.432  1.00 90.26  ? 4   DC  B "C3'" 1 
ATOM   520 O  "O3'" . DC  B 2 5  ? 9.906   5.328   -2.668  1.00 91.09  ? 4   DC  B "O3'" 1 
ATOM   521 C  "C2'" . DC  B 2 5  ? 8.430   5.254   -0.742  1.00 90.56  ? 4   DC  B "C2'" 1 
ATOM   522 C  "C1'" . DC  B 2 5  ? 7.311   4.670   -1.601  1.00 90.26  ? 4   DC  B "C1'" 1 
ATOM   523 N  N1    . DC  B 2 5  ? 6.042   4.444   -0.860  1.00 85.95  ? 4   DC  B N1    1 
ATOM   524 C  C2    . DC  B 2 5  ? 4.827   4.458   -1.551  1.00 81.23  ? 4   DC  B C2    1 
ATOM   525 O  O2    . DC  B 2 5  ? 4.830   4.661   -2.770  1.00 86.35  ? 4   DC  B O2    1 
ATOM   526 N  N3    . DC  B 2 5  ? 3.678   4.246   -0.862  1.00 80.73  ? 4   DC  B N3    1 
ATOM   527 C  C4    . DC  B 2 5  ? 3.720   4.032   0.453   1.00 86.33  ? 4   DC  B C4    1 
ATOM   528 N  N4    . DC  B 2 5  ? 2.563   3.828   1.090   1.00 85.91  ? 4   DC  B N4    1 
ATOM   529 C  C5    . DC  B 2 5  ? 4.950   4.016   1.173   1.00 87.46  ? 4   DC  B C5    1 
ATOM   530 C  C6    . DC  B 2 5  ? 6.074   4.228   0.484   1.00 85.87  ? 4   DC  B C6    1 
ATOM   531 P  P     . DA  B 2 6  ? 11.306  6.073   -2.925  1.00 96.17  ? 5   DA  B P     1 
ATOM   532 O  OP1   . DA  B 2 6  ? 11.847  5.551   -4.200  1.00 93.16  ? 5   DA  B OP1   1 
ATOM   533 O  OP2   . DA  B 2 6  ? 12.106  5.974   -1.682  1.00 104.24 ? 5   DA  B OP2   1 
ATOM   534 O  "O5'" . DA  B 2 6  ? 10.897  7.608   -3.142  1.00 90.12  ? 5   DA  B "O5'" 1 
ATOM   535 C  "C5'" . DA  B 2 6  ? 9.815   8.174   -2.404  1.00 96.96  ? 5   DA  B "C5'" 1 
ATOM   536 C  "C4'" . DA  B 2 6  ? 8.563   8.260   -3.264  1.00 86.38  ? 5   DA  B "C4'" 1 
ATOM   537 O  "O4'" . DA  B 2 6  ? 7.466   7.581   -2.600  1.00 78.12  ? 5   DA  B "O4'" 1 
ATOM   538 C  "C3'" . DA  B 2 6  ? 8.069   9.676   -3.551  1.00 76.32  ? 5   DA  B "C3'" 1 
ATOM   539 O  "O3'" . DA  B 2 6  ? 7.607   9.761   -4.890  1.00 72.77  ? 5   DA  B "O3'" 1 
ATOM   540 C  "C2'" . DA  B 2 6  ? 6.926   9.848   -2.552  1.00 74.51  ? 5   DA  B "C2'" 1 
ATOM   541 C  "C1'" . DA  B 2 6  ? 6.354   8.441   -2.525  1.00 78.89  ? 5   DA  B "C1'" 1 
ATOM   542 N  N9    . DA  B 2 6  ? 5.601   8.123   -1.313  1.00 80.36  ? 5   DA  B N9    1 
ATOM   543 C  C8    . DA  B 2 6  ? 6.101   7.921   -0.055  1.00 78.59  ? 5   DA  B C8    1 
ATOM   544 N  N7    . DA  B 2 6  ? 5.183   7.638   0.840   1.00 77.19  ? 5   DA  B N7    1 
ATOM   545 C  C5    . DA  B 2 6  ? 3.999   7.650   0.119   1.00 83.48  ? 5   DA  B C5    1 
ATOM   546 C  C6    . DA  B 2 6  ? 2.657   7.424   0.489   1.00 83.61  ? 5   DA  B C6    1 
ATOM   547 N  N6    . DA  B 2 6  ? 2.277   7.130   1.736   1.00 85.40  ? 5   DA  B N6    1 
ATOM   548 N  N1    . DA  B 2 6  ? 1.720   7.513   -0.477  1.00 81.09  ? 5   DA  B N1    1 
ATOM   549 C  C2    . DA  B 2 6  ? 2.103   7.807   -1.725  1.00 80.53  ? 5   DA  B C2    1 
ATOM   550 N  N3    . DA  B 2 6  ? 3.329   8.039   -2.192  1.00 83.68  ? 5   DA  B N3    1 
ATOM   551 C  C4    . DA  B 2 6  ? 4.240   7.945   -1.210  1.00 86.86  ? 5   DA  B C4    1 
ATOM   552 O  "O5'" . DT  C 3 1  ? 2.791   -35.401 -4.110  1.00 119.48 ? 1   DT  C "O5'" 1 
ATOM   553 C  "C5'" . DT  C 3 1  ? 3.954   -36.107 -3.694  1.00 118.69 ? 1   DT  C "C5'" 1 
ATOM   554 C  "C4'" . DT  C 3 1  ? 5.054   -35.998 -4.735  1.00 118.84 ? 1   DT  C "C4'" 1 
ATOM   555 O  "O4'" . DT  C 3 1  ? 4.501   -36.275 -6.052  1.00 114.98 ? 1   DT  C "O4'" 1 
ATOM   556 C  "C3'" . DT  C 3 1  ? 5.711   -34.623 -4.843  1.00 118.74 ? 1   DT  C "C3'" 1 
ATOM   557 O  "O3'" . DT  C 3 1  ? 7.088   -34.770 -5.185  1.00 123.57 ? 1   DT  C "O3'" 1 
ATOM   558 C  "C2'" . DT  C 3 1  ? 4.921   -33.973 -5.972  1.00 113.16 ? 1   DT  C "C2'" 1 
ATOM   559 C  "C1'" . DT  C 3 1  ? 4.708   -35.162 -6.895  1.00 111.81 ? 1   DT  C "C1'" 1 
ATOM   560 N  N1    . DT  C 3 1  ? 3.529   -35.015 -7.787  1.00 118.05 ? 1   DT  C N1    1 
ATOM   561 C  C2    . DT  C 3 1  ? 3.721   -34.635 -9.092  1.00 121.95 ? 1   DT  C C2    1 
ATOM   562 O  O2    . DT  C 3 1  ? 4.820   -34.408 -9.567  1.00 119.50 ? 1   DT  C O2    1 
ATOM   563 N  N3    . DT  C 3 1  ? 2.574   -34.523 -9.831  1.00 127.40 ? 1   DT  C N3    1 
ATOM   564 C  C4    . DT  C 3 1  ? 1.280   -34.751 -9.402  1.00 128.63 ? 1   DT  C C4    1 
ATOM   565 O  O4    . DT  C 3 1  ? 0.311   -34.624 -10.145 1.00 127.36 ? 1   DT  C O4    1 
ATOM   566 C  C5    . DT  C 3 1  ? 1.148   -35.148 -8.020  1.00 128.11 ? 1   DT  C C5    1 
ATOM   567 C  C7    . DT  C 3 1  ? -0.208  -35.423 -7.440  1.00 125.03 ? 1   DT  C C7    1 
ATOM   568 C  C6    . DT  C 3 1  ? 2.266   -35.259 -7.288  1.00 124.17 ? 1   DT  C C6    1 
ATOM   569 P  P     . DC  C 3 2  ? 8.108   -33.534 -5.036  1.00 130.03 ? 2   DC  C P     1 
ATOM   570 O  OP1   . DC  C 3 2  ? 9.158   -33.932 -4.073  1.00 122.45 ? 2   DC  C OP1   1 
ATOM   571 O  OP2   . DC  C 3 2  ? 7.321   -32.306 -4.790  1.00 130.06 ? 2   DC  C OP2   1 
ATOM   572 O  "O5'" . DC  C 3 2  ? 8.787   -33.424 -6.481  1.00 119.77 ? 2   DC  C "O5'" 1 
ATOM   573 C  "C5'" . DC  C 3 2  ? 7.972   -33.351 -7.643  1.00 112.22 ? 2   DC  C "C5'" 1 
ATOM   574 C  "C4'" . DC  C 3 2  ? 8.673   -32.587 -8.749  1.00 119.88 ? 2   DC  C "C4'" 1 
ATOM   575 O  "O4'" . DC  C 3 2  ? 7.737   -32.334 -9.821  1.00 120.45 ? 2   DC  C "O4'" 1 
ATOM   576 C  "C3'" . DC  C 3 2  ? 9.178   -31.214 -8.356  1.00 123.63 ? 2   DC  C "C3'" 1 
ATOM   577 O  "O3'" . DC  C 3 2  ? 10.211  -30.814 -9.250  1.00 128.03 ? 2   DC  C "O3'" 1 
ATOM   578 C  "C2'" . DC  C 3 2  ? 7.926   -30.357 -8.519  1.00 118.63 ? 2   DC  C "C2'" 1 
ATOM   579 C  "C1'" . DC  C 3 2  ? 7.243   -31.007 -9.726  1.00 119.63 ? 2   DC  C "C1'" 1 
ATOM   580 N  N1    . DC  C 3 2  ? 5.756   -31.074 -9.610  1.00 118.92 ? 2   DC  C N1    1 
ATOM   581 C  C2    . DC  C 3 2  ? 4.960   -30.835 -10.738 1.00 116.45 ? 2   DC  C C2    1 
ATOM   582 O  O2    . DC  C 3 2  ? 5.506   -30.564 -11.815 1.00 116.15 ? 2   DC  C O2    1 
ATOM   583 N  N3    . DC  C 3 2  ? 3.612   -30.909 -10.617 1.00 113.36 ? 2   DC  C N3    1 
ATOM   584 C  C4    . DC  C 3 2  ? 3.062   -31.205 -9.438  1.00 111.89 ? 2   DC  C C4    1 
ATOM   585 N  N4    . DC  C 3 2  ? 1.728   -31.264 -9.367  1.00 109.52 ? 2   DC  C N4    1 
ATOM   586 C  C5    . DC  C 3 2  ? 3.855   -31.451 -8.278  1.00 114.79 ? 2   DC  C C5    1 
ATOM   587 C  C6    . DC  C 3 2  ? 5.184   -31.378 -8.410  1.00 115.75 ? 2   DC  C C6    1 
ATOM   588 P  P     . DG  C 3 3  ? 10.921  -29.382 -9.086  1.00 139.19 ? 3   DG  C P     1 
ATOM   589 O  OP1   . DG  C 3 3  ? 12.300  -29.508 -9.606  1.00 137.53 ? 3   DG  C OP1   1 
ATOM   590 O  OP2   . DG  C 3 3  ? 10.702  -28.920 -7.698  1.00 123.56 ? 3   DG  C OP2   1 
ATOM   591 O  "O5'" . DG  C 3 3  ? 10.106  -28.438 -10.089 1.00 130.48 ? 3   DG  C "O5'" 1 
ATOM   592 C  "C5'" . DG  C 3 3  ? 9.969   -28.810 -11.457 1.00 126.61 ? 3   DG  C "C5'" 1 
ATOM   593 C  "C4'" . DG  C 3 3  ? 9.178   -27.766 -12.227 1.00 122.90 ? 3   DG  C "C4'" 1 
ATOM   594 O  "O4'" . DG  C 3 3  ? 7.755   -27.976 -12.026 1.00 123.58 ? 3   DG  C "O4'" 1 
ATOM   595 C  "C3'" . DG  C 3 3  ? 9.452   -26.317 -11.829 1.00 121.52 ? 3   DG  C "C3'" 1 
ATOM   596 O  "O3'" . DG  C 3 3  ? 9.479   -25.505 -12.987 1.00 123.09 ? 3   DG  C "O3'" 1 
ATOM   597 C  "C2'" . DG  C 3 3  ? 8.256   -25.974 -10.943 1.00 117.51 ? 3   DG  C "C2'" 1 
ATOM   598 C  "C1'" . DG  C 3 3  ? 7.156   -26.762 -11.631 1.00 117.66 ? 3   DG  C "C1'" 1 
ATOM   599 N  N9    . DG  C 3 3  ? 6.019   -27.070 -10.768 1.00 115.99 ? 3   DG  C N9    1 
ATOM   600 C  C8    . DG  C 3 3  ? 6.056   -27.401 -9.435  1.00 113.82 ? 3   DG  C C8    1 
ATOM   601 N  N7    . DG  C 3 3  ? 4.878   -27.634 -8.926  1.00 112.30 ? 3   DG  C N7    1 
ATOM   602 C  C5    . DG  C 3 3  ? 4.004   -27.449 -9.990  1.00 110.09 ? 3   DG  C C5    1 
ATOM   603 C  C6    . DG  C 3 3  ? 2.596   -27.563 -10.043 1.00 105.84 ? 3   DG  C C6    1 
ATOM   604 O  O6    . DG  C 3 3  ? 1.813   -27.861 -9.129  1.00 103.49 ? 3   DG  C O6    1 
ATOM   605 N  N1    . DG  C 3 3  ? 2.104   -27.291 -11.318 1.00 103.45 ? 3   DG  C N1    1 
ATOM   606 C  C2    . DG  C 3 3  ? 2.877   -26.950 -12.402 1.00 106.71 ? 3   DG  C C2    1 
ATOM   607 N  N2    . DG  C 3 3  ? 2.225   -26.724 -13.552 1.00 103.84 ? 3   DG  C N2    1 
ATOM   608 N  N3    . DG  C 3 3  ? 4.199   -26.840 -12.365 1.00 109.37 ? 3   DG  C N3    1 
ATOM   609 C  C4    . DG  C 3 3  ? 4.693   -27.102 -11.131 1.00 111.50 ? 3   DG  C C4    1 
ATOM   610 P  P     . DA  C 3 4  ? 10.346  -24.154 -13.013 1.00 130.19 ? 4   DA  C P     1 
ATOM   611 O  OP1   . DA  C 3 4  ? 11.731  -24.510 -13.396 1.00 132.63 ? 4   DA  C OP1   1 
ATOM   612 O  OP2   . DA  C 3 4  ? 10.095  -23.430 -11.747 1.00 122.34 ? 4   DA  C OP2   1 
ATOM   613 O  "O5'" . DA  C 3 4  ? 9.677   -23.311 -14.194 1.00 125.59 ? 4   DA  C "O5'" 1 
ATOM   614 C  "C5'" . DA  C 3 4  ? 9.063   -23.986 -15.285 1.00 123.47 ? 4   DA  C "C5'" 1 
ATOM   615 C  "C4'" . DA  C 3 4  ? 7.851   -23.220 -15.789 1.00 123.17 ? 4   DA  C "C4'" 1 
ATOM   616 O  "O4'" . DA  C 3 4  ? 6.689   -23.541 -14.981 1.00 121.08 ? 4   DA  C "O4'" 1 
ATOM   617 C  "C3'" . DA  C 3 4  ? 7.982   -21.704 -15.760 1.00 124.79 ? 4   DA  C "C3'" 1 
ATOM   618 O  "O3'" . DA  C 3 4  ? 7.325   -21.150 -16.891 1.00 127.99 ? 4   DA  C "O3'" 1 
ATOM   619 C  "C2'" . DA  C 3 4  ? 7.294   -21.317 -14.448 1.00 115.93 ? 4   DA  C "C2'" 1 
ATOM   620 C  "C1'" . DA  C 3 4  ? 6.216   -22.387 -14.308 1.00 117.19 ? 4   DA  C "C1'" 1 
ATOM   621 N  N9    . DA  C 3 4  ? 5.945   -22.762 -12.924 1.00 114.17 ? 4   DA  C N9    1 
ATOM   622 C  C8    . DA  C 3 4  ? 6.851   -22.857 -11.904 1.00 112.24 ? 4   DA  C C8    1 
ATOM   623 N  N7    . DA  C 3 4  ? 6.327   -23.233 -10.763 1.00 110.30 ? 4   DA  C N7    1 
ATOM   624 C  C5    . DA  C 3 4  ? 4.983   -23.404 -11.054 1.00 107.78 ? 4   DA  C C5    1 
ATOM   625 C  C6    . DA  C 3 4  ? 3.884   -23.797 -10.266 1.00 101.67 ? 4   DA  C C6    1 
ATOM   626 N  N6    . DA  C 3 4  ? 3.980   -24.101 -8.967  1.00 96.98  ? 4   DA  C N6    1 
ATOM   627 N  N1    . DA  C 3 4  ? 2.677   -23.866 -10.865 1.00 100.85 ? 4   DA  C N1    1 
ATOM   628 C  C2    . DA  C 3 4  ? 2.583   -23.561 -12.165 1.00 102.97 ? 4   DA  C C2    1 
ATOM   629 N  N3    . DA  C 3 4  ? 3.544   -23.179 -13.008 1.00 105.59 ? 4   DA  C N3    1 
ATOM   630 C  C4    . DA  C 3 4  ? 4.730   -23.121 -12.383 1.00 110.10 ? 4   DA  C C4    1 
ATOM   631 P  P     . DG  C 3 5  ? 7.170   -19.559 -17.049 1.00 131.28 ? 5   DG  C P     1 
ATOM   632 O  OP1   . DG  C 3 5  ? 7.136   -19.271 -18.500 1.00 129.83 ? 5   DG  C OP1   1 
ATOM   633 O  OP2   . DG  C 3 5  ? 8.184   -18.897 -16.198 1.00 118.20 ? 5   DG  C OP2   1 
ATOM   634 O  "O5'" . DG  C 3 5  ? 5.719   -19.266 -16.445 1.00 130.48 ? 5   DG  C "O5'" 1 
ATOM   635 C  "C5'" . DG  C 3 5  ? 4.608   -20.038 -16.887 1.00 120.17 ? 5   DG  C "C5'" 1 
ATOM   636 C  "C4'" . DG  C 3 5  ? 3.320   -19.570 -16.235 1.00 116.14 ? 5   DG  C "C4'" 1 
ATOM   637 O  "O4'" . DG  C 3 5  ? 3.205   -20.141 -14.907 1.00 118.54 ? 5   DG  C "O4'" 1 
ATOM   638 C  "C3'" . DG  C 3 5  ? 3.188   -18.052 -16.065 1.00 115.74 ? 5   DG  C "C3'" 1 
ATOM   639 O  "O3'" . DG  C 3 5  ? 1.936   -17.623 -16.584 1.00 119.74 ? 5   DG  C "O3'" 1 
ATOM   640 C  "C2'" . DG  C 3 5  ? 3.277   -17.847 -14.550 1.00 105.76 ? 5   DG  C "C2'" 1 
ATOM   641 C  "C1'" . DG  C 3 5  ? 2.718   -19.158 -14.030 1.00 112.59 ? 5   DG  C "C1'" 1 
ATOM   642 N  N9    . DG  C 3 5  ? 3.155   -19.489 -12.677 1.00 111.66 ? 5   DG  C N9    1 
ATOM   643 C  C8    . DG  C 3 5  ? 4.420   -19.360 -12.156 1.00 111.06 ? 5   DG  C C8    1 
ATOM   644 N  N7    . DG  C 3 5  ? 4.510   -19.745 -10.913 1.00 105.79 ? 5   DG  C N7    1 
ATOM   645 C  C5    . DG  C 3 5  ? 3.224   -20.157 -10.590 1.00 103.11 ? 5   DG  C C5    1 
ATOM   646 C  C6    . DG  C 3 5  ? 2.708   -20.676 -9.379  1.00 95.25  ? 5   DG  C C6    1 
ATOM   647 O  O6    . DG  C 3 5  ? 3.308   -20.883 -8.314  1.00 88.83  ? 5   DG  C O6    1 
ATOM   648 N  N1    . DG  C 3 5  ? 1.350   -20.966 -9.482  1.00 96.09  ? 5   DG  C N1    1 
ATOM   649 C  C2    . DG  C 3 5  ? 0.590   -20.778 -10.612 1.00 99.79  ? 5   DG  C C2    1 
ATOM   650 N  N2    . DG  C 3 5  ? -0.703  -21.108 -10.522 1.00 95.42  ? 5   DG  C N2    1 
ATOM   651 N  N3    . DG  C 3 5  ? 1.061   -20.293 -11.751 1.00 100.73 ? 5   DG  C N3    1 
ATOM   652 C  C4    . DG  C 3 5  ? 2.380   -20.006 -11.667 1.00 105.74 ? 5   DG  C C4    1 
ATOM   653 P  P     . DT  C 3 6  ? 1.530   -16.067 -16.584 1.00 122.89 ? 6   DT  C P     1 
ATOM   654 O  OP1   . DT  C 3 6  ? 0.970   -15.767 -17.919 1.00 117.23 ? 6   DT  C OP1   1 
ATOM   655 O  OP2   . DT  C 3 6  ? 2.666   -15.265 -16.078 1.00 120.03 ? 6   DT  C OP2   1 
ATOM   656 O  "O5'" . DT  C 3 6  ? 0.348   -15.990 -15.510 1.00 113.28 ? 6   DT  C "O5'" 1 
ATOM   657 C  "C5'" . DT  C 3 6  ? -0.761  -16.875 -15.616 1.00 105.46 ? 6   DT  C "C5'" 1 
ATOM   658 C  "C4'" . DT  C 3 6  ? -1.530  -16.927 -14.311 1.00 100.18 ? 6   DT  C "C4'" 1 
ATOM   659 O  "O4'" . DT  C 3 6  ? -0.663  -17.413 -13.265 1.00 98.06  ? 6   DT  C "O4'" 1 
ATOM   660 C  "C3'" . DT  C 3 6  ? -2.064  -15.574 -13.826 1.00 100.53 ? 6   DT  C "C3'" 1 
ATOM   661 O  "O3'" . DT  C 3 6  ? -3.488  -15.556 -13.877 1.00 105.05 ? 6   DT  C "O3'" 1 
ATOM   662 C  "C2'" . DT  C 3 6  ? -1.548  -15.440 -12.385 1.00 93.32  ? 6   DT  C "C2'" 1 
ATOM   663 C  "C1'" . DT  C 3 6  ? -1.063  -16.845 -12.050 1.00 93.10  ? 6   DT  C "C1'" 1 
ATOM   664 N  N1    . DT  C 3 6  ? 0.096   -16.843 -11.123 1.00 97.37  ? 6   DT  C N1    1 
ATOM   665 C  C2    . DT  C 3 6  ? -0.045  -17.374 -9.862  1.00 101.74 ? 6   DT  C C2    1 
ATOM   666 O  O2    . DT  C 3 6  ? -1.083  -17.870 -9.459  1.00 99.77  ? 6   DT  C O2    1 
ATOM   667 N  N3    . DT  C 3 6  ? 1.079   -17.309 -9.084  1.00 102.72 ? 6   DT  C N3    1 
ATOM   668 C  C4    . DT  C 3 6  ? 2.306   -16.772 -9.432  1.00 104.26 ? 6   DT  C C4    1 
ATOM   669 O  O4    . DT  C 3 6  ? 3.261   -16.760 -8.661  1.00 105.74 ? 6   DT  C O4    1 
ATOM   670 C  C5    . DT  C 3 6  ? 2.384   -16.226 -10.767 1.00 108.05 ? 6   DT  C C5    1 
ATOM   671 C  C7    . DT  C 3 6  ? 3.662   -15.615 -11.259 1.00 112.95 ? 6   DT  C C7    1 
ATOM   672 C  C6    . DT  C 3 6  ? 1.287   -16.284 -11.536 1.00 104.75 ? 6   DT  C C6    1 
ATOM   673 P  P     . DC  C 3 7  ? -4.299  -14.243 -13.418 1.00 93.68  ? 7   DC  C P     1 
ATOM   674 O  OP1   . DC  C 3 7  ? -5.571  -14.215 -14.174 1.00 97.27  ? 7   DC  C OP1   1 
ATOM   675 O  OP2   . DC  C 3 7  ? -3.376  -13.088 -13.497 1.00 95.87  ? 7   DC  C OP2   1 
ATOM   676 O  "O5'" . DC  C 3 7  ? -4.624  -14.513 -11.875 1.00 90.04  ? 7   DC  C "O5'" 1 
ATOM   677 C  "C5'" . DC  C 3 7  ? -5.344  -15.678 -11.502 1.00 89.65  ? 7   DC  C "C5'" 1 
ATOM   678 C  "C4'" . DC  C 3 7  ? -5.246  -15.924 -10.006 1.00 91.55  ? 7   DC  C "C4'" 1 
ATOM   679 O  "O4'" . DC  C 3 7  ? -3.864  -15.926 -9.598  1.00 93.29  ? 7   DC  C "O4'" 1 
ATOM   680 C  "C3'" . DC  C 3 7  ? -5.940  -14.879 -9.127  1.00 83.75  ? 7   DC  C "C3'" 1 
ATOM   681 O  "O3'" . DC  C 3 7  ? -7.094  -15.452 -8.518  1.00 86.79  ? 7   DC  C "O3'" 1 
ATOM   682 C  "C2'" . DC  C 3 7  ? -4.878  -14.476 -8.083  1.00 76.14  ? 7   DC  C "C2'" 1 
ATOM   683 C  "C1'" . DC  C 3 7  ? -3.807  -15.545 -8.250  1.00 86.41  ? 7   DC  C "C1'" 1 
ATOM   684 N  N1    . DC  C 3 7  ? -2.423  -15.074 -7.948  1.00 91.16  ? 7   DC  C N1    1 
ATOM   685 C  C2    . DC  C 3 7  ? -1.864  -15.328 -6.688  1.00 91.98  ? 7   DC  C C2    1 
ATOM   686 O  O2    . DC  C 3 7  ? -2.533  -15.935 -5.842  1.00 89.46  ? 7   DC  C O2    1 
ATOM   687 N  N3    . DC  C 3 7  ? -0.603  -14.901 -6.431  1.00 91.60  ? 7   DC  C N3    1 
ATOM   688 C  C4    . DC  C 3 7  ? 0.087   -14.252 -7.372  1.00 93.87  ? 7   DC  C C4    1 
ATOM   689 N  N4    . DC  C 3 7  ? 1.326   -13.849 -7.072  1.00 91.77  ? 7   DC  C N4    1 
ATOM   690 C  C5    . DC  C 3 7  ? -0.464  -13.985 -8.661  1.00 95.29  ? 7   DC  C C5    1 
ATOM   691 C  C6    . DC  C 3 7  ? -1.709  -14.411 -8.903  1.00 93.79  ? 7   DC  C C6    1 
ATOM   692 P  P     . DC  C 3 8  ? -8.008  -14.579 -7.527  1.00 93.92  ? 8   DC  C P     1 
ATOM   693 O  OP1   . DC  C 3 8  ? -9.377  -15.138 -7.573  1.00 92.71  ? 8   DC  C OP1   1 
ATOM   694 O  OP2   . DC  C 3 8  ? -7.797  -13.152 -7.854  1.00 90.64  ? 8   DC  C OP2   1 
ATOM   695 O  "O5'" . DC  C 3 8  ? -7.369  -14.850 -6.085  1.00 89.71  ? 8   DC  C "O5'" 1 
ATOM   696 C  "C5'" . DC  C 3 8  ? -7.165  -13.771 -5.180  1.00 81.68  ? 8   DC  C "C5'" 1 
ATOM   697 C  "C4'" . DC  C 3 8  ? -6.199  -14.171 -4.082  1.00 78.70  ? 8   DC  C "C4'" 1 
ATOM   698 O  "O4'" . DC  C 3 8  ? -4.834  -14.095 -4.584  1.00 92.09  ? 8   DC  C "O4'" 1 
ATOM   699 C  "C3'" . DC  C 3 8  ? -6.227  -13.276 -2.848  1.00 79.46  ? 8   DC  C "C3'" 1 
ATOM   700 O  "O3'" . DC  C 3 8  ? -5.917  -14.043 -1.690  1.00 84.22  ? 8   DC  C "O3'" 1 
ATOM   701 C  "C2'" . DC  C 3 8  ? -5.125  -12.280 -3.160  1.00 84.08  ? 8   DC  C "C2'" 1 
ATOM   702 C  "C1'" . DC  C 3 8  ? -4.095  -13.209 -3.768  1.00 89.73  ? 8   DC  C "C1'" 1 
ATOM   703 N  N1    . DC  C 3 8  ? -3.080  -12.510 -4.594  1.00 83.05  ? 8   DC  C N1    1 
ATOM   704 C  C2    . DC  C 3 8  ? -1.830  -12.230 -4.040  1.00 82.61  ? 8   DC  C C2    1 
ATOM   705 O  O2    . DC  C 3 8  ? -1.592  -12.576 -2.878  1.00 86.93  ? 8   DC  C O2    1 
ATOM   706 N  N3    . DC  C 3 8  ? -0.906  -11.586 -4.798  1.00 89.18  ? 8   DC  C N3    1 
ATOM   707 C  C4    . DC  C 3 8  ? -1.205  -11.229 -6.047  1.00 94.94  ? 8   DC  C C4    1 
ATOM   708 N  N4    . DC  C 3 8  ? -0.262  -10.596 -6.757  1.00 98.38  ? 8   DC  C N4    1 
ATOM   709 C  C5    . DC  C 3 8  ? -2.477  -11.505 -6.626  1.00 91.31  ? 8   DC  C C5    1 
ATOM   710 C  C6    . DC  C 3 8  ? -3.378  -12.140 -5.869  1.00 85.52  ? 8   DC  C C6    1 
ATOM   711 P  P     . DG  D 4 1  ? 6.583   14.544  0.497   1.00 73.62  ? 10  DG  D P     1 
ATOM   712 O  OP1   . DG  D 4 1  ? 6.408   13.185  1.055   1.00 70.73  ? 10  DG  D OP1   1 
ATOM   713 O  OP2   . DG  D 4 1  ? 6.019   15.713  1.209   1.00 85.12  ? 10  DG  D OP2   1 
ATOM   714 O  "O5'" . DG  D 4 1  ? 6.066   14.569  -1.017  1.00 76.37  ? 10  DG  D "O5'" 1 
ATOM   715 C  "C5'" . DG  D 4 1  ? 6.091   13.383  -1.796  1.00 77.87  ? 10  DG  D "C5'" 1 
ATOM   716 C  "C4'" . DG  D 4 1  ? 4.681   12.905  -2.099  1.00 82.48  ? 10  DG  D "C4'" 1 
ATOM   717 O  "O4'" . DG  D 4 1  ? 4.437   11.663  -1.415  1.00 76.58  ? 10  DG  D "O4'" 1 
ATOM   718 C  "C3'" . DG  D 4 1  ? 3.572   13.825  -1.624  1.00 88.18  ? 10  DG  D "C3'" 1 
ATOM   719 O  "O3'" . DG  D 4 1  ? 3.308   14.812  -2.610  1.00 87.22  ? 10  DG  D "O3'" 1 
ATOM   720 C  "C2'" . DG  D 4 1  ? 2.384   12.874  -1.465  1.00 87.70  ? 10  DG  D "C2'" 1 
ATOM   721 C  "C1'" . DG  D 4 1  ? 3.045   11.513  -1.211  1.00 79.63  ? 10  DG  D "C1'" 1 
ATOM   722 N  N9    . DG  D 4 1  ? 2.821   10.991  0.135   1.00 76.89  ? 10  DG  D N9    1 
ATOM   723 C  C8    . DG  D 4 1  ? 3.772   10.730  1.092   1.00 75.53  ? 10  DG  D C8    1 
ATOM   724 N  N7    . DG  D 4 1  ? 3.275   10.261  2.204   1.00 84.38  ? 10  DG  D N7    1 
ATOM   725 C  C5    . DG  D 4 1  ? 1.907   10.209  1.971   1.00 88.63  ? 10  DG  D C5    1 
ATOM   726 C  C6    . DG  D 4 1  ? 0.853   9.782   2.815   1.00 86.32  ? 10  DG  D C6    1 
ATOM   727 O  O6    . DG  D 4 1  ? 0.924   9.354   3.977   1.00 91.44  ? 10  DG  D O6    1 
ATOM   728 N  N1    . DG  D 4 1  ? -0.385  9.888   2.188   1.00 82.02  ? 10  DG  D N1    1 
ATOM   729 C  C2    . DG  D 4 1  ? -0.580  10.349  0.907   1.00 89.69  ? 10  DG  D C2    1 
ATOM   730 N  N2    . DG  D 4 1  ? -1.847  10.381  0.474   1.00 92.53  ? 10  DG  D N2    1 
ATOM   731 N  N3    . DG  D 4 1  ? 0.399   10.751  0.105   1.00 90.13  ? 10  DG  D N3    1 
ATOM   732 C  C4    . DG  D 4 1  ? 1.611   10.653  0.700   1.00 87.14  ? 10  DG  D C4    1 
ATOM   733 P  P     . DT  D 4 2  ? 2.591   16.189  -2.199  1.00 85.34  ? 11  DT  D P     1 
ATOM   734 O  OP1   . DT  D 4 2  ? 2.695   17.112  -3.350  1.00 83.63  ? 11  DT  D OP1   1 
ATOM   735 O  OP2   . DT  D 4 2  ? 3.120   16.600  -0.882  1.00 87.85  ? 11  DT  D OP2   1 
ATOM   736 O  "O5'" . DT  D 4 2  ? 1.059   15.780  -2.005  1.00 88.23  ? 11  DT  D "O5'" 1 
ATOM   737 C  "C5'" . DT  D 4 2  ? 0.295   15.346  -3.118  1.00 83.53  ? 11  DT  D "C5'" 1 
ATOM   738 C  "C4'" . DT  D 4 2  ? -1.157  15.147  -2.727  1.00 88.24  ? 11  DT  D "C4'" 1 
ATOM   739 O  "O4'" . DT  D 4 2  ? -1.242  14.168  -1.659  1.00 88.18  ? 11  DT  D "O4'" 1 
ATOM   740 C  "C3'" . DT  D 4 2  ? -1.867  16.399  -2.214  1.00 93.03  ? 11  DT  D "C3'" 1 
ATOM   741 O  "O3'" . DT  D 4 2  ? -3.202  16.429  -2.698  1.00 107.20 ? 11  DT  D "O3'" 1 
ATOM   742 C  "C2'" . DT  D 4 2  ? -1.823  16.226  -0.699  1.00 90.87  ? 11  DT  D "C2'" 1 
ATOM   743 C  "C1'" . DT  D 4 2  ? -1.931  14.717  -0.557  1.00 88.16  ? 11  DT  D "C1'" 1 
ATOM   744 N  N1    . DT  D 4 2  ? -1.308  14.197  0.692   1.00 95.17  ? 11  DT  D N1    1 
ATOM   745 C  C2    . DT  D 4 2  ? -2.104  13.607  1.649   1.00 98.85  ? 11  DT  D C2    1 
ATOM   746 O  O2    . DT  D 4 2  ? -3.310  13.484  1.531   1.00 93.92  ? 11  DT  D O2    1 
ATOM   747 N  N3    . DT  D 4 2  ? -1.434  13.166  2.760   1.00 100.40 ? 11  DT  D N3    1 
ATOM   748 C  C4    . DT  D 4 2  ? -0.075  13.252  3.002   1.00 95.39  ? 11  DT  D C4    1 
ATOM   749 O  O4    . DT  D 4 2  ? 0.437   12.824  4.033   1.00 92.69  ? 11  DT  D O4    1 
ATOM   750 C  C5    . DT  D 4 2  ? 0.700   13.881  1.958   1.00 87.66  ? 11  DT  D C5    1 
ATOM   751 C  C7    . DT  D 4 2  ? 2.183   14.031  2.110   1.00 78.92  ? 11  DT  D C7    1 
ATOM   752 C  C6    . DT  D 4 2  ? 0.053   14.319  0.868   1.00 87.88  ? 11  DT  D C6    1 
ATOM   753 P  P     . DG  D 4 3  ? -4.158  17.677  -2.367  1.00 123.20 ? 12  DG  D P     1 
ATOM   754 O  OP1   . DG  D 4 3  ? -5.069  17.856  -3.520  1.00 117.36 ? 12  DG  D OP1   1 
ATOM   755 O  OP2   . DG  D 4 3  ? -3.295  18.799  -1.932  1.00 120.07 ? 12  DG  D OP2   1 
ATOM   756 O  "O5'" . DG  D 4 3  ? -5.010  17.186  -1.103  1.00 109.12 ? 12  DG  D "O5'" 1 
ATOM   757 C  "C5'" . DG  D 4 3  ? -5.828  16.030  -1.210  1.00 105.67 ? 12  DG  D "C5'" 1 
ATOM   758 C  "C4'" . DG  D 4 3  ? -6.526  15.718  0.105   1.00 111.77 ? 12  DG  D "C4'" 1 
ATOM   759 O  "O4'" . DG  D 4 3  ? -5.567  15.226  1.079   1.00 108.04 ? 12  DG  D "O4'" 1 
ATOM   760 C  "C3'" . DG  D 4 3  ? -7.234  16.893  0.777   1.00 123.45 ? 12  DG  D "C3'" 1 
ATOM   761 O  "O3'" . DG  D 4 3  ? -8.451  16.426  1.343   1.00 133.22 ? 12  DG  D "O3'" 1 
ATOM   762 C  "C2'" . DG  D 4 3  ? -6.236  17.304  1.862   1.00 116.55 ? 12  DG  D "C2'" 1 
ATOM   763 C  "C1'" . DG  D 4 3  ? -5.722  15.944  2.284   1.00 108.94 ? 12  DG  D "C1'" 1 
ATOM   764 N  N9    . DG  D 4 3  ? -4.432  15.963  2.967   1.00 109.40 ? 12  DG  D N9    1 
ATOM   765 C  C8    . DG  D 4 3  ? -3.251  16.482  2.495   1.00 107.12 ? 12  DG  D C8    1 
ATOM   766 N  N7    . DG  D 4 3  ? -2.251  16.327  3.318   1.00 107.16 ? 12  DG  D N7    1 
ATOM   767 C  C5    . DG  D 4 3  ? -2.802  15.653  4.400   1.00 110.06 ? 12  DG  D C5    1 
ATOM   768 C  C6    . DG  D 4 3  ? -2.201  15.212  5.602   1.00 113.51 ? 12  DG  D C6    1 
ATOM   769 O  O6    . DG  D 4 3  ? -1.020  15.334  5.959   1.00 113.80 ? 12  DG  D O6    1 
ATOM   770 N  N1    . DG  D 4 3  ? -3.116  14.571  6.433   1.00 118.11 ? 12  DG  D N1    1 
ATOM   771 C  C2    . DG  D 4 3  ? -4.445  14.383  6.139   1.00 120.64 ? 12  DG  D C2    1 
ATOM   772 N  N2    . DG  D 4 3  ? -5.174  13.745  7.068   1.00 124.03 ? 12  DG  D N2    1 
ATOM   773 N  N3    . DG  D 4 3  ? -5.023  14.792  5.017   1.00 118.21 ? 12  DG  D N3    1 
ATOM   774 C  C4    . DG  D 4 3  ? -4.144  15.417  4.196   1.00 112.68 ? 12  DG  D C4    1 
ATOM   775 P  P     . DT  D 4 4  ? -9.583  17.448  1.844   1.00 142.91 ? 13  DT  D P     1 
ATOM   776 O  OP1   . DT  D 4 4  ? -10.686 17.399  0.861   1.00 141.91 ? 13  DT  D OP1   1 
ATOM   777 O  OP2   . DT  D 4 4  ? -8.953  18.746  2.178   1.00 138.58 ? 13  DT  D OP2   1 
ATOM   778 O  "O5'" . DT  D 4 4  ? -10.084 16.792  3.211   1.00 136.68 ? 13  DT  D "O5'" 1 
ATOM   779 C  "C5'" . DT  D 4 4  ? -9.137  16.259  4.128   1.00 126.41 ? 13  DT  D "C5'" 1 
ATOM   780 C  "C4'" . DT  D 4 4  ? -9.726  16.188  5.521   1.00 139.61 ? 13  DT  D "C4'" 1 
ATOM   781 O  "O4'" . DT  D 4 4  ? -8.688  15.841  6.473   1.00 136.25 ? 13  DT  D "O4'" 1 
ATOM   782 C  "C3'" . DT  D 4 4  ? -10.322 17.491  6.024   1.00 149.07 ? 13  DT  D "C3'" 1 
ATOM   783 O  "O3'" . DT  D 4 4  ? -11.392 17.210  6.913   1.00 162.01 ? 13  DT  D "O3'" 1 
ATOM   784 C  "C2'" . DT  D 4 4  ? -9.140  18.143  6.737   1.00 143.12 ? 13  DT  D "C2'" 1 
ATOM   785 C  "C1'" . DT  D 4 4  ? -8.423  16.938  7.333   1.00 135.89 ? 13  DT  D "C1'" 1 
ATOM   786 N  N1    . DT  D 4 4  ? -6.941  17.103  7.422   1.00 131.56 ? 13  DT  D N1    1 
ATOM   787 C  C2    . DT  D 4 4  ? -6.262  16.536  8.476   1.00 131.04 ? 13  DT  D C2    1 
ATOM   788 O  O2    . DT  D 4 4  ? -6.810  15.907  9.364   1.00 128.08 ? 13  DT  D O2    1 
ATOM   789 N  N3    . DT  D 4 4  ? -4.906  16.735  8.457   1.00 130.88 ? 13  DT  D N3    1 
ATOM   790 C  C4    . DT  D 4 4  ? -4.177  17.427  7.507   1.00 127.88 ? 13  DT  D C4    1 
ATOM   791 O  O4    . DT  D 4 4  ? -2.958  17.553  7.577   1.00 124.36 ? 13  DT  D O4    1 
ATOM   792 C  C5    . DT  D 4 4  ? -4.951  17.991  6.427   1.00 124.93 ? 13  DT  D C5    1 
ATOM   793 C  C7    . DT  D 4 4  ? -4.270  18.765  5.336   1.00 121.18 ? 13  DT  D C7    1 
ATOM   794 C  C6    . DT  D 4 4  ? -6.280  17.803  6.435   1.00 126.51 ? 13  DT  D C6    1 
ATOM   795 P  P     . DC  D 4 5  ? -12.335 18.391  7.457   1.00 176.04 ? 14  DC  D P     1 
ATOM   796 O  OP1   . DC  D 4 5  ? -13.739 17.940  7.326   1.00 174.01 ? 14  DC  D OP1   1 
ATOM   797 O  OP2   . DC  D 4 5  ? -11.916 19.656  6.813   1.00 169.41 ? 14  DC  D OP2   1 
ATOM   798 O  "O5'" . DC  D 4 5  ? -11.958 18.470  9.008   1.00 156.27 ? 14  DC  D "O5'" 1 
ATOM   799 C  "C5'" . DC  D 4 5  ? -11.859 17.270  9.766   1.00 150.30 ? 14  DC  D "C5'" 1 
ATOM   800 C  "C4'" . DC  D 4 5  ? -11.050 17.490  11.030  1.00 147.45 ? 14  DC  D "C4'" 1 
ATOM   801 O  "O4'" . DC  D 4 5  ? -9.639  17.566  10.706  1.00 145.44 ? 14  DC  D "O4'" 1 
ATOM   802 C  "C3'" . DC  D 4 5  ? -11.386 18.771  11.799  1.00 154.48 ? 14  DC  D "C3'" 1 
ATOM   803 O  "O3'" . DC  D 4 5  ? -11.626 18.460  13.163  1.00 163.39 ? 14  DC  D "O3'" 1 
ATOM   804 C  "C2'" . DC  D 4 5  ? -10.135 19.641  11.628  1.00 150.20 ? 14  DC  D "C2'" 1 
ATOM   805 C  "C1'" . DC  D 4 5  ? -9.051  18.590  11.467  1.00 146.27 ? 14  DC  D "C1'" 1 
ATOM   806 N  N1    . DC  D 4 5  ? -7.842  19.078  10.745  1.00 142.35 ? 14  DC  D N1    1 
ATOM   807 C  C2    . DC  D 4 5  ? -6.569  18.796  11.255  1.00 137.73 ? 14  DC  D C2    1 
ATOM   808 O  O2    . DC  D 4 5  ? -6.470  18.147  12.303  1.00 134.33 ? 14  DC  D O2    1 
ATOM   809 N  N3    . DC  D 4 5  ? -5.479  19.243  10.584  1.00 135.69 ? 14  DC  D N3    1 
ATOM   810 C  C4    . DC  D 4 5  ? -5.629  19.940  9.456   1.00 136.17 ? 14  DC  D C4    1 
ATOM   811 N  N4    . DC  D 4 5  ? -4.525  20.361  8.830   1.00 135.51 ? 14  DC  D N4    1 
ATOM   812 C  C5    . DC  D 4 5  ? -6.917  20.236  8.921   1.00 134.77 ? 14  DC  D C5    1 
ATOM   813 C  C6    . DC  D 4 5  ? -7.984  19.791  9.592   1.00 137.96 ? 14  DC  D C6    1 
ATOM   814 P  P     . DG  D 4 6  ? -12.403 19.501  14.109  1.00 171.26 ? 15  DG  D P     1 
ATOM   815 O  OP1   . DG  D 4 6  ? -13.333 18.724  14.956  1.00 167.36 ? 15  DG  D OP1   1 
ATOM   816 O  OP2   . DG  D 4 6  ? -12.924 20.588  13.252  1.00 164.35 ? 15  DG  D OP2   1 
ATOM   817 O  "O5'" . DG  D 4 6  ? -11.251 20.087  15.051  1.00 162.02 ? 15  DG  D "O5'" 1 
ATOM   818 C  "C5'" . DG  D 4 6  ? -10.458 19.202  15.835  1.00 155.51 ? 15  DG  D "C5'" 1 
ATOM   819 C  "C4'" . DG  D 4 6  ? -9.095  19.806  16.115  1.00 153.04 ? 15  DG  D "C4'" 1 
ATOM   820 O  "O4'" . DG  D 4 6  ? -8.462  20.147  14.869  1.00 148.95 ? 15  DG  D "O4'" 1 
ATOM   821 C  "C3'" . DG  D 4 6  ? -9.122  21.104  16.920  1.00 153.71 ? 15  DG  D "C3'" 1 
ATOM   822 O  "O3'" . DG  D 4 6  ? -8.829  20.843  18.316  1.00 161.86 ? 15  DG  D "O3'" 1 
ATOM   823 C  "C2'" . DG  D 4 6  ? -8.078  22.012  16.242  1.00 150.91 ? 15  DG  D "C2'" 1 
ATOM   824 C  "C1'" . DG  D 4 6  ? -7.507  21.142  15.122  1.00 148.84 ? 15  DG  D "C1'" 1 
ATOM   825 N  N9    . DG  D 4 6  ? -7.264  21.883  13.887  1.00 148.42 ? 15  DG  D N9    1 
ATOM   826 C  C8    . DG  D 4 6  ? -8.206  22.403  13.033  1.00 146.06 ? 15  DG  D C8    1 
ATOM   827 N  N7    . DG  D 4 6  ? -7.691  23.025  12.008  1.00 145.55 ? 15  DG  D N7    1 
ATOM   828 C  C5    . DG  D 4 6  ? -6.318  22.911  12.196  1.00 142.83 ? 15  DG  D C5    1 
ATOM   829 C  C6    . DG  D 4 6  ? -5.248  23.390  11.406  1.00 137.98 ? 15  DG  D C6    1 
ATOM   830 O  O6    . DG  D 4 6  ? -5.301  24.032  10.347  1.00 136.12 ? 15  DG  D O6    1 
ATOM   831 N  N1    . DG  D 4 6  ? -4.012  23.056  11.957  1.00 137.22 ? 15  DG  D N1    1 
ATOM   832 C  C2    . DG  D 4 6  ? -3.836  22.349  13.123  1.00 134.81 ? 15  DG  D C2    1 
ATOM   833 N  N2    . DG  D 4 6  ? -2.567  22.125  13.495  1.00 132.79 ? 15  DG  D N2    1 
ATOM   834 N  N3    . DG  D 4 6  ? -4.830  21.895  13.872  1.00 136.87 ? 15  DG  D N3    1 
ATOM   835 C  C4    . DG  D 4 6  ? -6.040  22.212  13.350  1.00 144.61 ? 15  DG  D C4    1 
ATOM   836 P  P     . DT  D 4 7  ? -7.329  20.882  18.908  1.00 171.48 ? 16  DT  D P     1 
ATOM   837 O  OP1   . DT  D 4 7  ? -6.406  20.185  17.985  1.00 158.77 ? 16  DT  D OP1   1 
ATOM   838 O  OP2   . DT  D 4 7  ? -7.424  20.400  20.303  1.00 166.76 ? 16  DT  D OP2   1 
ATOM   839 O  "O5'" . DT  D 4 7  ? -6.974  22.443  18.990  1.00 162.08 ? 16  DT  D "O5'" 1 
ATOM   840 C  "C5'" . DT  D 4 7  ? -5.980  22.911  19.900  1.00 160.64 ? 16  DT  D "C5'" 1 
ATOM   841 C  "C4'" . DT  D 4 7  ? -4.582  22.585  19.402  1.00 158.71 ? 16  DT  D "C4'" 1 
ATOM   842 O  "O4'" . DT  D 4 7  ? -4.536  22.717  17.956  1.00 156.81 ? 16  DT  D "O4'" 1 
ATOM   843 C  "C3'" . DT  D 4 7  ? -3.479  23.497  19.940  1.00 149.04 ? 16  DT  D "C3'" 1 
ATOM   844 O  "O3'" . DT  D 4 7  ? -2.284  22.752  20.138  1.00 134.99 ? 16  DT  D "O3'" 1 
ATOM   845 C  "C2'" . DT  D 4 7  ? -3.320  24.524  18.824  1.00 144.17 ? 16  DT  D "C2'" 1 
ATOM   846 C  "C1'" . DT  D 4 7  ? -3.549  23.660  17.592  1.00 149.03 ? 16  DT  D "C1'" 1 
ATOM   847 N  N1    . DT  D 4 7  ? -4.038  24.422  16.407  1.00 145.58 ? 16  DT  D N1    1 
ATOM   848 C  C2    . DT  D 4 7  ? -3.124  24.958  15.530  1.00 138.90 ? 16  DT  D C2    1 
ATOM   849 O  O2    . DT  D 4 7  ? -1.919  24.849  15.669  1.00 134.80 ? 16  DT  D O2    1 
ATOM   850 N  N3    . DT  D 4 7  ? -3.676  25.635  14.473  1.00 138.90 ? 16  DT  D N3    1 
ATOM   851 C  C4    . DT  D 4 7  ? -5.021  25.824  14.212  1.00 137.87 ? 16  DT  D C4    1 
ATOM   852 O  O4    . DT  D 4 7  ? -5.419  26.449  13.234  1.00 136.74 ? 16  DT  D O4    1 
ATOM   853 C  C5    . DT  D 4 7  ? -5.924  25.233  15.171  1.00 140.10 ? 16  DT  D C5    1 
ATOM   854 C  C7    . DT  D 4 7  ? -7.406  25.373  14.994  1.00 139.46 ? 16  DT  D C7    1 
ATOM   855 C  C6    . DT  D 4 7  ? -5.395  24.569  16.209  1.00 144.08 ? 16  DT  D C6    1 
HETATM 856 AS AS    . CAC E 5 .  ? -1.650  -5.720  -8.002  1.00 165.34 ? 101 CAC A AS    1 
HETATM 857 MG MG    . MG  F 6 .  ? 5.804   1.193   -13.968 1.00 87.60  ? 102 MG  A MG    1 
HETATM 858 MG MG    . MG  G 6 .  ? -1.708  -3.297  0.017   1.00 87.36  ? 101 MG  B MG    1 
# 
loop_
_pdbx_poly_seq_scheme.asym_id 
_pdbx_poly_seq_scheme.entity_id 
_pdbx_poly_seq_scheme.seq_id 
_pdbx_poly_seq_scheme.mon_id 
_pdbx_poly_seq_scheme.ndb_seq_num 
_pdbx_poly_seq_scheme.pdb_seq_num 
_pdbx_poly_seq_scheme.auth_seq_num 
_pdbx_poly_seq_scheme.pdb_mon_id 
_pdbx_poly_seq_scheme.auth_mon_id 
_pdbx_poly_seq_scheme.pdb_strand_id 
_pdbx_poly_seq_scheme.pdb_ins_code 
_pdbx_poly_seq_scheme.hetero 
A 1 1  DG 1  1  1  DG DG A . n 
A 1 2  DA 2  2  2  DA DA A . n 
A 1 3  DA 3  3  3  DA DA A . n 
A 1 4  DC 4  4  4  DC DC A . n 
A 1 5  DG 5  5  5  DG DG A . n 
A 1 6  DA 6  6  6  DA DA A . n 
A 1 7  DC 7  7  7  DC DC A . n 
A 1 8  DA 8  8  8  DA DA A . n 
A 1 9  DC 9  9  9  DC DC A . n 
A 1 10 DT 10 10 10 DT DT A . n 
A 1 11 DG 11 11 11 DG DG A . n 
A 1 12 DA 12 12 12 DA DA A . n 
A 1 13 DC 13 13 13 DC DC A . n 
A 1 14 DG 14 14 14 DG DG A . n 
A 1 15 DA 15 15 15 DA DA A . n 
A 1 16 DG 16 16 16 DG DG A . n 
A 1 17 DG 17 17 17 DG DG A . n 
A 1 18 DA 18 18 18 DA DA A . n 
A 1 19 DC 19 19 19 DC DC A . n 
A 1 20 DT 20 20 20 DT DT A . n 
A 1 21 DC 21 21 21 DC DC A . n 
B 2 1  DT 1  0  0  DT DT B . n 
B 2 2  DC 2  1  1  DC DC B . n 
B 2 3  DG 3  2  2  DG DG B . n 
B 2 4  DT 4  3  3  DT DT B . n 
B 2 5  DC 5  4  4  DC DC B . n 
B 2 6  DA 6  5  5  DA DA B . n 
C 3 1  DT 1  1  1  DT DT C . n 
C 3 2  DC 2  2  2  DC DC C . n 
C 3 3  DG 3  3  3  DG DG C . n 
C 3 4  DA 4  4  4  DA DA C . n 
C 3 5  DG 5  5  5  DG DG C . n 
C 3 6  DT 6  6  6  DT DT C . n 
C 3 7  DC 7  7  7  DC DC C . n 
C 3 8  DC 8  8  8  DC DC C . n 
D 4 1  DG 1  10 10 DG DG D . n 
D 4 2  DT 2  11 11 DT DT D . n 
D 4 3  DG 3  12 12 DG DG D . n 
D 4 4  DT 4  13 13 DT DT D . n 
D 4 5  DC 5  14 14 DC DC D . n 
D 4 6  DG 6  15 15 DG DG D . n 
D 4 7  DT 7  16 16 DT DT D . n 
# 
loop_
_pdbx_nonpoly_scheme.asym_id 
_pdbx_nonpoly_scheme.entity_id 
_pdbx_nonpoly_scheme.mon_id 
_pdbx_nonpoly_scheme.ndb_seq_num 
_pdbx_nonpoly_scheme.pdb_seq_num 
_pdbx_nonpoly_scheme.auth_seq_num 
_pdbx_nonpoly_scheme.pdb_mon_id 
_pdbx_nonpoly_scheme.auth_mon_id 
_pdbx_nonpoly_scheme.pdb_strand_id 
_pdbx_nonpoly_scheme.pdb_ins_code 
E 5 CAC 1 101 1 CAC AS A . 
F 6 MG  1 102 1 MG  MG A . 
G 6 MG  1 101 2 MG  MG B . 
# 
_pdbx_struct_assembly.id                   1 
_pdbx_struct_assembly.details              author_and_software_defined_assembly 
_pdbx_struct_assembly.method_details       PISA 
_pdbx_struct_assembly.oligomeric_details   tetrameric 
_pdbx_struct_assembly.oligomeric_count     4 
# 
_pdbx_struct_assembly_gen.assembly_id       1 
_pdbx_struct_assembly_gen.oper_expression   1 
_pdbx_struct_assembly_gen.asym_id_list      A,B,C,D,E,F,G 
# 
loop_
_pdbx_struct_assembly_prop.biol_id 
_pdbx_struct_assembly_prop.type 
_pdbx_struct_assembly_prop.value 
_pdbx_struct_assembly_prop.details 
1 'ABSA (A^2)' 2550 ? 
1 MORE         -23  ? 
1 'SSA (A^2)'  7850 ? 
# 
_pdbx_struct_oper_list.id                   1 
_pdbx_struct_oper_list.type                 'identity operation' 
_pdbx_struct_oper_list.name                 1_555 
_pdbx_struct_oper_list.symmetry_operation   x,y,z 
_pdbx_struct_oper_list.matrix[1][1]         1.0000000000 
_pdbx_struct_oper_list.matrix[1][2]         0.0000000000 
_pdbx_struct_oper_list.matrix[1][3]         0.0000000000 
_pdbx_struct_oper_list.vector[1]            0.0000000000 
_pdbx_struct_oper_list.matrix[2][1]         0.0000000000 
_pdbx_struct_oper_list.matrix[2][2]         1.0000000000 
_pdbx_struct_oper_list.matrix[2][3]         0.0000000000 
_pdbx_struct_oper_list.vector[2]            0.0000000000 
_pdbx_struct_oper_list.matrix[3][1]         0.0000000000 
_pdbx_struct_oper_list.matrix[3][2]         0.0000000000 
_pdbx_struct_oper_list.matrix[3][3]         1.0000000000 
_pdbx_struct_oper_list.vector[3]            0.0000000000 
# 
loop_
_pdbx_audit_revision_history.ordinal 
_pdbx_audit_revision_history.data_content_type 
_pdbx_audit_revision_history.major_revision 
_pdbx_audit_revision_history.minor_revision 
_pdbx_audit_revision_history.revision_date 
1 'Structure model' 1 0 2021-07-14 
2 'Structure model' 1 1 2022-07-06 
3 'Structure model' 1 2 2023-10-18 
# 
_pdbx_audit_revision_details.ordinal             1 
_pdbx_audit_revision_details.revision_ordinal    1 
_pdbx_audit_revision_details.data_content_type   'Structure model' 
_pdbx_audit_revision_details.provider            repository 
_pdbx_audit_revision_details.type                'Initial release' 
_pdbx_audit_revision_details.description         ? 
_pdbx_audit_revision_details.details             ? 
# 
loop_
_pdbx_audit_revision_group.ordinal 
_pdbx_audit_revision_group.revision_ordinal 
_pdbx_audit_revision_group.data_content_type 
_pdbx_audit_revision_group.group 
1 2 'Structure model' 'Database references'    
2 3 'Structure model' 'Data collection'        
3 3 'Structure model' 'Refinement description' 
# 
loop_
_pdbx_audit_revision_category.ordinal 
_pdbx_audit_revision_category.revision_ordinal 
_pdbx_audit_revision_category.data_content_type 
_pdbx_audit_revision_category.category 
1 2 'Structure model' citation                      
2 2 'Structure model' citation_author               
3 2 'Structure model' database_2                    
4 3 'Structure model' chem_comp_atom                
5 3 'Structure model' chem_comp_bond                
6 3 'Structure model' pdbx_initial_refinement_model 
# 
loop_
_pdbx_audit_revision_item.ordinal 
_pdbx_audit_revision_item.revision_ordinal 
_pdbx_audit_revision_item.data_content_type 
_pdbx_audit_revision_item.item 
1  2 'Structure model' '_citation.country'                   
2  2 'Structure model' '_citation.journal_abbrev'            
3  2 'Structure model' '_citation.journal_id_CSD'            
4  2 'Structure model' '_citation.journal_id_ISSN'           
5  2 'Structure model' '_citation.journal_volume'            
6  2 'Structure model' '_citation.page_first'                
7  2 'Structure model' '_citation.page_last'                 
8  2 'Structure model' '_citation.pdbx_database_id_DOI'      
9  2 'Structure model' '_citation.pdbx_database_id_PubMed'   
10 2 'Structure model' '_citation.title'                     
11 2 'Structure model' '_citation.year'                      
12 2 'Structure model' '_database_2.pdbx_DOI'                
13 2 'Structure model' '_database_2.pdbx_database_accession' 
# 
loop_
_software.citation_id 
_software.classification 
_software.compiler_name 
_software.compiler_version 
_software.contact_author 
_software.contact_author_email 
_software.date 
_software.description 
_software.dependencies 
_software.hardware 
_software.language 
_software.location 
_software.mods 
_software.name 
_software.os 
_software.os_version 
_software.type 
_software.version 
_software.pdbx_ordinal 
? 'data reduction'  ? ? ? ? ? ? ? ? ? ? ? HKL-2000    ? ? ? .           1 
? 'data scaling'    ? ? ? ? ? ? ? ? ? ? ? HKL-2000    ? ? ? .           2 
? refinement        ? ? ? ? ? ? ? ? ? ? ? PHENIX      ? ? ? 1.11.1_2575 3 
? 'data extraction' ? ? ? ? ? ? ? ? ? ? ? PDB_EXTRACT ? ? ? 3.25        4 
? phasing           ? ? ? ? ? ? ? ? ? ? ? PHASER      ? ? ? .           5 
# 
_pdbx_entry_details.entry_id                 7JKE 
_pdbx_entry_details.has_ligand_of_interest   N 
_pdbx_entry_details.compound_details         ? 
_pdbx_entry_details.source_details           ? 
_pdbx_entry_details.nonpolymer_details       ? 
_pdbx_entry_details.sequence_details         ? 
# 
loop_
_pdbx_unobs_or_zero_occ_atoms.id 
_pdbx_unobs_or_zero_occ_atoms.PDB_model_num 
_pdbx_unobs_or_zero_occ_atoms.polymer_flag 
_pdbx_unobs_or_zero_occ_atoms.occupancy_flag 
_pdbx_unobs_or_zero_occ_atoms.auth_asym_id 
_pdbx_unobs_or_zero_occ_atoms.auth_comp_id 
_pdbx_unobs_or_zero_occ_atoms.auth_seq_id 
_pdbx_unobs_or_zero_occ_atoms.PDB_ins_code 
_pdbx_unobs_or_zero_occ_atoms.auth_atom_id 
_pdbx_unobs_or_zero_occ_atoms.label_alt_id 
_pdbx_unobs_or_zero_occ_atoms.label_asym_id 
_pdbx_unobs_or_zero_occ_atoms.label_comp_id 
_pdbx_unobs_or_zero_occ_atoms.label_seq_id 
_pdbx_unobs_or_zero_occ_atoms.label_atom_id 
1 1 N 1 A CAC 101 ? O1 ? E CAC 1 O1 
2 1 N 1 A CAC 101 ? O2 ? E CAC 1 O2 
3 1 N 1 A CAC 101 ? C1 ? E CAC 1 C1 
4 1 N 1 A CAC 101 ? C2 ? E CAC 1 C2 
# 
loop_
_chem_comp_atom.comp_id 
_chem_comp_atom.atom_id 
_chem_comp_atom.type_symbol 
_chem_comp_atom.pdbx_aromatic_flag 
_chem_comp_atom.pdbx_stereo_config 
_chem_comp_atom.pdbx_ordinal 
CAC AS     AS N N 1   
CAC O1     O  N N 2   
CAC O2     O  N N 3   
CAC C1     C  N N 4   
CAC C2     C  N N 5   
CAC H11    H  N N 6   
CAC H12    H  N N 7   
CAC H13    H  N N 8   
CAC H21    H  N N 9   
CAC H22    H  N N 10  
CAC H23    H  N N 11  
DA  OP3    O  N N 12  
DA  P      P  N N 13  
DA  OP1    O  N N 14  
DA  OP2    O  N N 15  
DA  "O5'"  O  N N 16  
DA  "C5'"  C  N N 17  
DA  "C4'"  C  N R 18  
DA  "O4'"  O  N N 19  
DA  "C3'"  C  N S 20  
DA  "O3'"  O  N N 21  
DA  "C2'"  C  N N 22  
DA  "C1'"  C  N R 23  
DA  N9     N  Y N 24  
DA  C8     C  Y N 25  
DA  N7     N  Y N 26  
DA  C5     C  Y N 27  
DA  C6     C  Y N 28  
DA  N6     N  N N 29  
DA  N1     N  Y N 30  
DA  C2     C  Y N 31  
DA  N3     N  Y N 32  
DA  C4     C  Y N 33  
DA  HOP3   H  N N 34  
DA  HOP2   H  N N 35  
DA  "H5'"  H  N N 36  
DA  "H5''" H  N N 37  
DA  "H4'"  H  N N 38  
DA  "H3'"  H  N N 39  
DA  "HO3'" H  N N 40  
DA  "H2'"  H  N N 41  
DA  "H2''" H  N N 42  
DA  "H1'"  H  N N 43  
DA  H8     H  N N 44  
DA  H61    H  N N 45  
DA  H62    H  N N 46  
DA  H2     H  N N 47  
DC  OP3    O  N N 48  
DC  P      P  N N 49  
DC  OP1    O  N N 50  
DC  OP2    O  N N 51  
DC  "O5'"  O  N N 52  
DC  "C5'"  C  N N 53  
DC  "C4'"  C  N R 54  
DC  "O4'"  O  N N 55  
DC  "C3'"  C  N S 56  
DC  "O3'"  O  N N 57  
DC  "C2'"  C  N N 58  
DC  "C1'"  C  N R 59  
DC  N1     N  N N 60  
DC  C2     C  N N 61  
DC  O2     O  N N 62  
DC  N3     N  N N 63  
DC  C4     C  N N 64  
DC  N4     N  N N 65  
DC  C5     C  N N 66  
DC  C6     C  N N 67  
DC  HOP3   H  N N 68  
DC  HOP2   H  N N 69  
DC  "H5'"  H  N N 70  
DC  "H5''" H  N N 71  
DC  "H4'"  H  N N 72  
DC  "H3'"  H  N N 73  
DC  "HO3'" H  N N 74  
DC  "H2'"  H  N N 75  
DC  "H2''" H  N N 76  
DC  "H1'"  H  N N 77  
DC  H41    H  N N 78  
DC  H42    H  N N 79  
DC  H5     H  N N 80  
DC  H6     H  N N 81  
DG  OP3    O  N N 82  
DG  P      P  N N 83  
DG  OP1    O  N N 84  
DG  OP2    O  N N 85  
DG  "O5'"  O  N N 86  
DG  "C5'"  C  N N 87  
DG  "C4'"  C  N R 88  
DG  "O4'"  O  N N 89  
DG  "C3'"  C  N S 90  
DG  "O3'"  O  N N 91  
DG  "C2'"  C  N N 92  
DG  "C1'"  C  N R 93  
DG  N9     N  Y N 94  
DG  C8     C  Y N 95  
DG  N7     N  Y N 96  
DG  C5     C  Y N 97  
DG  C6     C  N N 98  
DG  O6     O  N N 99  
DG  N1     N  N N 100 
DG  C2     C  N N 101 
DG  N2     N  N N 102 
DG  N3     N  N N 103 
DG  C4     C  Y N 104 
DG  HOP3   H  N N 105 
DG  HOP2   H  N N 106 
DG  "H5'"  H  N N 107 
DG  "H5''" H  N N 108 
DG  "H4'"  H  N N 109 
DG  "H3'"  H  N N 110 
DG  "HO3'" H  N N 111 
DG  "H2'"  H  N N 112 
DG  "H2''" H  N N 113 
DG  "H1'"  H  N N 114 
DG  H8     H  N N 115 
DG  H1     H  N N 116 
DG  H21    H  N N 117 
DG  H22    H  N N 118 
DT  OP3    O  N N 119 
DT  P      P  N N 120 
DT  OP1    O  N N 121 
DT  OP2    O  N N 122 
DT  "O5'"  O  N N 123 
DT  "C5'"  C  N N 124 
DT  "C4'"  C  N R 125 
DT  "O4'"  O  N N 126 
DT  "C3'"  C  N S 127 
DT  "O3'"  O  N N 128 
DT  "C2'"  C  N N 129 
DT  "C1'"  C  N R 130 
DT  N1     N  N N 131 
DT  C2     C  N N 132 
DT  O2     O  N N 133 
DT  N3     N  N N 134 
DT  C4     C  N N 135 
DT  O4     O  N N 136 
DT  C5     C  N N 137 
DT  C7     C  N N 138 
DT  C6     C  N N 139 
DT  HOP3   H  N N 140 
DT  HOP2   H  N N 141 
DT  "H5'"  H  N N 142 
DT  "H5''" H  N N 143 
DT  "H4'"  H  N N 144 
DT  "H3'"  H  N N 145 
DT  "HO3'" H  N N 146 
DT  "H2'"  H  N N 147 
DT  "H2''" H  N N 148 
DT  "H1'"  H  N N 149 
DT  H3     H  N N 150 
DT  H71    H  N N 151 
DT  H72    H  N N 152 
DT  H73    H  N N 153 
DT  H6     H  N N 154 
MG  MG     MG N N 155 
# 
loop_
_chem_comp_bond.comp_id 
_chem_comp_bond.atom_id_1 
_chem_comp_bond.atom_id_2 
_chem_comp_bond.value_order 
_chem_comp_bond.pdbx_aromatic_flag 
_chem_comp_bond.pdbx_stereo_config 
_chem_comp_bond.pdbx_ordinal 
CAC AS    O1     doub N N 1   
CAC AS    O2     sing N N 2   
CAC AS    C1     sing N N 3   
CAC AS    C2     sing N N 4   
CAC C1    H11    sing N N 5   
CAC C1    H12    sing N N 6   
CAC C1    H13    sing N N 7   
CAC C2    H21    sing N N 8   
CAC C2    H22    sing N N 9   
CAC C2    H23    sing N N 10  
DA  OP3   P      sing N N 11  
DA  OP3   HOP3   sing N N 12  
DA  P     OP1    doub N N 13  
DA  P     OP2    sing N N 14  
DA  P     "O5'"  sing N N 15  
DA  OP2   HOP2   sing N N 16  
DA  "O5'" "C5'"  sing N N 17  
DA  "C5'" "C4'"  sing N N 18  
DA  "C5'" "H5'"  sing N N 19  
DA  "C5'" "H5''" sing N N 20  
DA  "C4'" "O4'"  sing N N 21  
DA  "C4'" "C3'"  sing N N 22  
DA  "C4'" "H4'"  sing N N 23  
DA  "O4'" "C1'"  sing N N 24  
DA  "C3'" "O3'"  sing N N 25  
DA  "C3'" "C2'"  sing N N 26  
DA  "C3'" "H3'"  sing N N 27  
DA  "O3'" "HO3'" sing N N 28  
DA  "C2'" "C1'"  sing N N 29  
DA  "C2'" "H2'"  sing N N 30  
DA  "C2'" "H2''" sing N N 31  
DA  "C1'" N9     sing N N 32  
DA  "C1'" "H1'"  sing N N 33  
DA  N9    C8     sing Y N 34  
DA  N9    C4     sing Y N 35  
DA  C8    N7     doub Y N 36  
DA  C8    H8     sing N N 37  
DA  N7    C5     sing Y N 38  
DA  C5    C6     sing Y N 39  
DA  C5    C4     doub Y N 40  
DA  C6    N6     sing N N 41  
DA  C6    N1     doub Y N 42  
DA  N6    H61    sing N N 43  
DA  N6    H62    sing N N 44  
DA  N1    C2     sing Y N 45  
DA  C2    N3     doub Y N 46  
DA  C2    H2     sing N N 47  
DA  N3    C4     sing Y N 48  
DC  OP3   P      sing N N 49  
DC  OP3   HOP3   sing N N 50  
DC  P     OP1    doub N N 51  
DC  P     OP2    sing N N 52  
DC  P     "O5'"  sing N N 53  
DC  OP2   HOP2   sing N N 54  
DC  "O5'" "C5'"  sing N N 55  
DC  "C5'" "C4'"  sing N N 56  
DC  "C5'" "H5'"  sing N N 57  
DC  "C5'" "H5''" sing N N 58  
DC  "C4'" "O4'"  sing N N 59  
DC  "C4'" "C3'"  sing N N 60  
DC  "C4'" "H4'"  sing N N 61  
DC  "O4'" "C1'"  sing N N 62  
DC  "C3'" "O3'"  sing N N 63  
DC  "C3'" "C2'"  sing N N 64  
DC  "C3'" "H3'"  sing N N 65  
DC  "O3'" "HO3'" sing N N 66  
DC  "C2'" "C1'"  sing N N 67  
DC  "C2'" "H2'"  sing N N 68  
DC  "C2'" "H2''" sing N N 69  
DC  "C1'" N1     sing N N 70  
DC  "C1'" "H1'"  sing N N 71  
DC  N1    C2     sing N N 72  
DC  N1    C6     sing N N 73  
DC  C2    O2     doub N N 74  
DC  C2    N3     sing N N 75  
DC  N3    C4     doub N N 76  
DC  C4    N4     sing N N 77  
DC  C4    C5     sing N N 78  
DC  N4    H41    sing N N 79  
DC  N4    H42    sing N N 80  
DC  C5    C6     doub N N 81  
DC  C5    H5     sing N N 82  
DC  C6    H6     sing N N 83  
DG  OP3   P      sing N N 84  
DG  OP3   HOP3   sing N N 85  
DG  P     OP1    doub N N 86  
DG  P     OP2    sing N N 87  
DG  P     "O5'"  sing N N 88  
DG  OP2   HOP2   sing N N 89  
DG  "O5'" "C5'"  sing N N 90  
DG  "C5'" "C4'"  sing N N 91  
DG  "C5'" "H5'"  sing N N 92  
DG  "C5'" "H5''" sing N N 93  
DG  "C4'" "O4'"  sing N N 94  
DG  "C4'" "C3'"  sing N N 95  
DG  "C4'" "H4'"  sing N N 96  
DG  "O4'" "C1'"  sing N N 97  
DG  "C3'" "O3'"  sing N N 98  
DG  "C3'" "C2'"  sing N N 99  
DG  "C3'" "H3'"  sing N N 100 
DG  "O3'" "HO3'" sing N N 101 
DG  "C2'" "C1'"  sing N N 102 
DG  "C2'" "H2'"  sing N N 103 
DG  "C2'" "H2''" sing N N 104 
DG  "C1'" N9     sing N N 105 
DG  "C1'" "H1'"  sing N N 106 
DG  N9    C8     sing Y N 107 
DG  N9    C4     sing Y N 108 
DG  C8    N7     doub Y N 109 
DG  C8    H8     sing N N 110 
DG  N7    C5     sing Y N 111 
DG  C5    C6     sing N N 112 
DG  C5    C4     doub Y N 113 
DG  C6    O6     doub N N 114 
DG  C6    N1     sing N N 115 
DG  N1    C2     sing N N 116 
DG  N1    H1     sing N N 117 
DG  C2    N2     sing N N 118 
DG  C2    N3     doub N N 119 
DG  N2    H21    sing N N 120 
DG  N2    H22    sing N N 121 
DG  N3    C4     sing N N 122 
DT  OP3   P      sing N N 123 
DT  OP3   HOP3   sing N N 124 
DT  P     OP1    doub N N 125 
DT  P     OP2    sing N N 126 
DT  P     "O5'"  sing N N 127 
DT  OP2   HOP2   sing N N 128 
DT  "O5'" "C5'"  sing N N 129 
DT  "C5'" "C4'"  sing N N 130 
DT  "C5'" "H5'"  sing N N 131 
DT  "C5'" "H5''" sing N N 132 
DT  "C4'" "O4'"  sing N N 133 
DT  "C4'" "C3'"  sing N N 134 
DT  "C4'" "H4'"  sing N N 135 
DT  "O4'" "C1'"  sing N N 136 
DT  "C3'" "O3'"  sing N N 137 
DT  "C3'" "C2'"  sing N N 138 
DT  "C3'" "H3'"  sing N N 139 
DT  "O3'" "HO3'" sing N N 140 
DT  "C2'" "C1'"  sing N N 141 
DT  "C2'" "H2'"  sing N N 142 
DT  "C2'" "H2''" sing N N 143 
DT  "C1'" N1     sing N N 144 
DT  "C1'" "H1'"  sing N N 145 
DT  N1    C2     sing N N 146 
DT  N1    C6     sing N N 147 
DT  C2    O2     doub N N 148 
DT  C2    N3     sing N N 149 
DT  N3    C4     sing N N 150 
DT  N3    H3     sing N N 151 
DT  C4    O4     doub N N 152 
DT  C4    C5     sing N N 153 
DT  C5    C7     sing N N 154 
DT  C5    C6     doub N N 155 
DT  C7    H71    sing N N 156 
DT  C7    H72    sing N N 157 
DT  C7    H73    sing N N 158 
DT  C6    H6     sing N N 159 
# 
loop_
_ndb_struct_conf_na.entry_id 
_ndb_struct_conf_na.feature 
7JKE 'double helix'        
7JKE 'a-form double helix' 
7JKE 'b-form double helix' 
# 
loop_
_ndb_struct_na_base_pair.model_number 
_ndb_struct_na_base_pair.i_label_asym_id 
_ndb_struct_na_base_pair.i_label_comp_id 
_ndb_struct_na_base_pair.i_label_seq_id 
_ndb_struct_na_base_pair.i_symmetry 
_ndb_struct_na_base_pair.j_label_asym_id 
_ndb_struct_na_base_pair.j_label_comp_id 
_ndb_struct_na_base_pair.j_label_seq_id 
_ndb_struct_na_base_pair.j_symmetry 
_ndb_struct_na_base_pair.shear 
_ndb_struct_na_base_pair.stretch 
_ndb_struct_na_base_pair.stagger 
_ndb_struct_na_base_pair.buckle 
_ndb_struct_na_base_pair.propeller 
_ndb_struct_na_base_pair.opening 
_ndb_struct_na_base_pair.pair_number 
_ndb_struct_na_base_pair.pair_name 
_ndb_struct_na_base_pair.i_auth_asym_id 
_ndb_struct_na_base_pair.i_auth_seq_id 
_ndb_struct_na_base_pair.i_PDB_ins_code 
_ndb_struct_na_base_pair.j_auth_asym_id 
_ndb_struct_na_base_pair.j_auth_seq_id 
_ndb_struct_na_base_pair.j_PDB_ins_code 
_ndb_struct_na_base_pair.hbond_type_28 
_ndb_struct_na_base_pair.hbond_type_12 
1 A DA 3  1_555 D DT 7 1_555 0.486  -0.050 0.930  4.982   -19.361 -1.690  1  A_DA3:DT16_D A 3  ? D 16 ? 20 1 
1 A DC 4  1_555 D DG 6 1_555 -1.575 0.026  0.716  -6.585  -16.136 -2.303  2  A_DC4:DG15_D A 4  ? D 15 ? 19 1 
1 A DG 5  1_555 D DC 5 1_555 0.410  0.038  -0.307 -11.262 -5.938  -11.715 3  A_DG5:DC14_D A 5  ? D 14 ? 19 1 
1 A DA 6  1_555 D DT 4 1_555 0.962  -0.172 -0.267 -4.975  -0.652  -16.344 4  A_DA6:DT13_D A 6  ? D 13 ? 20 1 
1 A DC 7  1_555 D DG 3 1_555 -0.747 -0.164 -0.008 6.383   -0.888  -11.658 5  A_DC7:DG12_D A 7  ? D 12 ? 19 1 
1 A DA 8  1_555 D DT 2 1_555 -0.284 0.888  0.068  5.108   -2.216  -13.860 6  A_DA8:DT11_D A 8  ? D 11 ? ?  ? 
1 A DC 9  1_555 D DG 1 1_555 -0.319 0.171  -0.177 11.191  -9.309  -11.538 7  A_DC9:DG10_D A 9  ? D 10 ? 19 1 
1 A DT 10 1_555 B DA 6 1_555 -1.168 0.034  0.220  -0.775  -11.583 -8.494  8  A_DT10:DA5_B A 10 ? B 5  ? 20 1 
1 A DG 11 1_555 B DC 5 1_555 0.256  -0.253 0.122  -4.060  -8.753  -0.655  9  A_DG11:DC4_B A 11 ? B 4  ? 19 1 
1 A DA 12 1_555 B DT 4 1_555 0.645  0.388  0.140  -7.974  -5.005  -10.903 10 A_DA12:DT3_B A 12 ? B 3  ? 20 1 
1 A DC 13 1_555 B DG 3 1_555 0.441  -0.018 0.341  -3.192  -2.639  -16.282 11 A_DC13:DG2_B A 13 ? B 2  ? 19 1 
1 A DG 14 1_555 B DC 2 1_555 0.131  -0.388 0.761  8.774   -1.819  -11.143 12 A_DG14:DC1_B A 14 ? B 1  ? 19 1 
1 A DA 15 1_555 B DT 1 1_555 1.019  -0.179 0.513  8.635   -8.232  -7.651  13 A_DA15:DT0_B A 15 ? B 0  ? 20 1 
1 A DG 16 1_555 C DC 8 1_555 -0.448 -0.263 1.107  22.365  -8.009  3.939   14 A_DG16:DC8_C A 16 ? C 8  ? 19 1 
1 A DG 17 1_555 C DC 7 1_555 0.606  -0.316 0.761  10.268  -23.754 -9.673  15 A_DG17:DC7_C A 17 ? C 7  ? 19 1 
1 A DA 18 1_555 C DT 6 1_555 0.174  -0.245 0.631  -9.805  -21.643 0.107   16 A_DA18:DT6_C A 18 ? C 6  ? 20 1 
1 A DC 19 1_555 C DG 5 1_555 0.240  -0.475 0.755  -18.925 -10.851 -3.876  17 A_DC19:DG5_C A 19 ? C 5  ? 19 1 
1 A DT 20 1_555 C DA 4 1_555 -1.068 0.362  -0.805 6.540   -13.067 0.332   18 A_DT20:DA4_C A 20 ? C 4  ? 20 1 
1 A DC 21 1_555 C DG 3 1_555 0.609  -0.583 -0.355 10.728  -14.458 3.287   19 A_DC21:DG3_C A 21 ? C 3  ? 19 1 
# 
loop_
_ndb_struct_na_base_pair_step.model_number 
_ndb_struct_na_base_pair_step.i_label_asym_id_1 
_ndb_struct_na_base_pair_step.i_label_comp_id_1 
_ndb_struct_na_base_pair_step.i_label_seq_id_1 
_ndb_struct_na_base_pair_step.i_symmetry_1 
_ndb_struct_na_base_pair_step.j_label_asym_id_1 
_ndb_struct_na_base_pair_step.j_label_comp_id_1 
_ndb_struct_na_base_pair_step.j_label_seq_id_1 
_ndb_struct_na_base_pair_step.j_symmetry_1 
_ndb_struct_na_base_pair_step.i_label_asym_id_2 
_ndb_struct_na_base_pair_step.i_label_comp_id_2 
_ndb_struct_na_base_pair_step.i_label_seq_id_2 
_ndb_struct_na_base_pair_step.i_symmetry_2 
_ndb_struct_na_base_pair_step.j_label_asym_id_2 
_ndb_struct_na_base_pair_step.j_label_comp_id_2 
_ndb_struct_na_base_pair_step.j_label_seq_id_2 
_ndb_struct_na_base_pair_step.j_symmetry_2 
_ndb_struct_na_base_pair_step.shift 
_ndb_struct_na_base_pair_step.slide 
_ndb_struct_na_base_pair_step.rise 
_ndb_struct_na_base_pair_step.tilt 
_ndb_struct_na_base_pair_step.roll 
_ndb_struct_na_base_pair_step.twist 
_ndb_struct_na_base_pair_step.x_displacement 
_ndb_struct_na_base_pair_step.y_displacement 
_ndb_struct_na_base_pair_step.helical_rise 
_ndb_struct_na_base_pair_step.inclination 
_ndb_struct_na_base_pair_step.tip 
_ndb_struct_na_base_pair_step.helical_twist 
_ndb_struct_na_base_pair_step.step_number 
_ndb_struct_na_base_pair_step.step_name 
_ndb_struct_na_base_pair_step.i_auth_asym_id_1 
_ndb_struct_na_base_pair_step.i_auth_seq_id_1 
_ndb_struct_na_base_pair_step.i_PDB_ins_code_1 
_ndb_struct_na_base_pair_step.j_auth_asym_id_1 
_ndb_struct_na_base_pair_step.j_auth_seq_id_1 
_ndb_struct_na_base_pair_step.j_PDB_ins_code_1 
_ndb_struct_na_base_pair_step.i_auth_asym_id_2 
_ndb_struct_na_base_pair_step.i_auth_seq_id_2 
_ndb_struct_na_base_pair_step.i_PDB_ins_code_2 
_ndb_struct_na_base_pair_step.j_auth_asym_id_2 
_ndb_struct_na_base_pair_step.j_auth_seq_id_2 
_ndb_struct_na_base_pair_step.j_PDB_ins_code_2 
1 A DA 3  1_555 D DT 7 1_555 A DC 4  1_555 D DG 6 1_555 -0.005 -1.298 3.305 -1.056 0.030  29.350 -2.566 -0.218 3.302 0.059  2.083 
29.369 1  AA_DA3DC4:DG15DT16_DD A 3  ? D 16 ? A 4  ? D 15 ? 
1 A DC 4  1_555 D DG 6 1_555 A DG 5  1_555 D DC 5 1_555 -0.771 -0.262 3.611 -0.001 2.300  38.352 -0.714 1.172  3.590 3.498  0.002 
38.418 2  AA_DC4DG5:DC14DG15_DD A 4  ? D 15 ? A 5  ? D 14 ? 
1 A DG 5  1_555 D DC 5 1_555 A DA 6  1_555 D DT 4 1_555 -0.658 0.030  3.125 -0.699 2.635  34.125 -0.346 1.012  3.131 4.481  1.189 
34.230 3  AA_DG5DA6:DT13DC14_DD A 5  ? D 14 ? A 6  ? D 13 ? 
1 A DA 6  1_555 D DT 4 1_555 A DC 7  1_555 D DG 3 1_555 0.580  -1.427 3.049 -2.088 2.340  27.202 -3.540 -1.694 2.867 4.954  4.421 
27.379 4  AA_DA6DC7:DG12DT13_DD A 6  ? D 13 ? A 7  ? D 12 ? 
1 A DC 7  1_555 D DG 3 1_555 A DA 8  1_555 D DT 2 1_555 -0.429 -0.403 3.190 -0.499 -3.584 38.700 -0.178 0.585  3.218 -5.394 0.751 
38.863 5  AA_DC7DA8:DT11DG12_DD A 7  ? D 12 ? A 8  ? D 11 ? 
1 A DA 8  1_555 D DT 2 1_555 A DC 9  1_555 D DG 1 1_555 0.604  -1.456 3.095 -1.034 0.856  35.204 -2.525 -1.141 3.041 1.414  1.709 
35.229 6  AA_DA8DC9:DG10DT11_DD A 8  ? D 11 ? A 9  ? D 10 ? 
1 A DC 9  1_555 D DG 1 1_555 A DT 10 1_555 B DA 6 1_555 -1.522 -2.278 3.572 -6.287 8.698  23.001 -7.784 1.592  2.846 20.444 14.778 
25.351 7  AA_DC9DT10:DA5DG10_BD A 9  ? D 10 ? A 10 ? B 5  ? 
1 A DT 10 1_555 B DA 6 1_555 A DG 11 1_555 B DC 5 1_555 0.075  -0.018 3.454 -0.302 2.883  29.828 -0.663 -0.210 3.436 5.584  0.586 
29.965 8  AA_DT10DG11:DC4DA5_BB A 10 ? B 5  ? A 11 ? B 4  ? 
1 A DG 11 1_555 B DC 5 1_555 A DA 12 1_555 B DT 4 1_555 -0.528 0.167  3.483 -2.305 0.778  39.889 0.149  0.490  3.509 1.139  3.375 
39.960 9  AA_DG11DA12:DT3DC4_BB A 11 ? B 4  ? A 12 ? B 3  ? 
1 A DA 12 1_555 B DT 4 1_555 A DC 13 1_555 B DG 3 1_555 -0.127 -1.080 3.108 -1.777 1.993  36.167 -1.999 -0.031 3.049 3.205  2.857 
36.263 10 AA_DA12DC13:DG2DT3_BB A 12 ? B 3  ? A 13 ? B 2  ? 
1 A DC 13 1_555 B DG 3 1_555 A DG 14 1_555 B DC 2 1_555 0.245  -0.703 2.961 -2.949 -3.384 32.630 -0.713 -0.891 2.984 -5.988 5.218 
32.929 11 AA_DC13DG14:DC1DG2_BB A 13 ? B 2  ? A 14 ? B 1  ? 
1 A DG 14 1_555 B DC 2 1_555 A DA 15 1_555 B DT 1 1_555 0.017  -0.468 3.296 -0.545 3.187  40.023 -1.046 -0.087 3.251 4.647  0.795 
40.148 12 AA_DG14DA15:DT0DC1_BB A 14 ? B 1  ? A 15 ? B 0  ? 
1 A DA 15 1_555 B DT 1 1_555 A DG 16 1_555 C DC 8 1_555 -0.179 -0.696 2.835 -5.267 -1.873 22.598 -1.158 -1.152 2.849 -4.688 13.184 
23.271 13 AA_DA15DG16:DC8DT0_CB A 15 ? B 0  ? A 16 ? C 8  ? 
1 A DG 16 1_555 C DC 8 1_555 A DG 17 1_555 C DC 7 1_555 -0.994 -0.181 3.694 -1.051 -0.780 40.826 -0.162 1.293  3.720 -1.118 1.506 
40.846 14 AA_DG16DG17:DC7DC8_CC A 16 ? C 8  ? A 17 ? C 7  ? 
1 A DG 17 1_555 C DC 7 1_555 A DA 18 1_555 C DT 6 1_555 0.300  -0.978 3.593 -0.756 -2.816 36.816 -1.123 -0.587 3.649 -4.450 1.195 
36.927 15 AA_DG17DA18:DT6DC7_CC A 17 ? C 7  ? A 18 ? C 6  ? 
1 A DA 18 1_555 C DT 6 1_555 A DC 19 1_555 C DG 5 1_555 -0.313 -0.848 3.559 -3.581 -2.387 35.167 -1.008 -0.065 3.620 -3.932 5.900 
35.421 16 AA_DA18DC19:DG5DT6_CC A 18 ? C 6  ? A 19 ? C 5  ? 
1 A DC 19 1_555 C DG 5 1_555 A DT 20 1_555 C DA 4 1_555 -0.653 -0.508 2.477 10.538 -1.362 29.140 -0.760 2.704  2.138 -2.600 
-20.120 30.977 17 AA_DC19DT20:DA4DG5_CC A 19 ? C 5  ? A 20 ? C 4  ? 
1 A DT 20 1_555 C DA 4 1_555 A DC 21 1_555 C DG 3 1_555 1.091  1.344  3.377 2.061  2.117  42.546 1.625  -1.283 3.483 2.913  -2.836 
42.644 18 AA_DT20DC21:DG3DA4_CC A 20 ? C 4  ? A 21 ? C 3  ? 
# 
loop_
_pdbx_audit_support.funding_organization 
_pdbx_audit_support.country 
_pdbx_audit_support.grant_number 
_pdbx_audit_support.ordinal 
'National Science Foundation (NSF, United States)'                                         'United States' 1360635     1 
'National Institutes of Health/National Institute of General Medical Sciences (NIH/NIGMS)' 'United States' R01GM104960 2 
'National Science Foundation (NSF, United States)'                                         'United States' NSF2004250  3 
# 
loop_
_pdbx_entity_nonpoly.entity_id 
_pdbx_entity_nonpoly.name 
_pdbx_entity_nonpoly.comp_id 
5 'CACODYLATE ION' CAC 
6 'MAGNESIUM ION'  MG  
# 
_pdbx_initial_refinement_model.id               1 
_pdbx_initial_refinement_model.entity_id_list   ? 
_pdbx_initial_refinement_model.type             'experimental model' 
_pdbx_initial_refinement_model.source_name      PDB 
_pdbx_initial_refinement_model.accession_code   5VY6 
_pdbx_initial_refinement_model.details          ? 
# 
_pdbx_struct_assembly_auth_evidence.id                     1 
_pdbx_struct_assembly_auth_evidence.assembly_id            1 
_pdbx_struct_assembly_auth_evidence.experimental_support   none 
_pdbx_struct_assembly_auth_evidence.details                ? 
# 
